data_5BRX
#
_entry.id   5BRX
#
_cell.length_a   98.297
_cell.length_b   98.297
_cell.length_c   270.242
_cell.angle_alpha   90.000
_cell.angle_beta   90.000
_cell.angle_gamma   90.000
#
_symmetry.space_group_name_H-M   'P 41'
#
loop_
_entity.id
_entity.type
_entity.pdbx_description
1 polymer 'Soluble acetylcholine receptor'
2 non-polymer 'SULFATE ION'
3 non-polymer (2R,3S,5R,7S)-2-(pyridin-3-yl)-1-azatricyclo[3.3.1.1~3,7~]decane
4 non-polymer 'TETRAETHYLENE GLYCOL'
5 water water
#
_entity_poly.entity_id   1
_entity_poly.type   'polypeptide(L)'
_entity_poly.pdbx_seq_one_letter_code
;DYKDDDDKLHSQANLMRLKSDLFNRSPMYPGPTKDDPLTVTLGFTLQDIVKADSSTNEVDLVYWEQQRWKLNSLMWDPNE
YGNITDFRTSAADIWTPDITAYSSTRPVQVLSPQIAVVTHDGSVMFIPAQRLSFMCDPTGVDSEEGATCAVKFGSWVYSG
FEIDLKTDTDQVDLSSYYASSKYEILSATQTRQVQHYSCCPEPYIDVNLVVKFRERRAGNGFFRNLFDSR
;
_entity_poly.pdbx_strand_id   A,B,C,D,E,F,G,H,I,J
#
# COMPACT_ATOMS: atom_id res chain seq x y z
N ASP A 6 -3.12 33.04 5.59
CA ASP A 6 -2.01 32.62 4.73
C ASP A 6 -0.67 32.60 5.48
N ASP A 7 -0.45 33.60 6.33
CA ASP A 7 0.75 33.65 7.18
C ASP A 7 0.84 32.42 8.08
N LYS A 8 -0.27 32.11 8.76
CA LYS A 8 -0.33 30.98 9.66
C LYS A 8 -0.02 29.71 8.88
N LEU A 9 -0.56 29.61 7.68
CA LEU A 9 -0.34 28.44 6.83
C LEU A 9 1.11 28.37 6.40
N HIS A 10 1.74 29.53 6.27
CA HIS A 10 3.15 29.63 5.93
C HIS A 10 3.99 29.08 7.08
N SER A 11 3.74 29.58 8.27
CA SER A 11 4.37 29.05 9.47
C SER A 11 4.15 27.53 9.58
N GLN A 12 2.91 27.08 9.40
CA GLN A 12 2.61 25.67 9.54
C GLN A 12 3.31 24.85 8.46
N ALA A 13 3.32 25.38 7.23
CA ALA A 13 3.98 24.69 6.14
C ALA A 13 5.48 24.58 6.35
N ASN A 14 6.09 25.60 6.92
CA ASN A 14 7.52 25.52 7.23
C ASN A 14 7.79 24.38 8.24
N LEU A 15 6.96 24.30 9.27
CA LEU A 15 7.09 23.24 10.27
C LEU A 15 6.92 21.85 9.66
N MET A 16 5.89 21.66 8.84
CA MET A 16 5.68 20.35 8.21
C MET A 16 6.80 20.03 7.25
N ARG A 17 7.31 21.04 6.54
CA ARG A 17 8.44 20.81 5.65
C ARG A 17 9.65 20.35 6.43
N LEU A 18 9.88 20.96 7.59
CA LEU A 18 11.02 20.57 8.42
C LEU A 18 10.90 19.13 8.87
N LYS A 19 9.78 18.77 9.48
CA LYS A 19 9.56 17.42 9.96
C LYS A 19 9.60 16.42 8.80
N SER A 20 9.02 16.79 7.67
CA SER A 20 9.10 15.94 6.48
C SER A 20 10.56 15.69 6.06
N ASP A 21 11.36 16.74 6.00
CA ASP A 21 12.76 16.61 5.61
C ASP A 21 13.55 15.75 6.59
N LEU A 22 13.30 15.93 7.89
CA LEU A 22 14.03 15.15 8.89
C LEU A 22 13.54 13.71 8.92
N PHE A 23 12.23 13.53 8.76
CA PHE A 23 11.64 12.20 8.90
C PHE A 23 11.98 11.28 7.72
N ASN A 24 12.37 11.85 6.59
CA ASN A 24 12.69 11.07 5.40
C ASN A 24 14.16 11.02 5.07
N ARG A 25 15.01 11.41 6.02
CA ARG A 25 16.45 11.30 5.85
C ARG A 25 16.87 9.85 5.62
N SER A 26 17.92 9.64 4.83
CA SER A 26 18.44 8.30 4.54
C SER A 26 19.77 8.07 5.23
N TYR A 29 18.15 6.91 11.27
CA TYR A 29 19.00 6.72 12.44
C TYR A 29 18.64 5.43 13.14
N PRO A 30 19.50 4.42 13.02
CA PRO A 30 19.27 3.08 13.53
C PRO A 30 19.60 2.92 15.00
N GLY A 31 19.83 4.02 15.70
CA GLY A 31 20.35 3.92 17.05
C GLY A 31 21.87 3.96 17.04
N PRO A 32 22.48 4.08 18.22
CA PRO A 32 23.93 4.22 18.35
C PRO A 32 24.64 2.90 18.10
N THR A 33 25.90 3.01 17.69
CA THR A 33 26.75 1.84 17.51
C THR A 33 28.14 2.20 17.99
N LYS A 34 29.02 1.21 18.02
CA LYS A 34 30.37 1.43 18.49
C LYS A 34 31.06 2.50 17.61
N ASP A 35 30.74 2.54 16.33
CA ASP A 35 31.33 3.52 15.43
C ASP A 35 30.65 4.88 15.52
N ASP A 36 29.45 4.90 16.08
CA ASP A 36 28.65 6.11 16.18
C ASP A 36 28.00 6.15 17.55
N PRO A 37 28.82 6.30 18.61
CA PRO A 37 28.35 6.20 19.99
C PRO A 37 27.64 7.46 20.41
N LEU A 38 26.88 7.37 21.49
CA LEU A 38 26.02 8.45 21.92
C LEU A 38 26.19 8.67 23.42
N THR A 39 26.17 9.93 23.83
CA THR A 39 26.21 10.26 25.25
C THR A 39 24.86 10.81 25.67
N VAL A 40 24.25 10.19 26.67
CA VAL A 40 22.98 10.66 27.20
C VAL A 40 23.19 11.35 28.53
N THR A 41 22.72 12.59 28.64
CA THR A 41 22.75 13.29 29.92
C THR A 41 21.48 12.94 30.69
N LEU A 42 21.65 12.51 31.92
CA LEU A 42 20.56 12.04 32.75
C LEU A 42 20.49 12.90 34.00
N GLY A 43 19.30 13.35 34.36
CA GLY A 43 19.12 14.10 35.60
C GLY A 43 17.79 13.76 36.27
N PHE A 44 17.81 13.63 37.59
CA PHE A 44 16.58 13.36 38.35
C PHE A 44 16.15 14.55 39.21
N THR A 45 14.84 14.76 39.24
CA THR A 45 14.22 15.74 40.11
C THR A 45 13.15 14.97 40.87
N LEU A 46 13.27 14.93 42.19
CA LEU A 46 12.37 14.14 43.02
C LEU A 46 11.13 14.93 43.40
N GLN A 47 9.95 14.31 43.26
CA GLN A 47 8.73 14.99 43.66
C GLN A 47 8.14 14.42 44.95
N ASP A 48 8.20 13.11 45.17
CA ASP A 48 7.53 12.56 46.34
C ASP A 48 7.93 11.13 46.62
N ILE A 49 8.28 10.83 47.86
CA ILE A 49 8.27 9.45 48.31
C ILE A 49 6.85 9.20 48.83
N VAL A 50 6.07 8.45 48.06
CA VAL A 50 4.65 8.26 48.36
C VAL A 50 4.46 7.26 49.48
N LYS A 51 5.22 6.18 49.45
CA LYS A 51 4.92 4.99 50.24
C LYS A 51 6.19 4.19 50.49
N ALA A 52 6.42 3.77 51.73
CA ALA A 52 7.54 2.89 52.05
C ALA A 52 7.02 1.65 52.75
N ASP A 53 7.14 0.50 52.09
CA ASP A 53 6.55 -0.75 52.54
C ASP A 53 7.58 -1.65 53.20
N SER A 54 7.54 -1.79 54.53
CA SER A 54 8.55 -2.58 55.21
C SER A 54 8.18 -4.06 55.29
N SER A 55 7.00 -4.41 54.81
CA SER A 55 6.63 -5.81 54.73
C SER A 55 7.26 -6.47 53.50
N THR A 56 7.54 -5.68 52.47
CA THR A 56 8.12 -6.20 51.24
C THR A 56 9.44 -5.52 50.87
N ASN A 57 9.82 -4.50 51.64
CA ASN A 57 10.97 -3.65 51.32
C ASN A 57 10.89 -3.12 49.88
N GLU A 58 9.79 -2.42 49.63
CA GLU A 58 9.57 -1.69 48.40
C GLU A 58 9.24 -0.26 48.78
N VAL A 59 9.79 0.69 48.03
CA VAL A 59 9.44 2.10 48.22
C VAL A 59 8.98 2.68 46.88
N ASP A 60 8.01 3.58 46.95
CA ASP A 60 7.42 4.17 45.76
C ASP A 60 7.85 5.64 45.67
N LEU A 61 8.42 5.97 44.53
CA LEU A 61 8.95 7.29 44.27
C LEU A 61 8.30 7.91 43.04
N VAL A 62 7.92 9.18 43.14
CA VAL A 62 7.52 9.95 41.98
C VAL A 62 8.63 10.96 41.66
N TYR A 63 9.05 11.01 40.40
CA TYR A 63 10.14 11.88 39.98
C TYR A 63 10.00 12.25 38.50
N TRP A 64 10.76 13.27 38.11
CA TRP A 64 10.97 13.62 36.71
C TRP A 64 12.34 13.12 36.28
N GLU A 65 12.39 12.46 35.13
CA GLU A 65 13.64 11.93 34.64
C GLU A 65 13.99 12.71 33.38
N GLN A 66 15.00 13.57 33.49
CA GLN A 66 15.39 14.37 32.34
C GLN A 66 16.45 13.67 31.53
N GLN A 67 16.15 13.45 30.26
CA GLN A 67 17.04 12.78 29.34
C GLN A 67 17.37 13.70 28.19
N ARG A 68 18.65 13.85 27.88
CA ARG A 68 19.04 14.69 26.75
C ARG A 68 20.13 14.01 25.92
N TRP A 69 19.98 14.08 24.60
CA TRP A 69 21.01 13.60 23.70
C TRP A 69 21.05 14.45 22.44
N LYS A 70 22.03 14.21 21.60
CA LYS A 70 22.24 15.06 20.44
C LYS A 70 22.61 14.21 19.24
N LEU A 71 21.89 14.41 18.14
CA LEU A 71 22.10 13.67 16.90
C LEU A 71 22.35 14.60 15.74
N ASN A 72 23.41 14.35 15.00
CA ASN A 72 23.67 15.05 13.73
C ASN A 72 22.45 15.03 12.83
N SER A 73 21.79 13.88 12.77
CA SER A 73 20.67 13.67 11.85
C SER A 73 19.45 14.52 12.19
N LEU A 74 19.45 15.19 13.34
CA LEU A 74 18.30 16.00 13.73
C LEU A 74 18.62 17.49 13.68
N MET A 75 19.79 17.84 13.15
CA MET A 75 20.20 19.25 13.01
C MET A 75 19.61 19.90 11.77
N TRP A 76 19.35 21.20 11.87
CA TRP A 76 18.97 21.99 10.72
C TRP A 76 19.35 23.43 10.91
N ASP A 77 19.36 24.16 9.81
CA ASP A 77 19.65 25.59 9.82
C ASP A 77 18.33 26.34 9.92
N PRO A 78 18.09 27.04 11.03
CA PRO A 78 16.80 27.75 11.15
C PRO A 78 16.52 28.68 9.96
N ASN A 79 17.54 29.31 9.39
CA ASN A 79 17.36 30.16 8.19
C ASN A 79 16.68 29.45 7.03
N GLU A 80 16.96 28.15 6.87
CA GLU A 80 16.39 27.37 5.77
C GLU A 80 14.95 26.96 6.04
N TYR A 81 14.47 27.21 7.25
CA TYR A 81 13.16 26.68 7.65
C TYR A 81 12.35 27.70 8.43
N GLY A 82 12.29 28.92 7.92
CA GLY A 82 11.47 29.96 8.52
C GLY A 82 11.88 30.35 9.92
N ASN A 83 13.16 30.19 10.24
CA ASN A 83 13.66 30.52 11.58
C ASN A 83 13.10 29.63 12.68
N ILE A 84 12.51 28.50 12.32
CA ILE A 84 12.06 27.53 13.32
C ILE A 84 13.27 27.04 14.11
N THR A 85 13.19 27.08 15.43
CA THR A 85 14.32 26.67 16.27
C THR A 85 14.10 25.33 16.98
N ASP A 86 12.86 24.86 17.01
CA ASP A 86 12.51 23.64 17.74
C ASP A 86 11.14 23.09 17.33
N PHE A 87 10.86 21.86 17.71
CA PHE A 87 9.54 21.30 17.46
C PHE A 87 9.30 20.12 18.41
N ARG A 88 8.05 19.69 18.45
CA ARG A 88 7.59 18.61 19.31
C ARG A 88 7.34 17.35 18.49
N THR A 89 7.60 16.20 19.08
CA THR A 89 7.24 14.95 18.43
C THR A 89 6.94 13.91 19.49
N SER A 90 6.03 13.00 19.17
CA SER A 90 5.75 11.88 20.05
C SER A 90 7.05 11.12 20.25
N ALA A 91 7.32 10.75 21.50
CA ALA A 91 8.50 9.93 21.77
C ALA A 91 8.48 8.63 20.96
N ALA A 92 7.28 8.17 20.59
CA ALA A 92 7.17 6.91 19.83
C ALA A 92 7.59 7.08 18.37
N ASP A 93 7.79 8.32 17.94
CA ASP A 93 8.08 8.57 16.54
C ASP A 93 9.57 8.77 16.28
N ILE A 94 10.39 8.81 17.32
CA ILE A 94 11.83 8.92 17.14
C ILE A 94 12.55 7.90 17.99
N TRP A 95 13.83 7.66 17.69
CA TRP A 95 14.63 6.80 18.55
C TRP A 95 14.80 7.48 19.90
N THR A 96 14.60 6.72 20.99
CA THR A 96 14.90 7.23 22.31
C THR A 96 15.72 6.19 23.09
N PRO A 97 16.55 6.65 24.04
CA PRO A 97 17.40 5.71 24.78
C PRO A 97 16.56 4.84 25.72
N ASP A 98 16.96 3.59 25.88
CA ASP A 98 16.17 2.61 26.65
C ASP A 98 16.56 2.63 28.12
N ILE A 99 16.51 3.83 28.71
CA ILE A 99 16.93 4.03 30.09
C ILE A 99 16.02 3.32 31.07
N THR A 100 16.62 2.47 31.89
CA THR A 100 15.85 1.55 32.72
C THR A 100 16.38 1.51 34.13
N ALA A 101 15.46 1.49 35.10
CA ALA A 101 15.83 1.27 36.49
C ALA A 101 16.20 -0.19 36.68
N TYR A 102 17.31 -0.45 37.32
CA TYR A 102 17.82 -1.81 37.43
C TYR A 102 17.06 -2.66 38.45
N SER A 103 16.47 -2.02 39.45
CA SER A 103 15.89 -2.76 40.58
C SER A 103 14.44 -2.36 40.87
N SER A 104 13.66 -2.07 39.82
CA SER A 104 12.25 -1.86 39.98
C SER A 104 11.59 -3.17 40.39
N THR A 105 10.43 -3.08 41.03
CA THR A 105 9.71 -4.29 41.38
C THR A 105 8.34 -4.34 40.70
N ARG A 106 7.99 -3.29 39.98
CA ARG A 106 6.76 -3.24 39.20
C ARG A 106 7.07 -2.45 37.95
N PRO A 107 6.32 -2.65 36.86
CA PRO A 107 6.54 -1.78 35.69
C PRO A 107 6.43 -0.29 36.09
N VAL A 108 7.36 0.54 35.64
CA VAL A 108 7.26 1.96 35.91
C VAL A 108 5.95 2.49 35.37
N GLN A 109 5.33 3.42 36.09
CA GLN A 109 4.10 4.04 35.62
C GLN A 109 4.40 5.45 35.11
N VAL A 110 3.96 5.78 33.90
CA VAL A 110 4.23 7.09 33.30
C VAL A 110 3.12 8.08 33.68
N LEU A 111 3.48 9.23 34.22
CA LEU A 111 2.47 10.16 34.72
C LEU A 111 2.26 11.36 33.80
N SER A 112 2.95 11.36 32.67
CA SER A 112 2.96 12.50 31.76
C SER A 112 2.94 12.04 30.32
N PRO A 113 2.63 12.96 29.38
CA PRO A 113 2.74 12.65 27.95
C PRO A 113 4.16 12.23 27.60
N GLN A 114 4.29 11.44 26.55
CA GLN A 114 5.57 11.01 26.04
C GLN A 114 5.91 11.84 24.83
N ILE A 115 6.46 13.02 25.04
CA ILE A 115 6.68 13.93 23.93
C ILE A 115 8.08 14.49 24.05
N ALA A 116 8.81 14.45 22.95
CA ALA A 116 10.16 14.96 22.93
C ALA A 116 10.23 16.33 22.28
N VAL A 117 11.17 17.14 22.73
CA VAL A 117 11.43 18.43 22.13
C VAL A 117 12.76 18.35 21.40
N VAL A 118 12.71 18.61 20.09
CA VAL A 118 13.90 18.58 19.26
C VAL A 118 14.32 20.01 18.90
N THR A 119 15.59 20.32 19.11
CA THR A 119 16.11 21.65 18.81
C THR A 119 17.04 21.63 17.59
N HIS A 120 17.15 22.77 16.92
CA HIS A 120 17.85 22.85 15.65
C HIS A 120 19.32 22.41 15.70
N ASP A 121 19.93 22.48 16.88
CA ASP A 121 21.31 22.00 17.01
C ASP A 121 21.36 20.46 17.06
N GLY A 122 20.20 19.83 16.95
CA GLY A 122 20.12 18.39 16.93
C GLY A 122 19.91 17.75 18.29
N SER A 123 19.79 18.57 19.33
CA SER A 123 19.62 18.03 20.67
C SER A 123 18.16 17.67 20.92
N VAL A 124 17.97 16.62 21.73
CA VAL A 124 16.65 16.12 22.05
C VAL A 124 16.49 16.11 23.56
N MET A 125 15.37 16.64 24.03
CA MET A 125 15.06 16.69 25.45
C MET A 125 13.75 15.95 25.68
N PHE A 126 13.77 14.96 26.57
CA PHE A 126 12.60 14.12 26.87
C PHE A 126 12.54 13.97 28.39
N ILE A 127 11.44 14.43 28.98
CA ILE A 127 11.35 14.47 30.44
C ILE A 127 10.05 13.88 30.93
N PRO A 128 9.99 12.56 31.02
CA PRO A 128 8.81 11.89 31.59
C PRO A 128 8.72 12.05 33.11
N ALA A 129 7.50 12.19 33.62
CA ALA A 129 7.24 12.00 35.05
C ALA A 129 6.85 10.54 35.27
N GLN A 130 7.45 9.90 36.26
CA GLN A 130 7.22 8.48 36.53
C GLN A 130 6.98 8.19 38.00
N ARG A 131 6.22 7.13 38.26
CA ARG A 131 6.16 6.54 39.59
C ARG A 131 6.80 5.17 39.54
N LEU A 132 7.75 4.95 40.45
CA LEU A 132 8.59 3.76 40.42
C LEU A 132 8.60 3.09 41.77
N SER A 133 8.27 1.79 41.79
CA SER A 133 8.47 0.93 42.95
C SER A 133 9.81 0.26 42.81
N PHE A 134 10.69 0.42 43.78
CA PHE A 134 11.98 -0.23 43.71
C PHE A 134 12.40 -0.84 45.04
N MET A 135 13.46 -1.65 44.99
CA MET A 135 13.94 -2.38 46.17
C MET A 135 14.59 -1.46 47.18
N CYS A 136 14.02 -1.41 48.37
CA CYS A 136 14.44 -0.46 49.37
C CYS A 136 13.95 -0.88 50.75
N ASP A 137 14.90 -0.96 51.68
CA ASP A 137 14.63 -1.33 53.07
C ASP A 137 14.44 -0.05 53.89
N PRO A 138 13.21 0.23 54.31
CA PRO A 138 13.03 1.51 55.01
C PRO A 138 13.36 1.48 56.50
N THR A 139 14.05 0.44 56.98
CA THR A 139 14.43 0.40 58.39
C THR A 139 15.27 1.62 58.77
N GLY A 140 14.84 2.33 59.80
CA GLY A 140 15.52 3.53 60.25
C GLY A 140 14.77 4.80 59.88
N VAL A 141 13.70 4.67 59.10
CA VAL A 141 13.00 5.83 58.60
C VAL A 141 12.27 6.59 59.72
N ASP A 142 11.97 5.88 60.81
CA ASP A 142 11.34 6.50 61.96
C ASP A 142 12.39 6.92 62.99
N SER A 143 13.58 7.25 62.51
CA SER A 143 14.65 7.74 63.39
C SER A 143 15.27 9.00 62.79
N GLU A 144 16.09 9.67 63.57
CA GLU A 144 16.68 10.92 63.12
C GLU A 144 17.61 10.71 61.93
N GLU A 145 18.31 9.58 61.90
CA GLU A 145 19.28 9.30 60.85
C GLU A 145 18.61 8.80 59.57
N GLY A 146 17.35 8.40 59.67
CA GLY A 146 16.58 7.97 58.51
C GLY A 146 17.09 6.69 57.88
N ALA A 147 16.59 6.39 56.69
CA ALA A 147 16.99 5.23 55.91
C ALA A 147 17.62 5.66 54.58
N THR A 148 18.53 4.85 54.06
CA THR A 148 19.17 5.13 52.79
C THR A 148 18.90 4.05 51.75
N CYS A 149 18.49 4.48 50.56
CA CYS A 149 18.28 3.53 49.48
C CYS A 149 18.89 3.99 48.18
N ALA A 150 19.03 3.07 47.24
CA ALA A 150 19.65 3.41 45.97
C ALA A 150 19.04 2.62 44.83
N VAL A 151 19.03 3.22 43.64
CA VAL A 151 18.60 2.53 42.44
C VAL A 151 19.42 3.02 41.25
N LYS A 152 19.90 2.09 40.45
CA LYS A 152 20.70 2.40 39.28
C LYS A 152 19.80 2.56 38.07
N PHE A 153 20.04 3.58 37.26
CA PHE A 153 19.37 3.74 35.98
C PHE A 153 20.39 3.65 34.84
N GLY A 154 20.06 2.93 33.78
CA GLY A 154 20.95 2.89 32.62
C GLY A 154 20.30 2.22 31.42
N SER A 155 20.95 2.29 30.27
CA SER A 155 20.48 1.54 29.11
C SER A 155 20.38 0.06 29.45
N TRP A 156 19.28 -0.57 29.08
CA TRP A 156 19.17 -1.98 29.38
C TRP A 156 20.08 -2.80 28.47
N VAL A 157 20.18 -2.41 27.19
CA VAL A 157 20.85 -3.27 26.20
C VAL A 157 22.05 -2.66 25.49
N TYR A 158 22.30 -1.35 25.62
CA TYR A 158 23.50 -0.77 25.02
C TYR A 158 24.65 -0.66 26.01
N SER A 159 25.81 -1.19 25.66
CA SER A 159 26.97 -1.07 26.53
C SER A 159 27.57 0.33 26.47
N GLY A 160 28.53 0.59 27.33
CA GLY A 160 29.25 1.85 27.33
C GLY A 160 29.93 2.21 26.02
N PHE A 161 30.11 1.24 25.13
CA PHE A 161 30.67 1.53 23.81
C PHE A 161 29.65 2.10 22.83
N GLU A 162 28.37 2.04 23.18
CA GLU A 162 27.33 2.61 22.34
C GLU A 162 26.60 3.77 23.01
N ILE A 163 26.24 3.58 24.27
CA ILE A 163 25.63 4.64 25.06
C ILE A 163 26.47 4.90 26.32
N ASP A 164 27.03 6.09 26.40
CA ASP A 164 27.65 6.56 27.63
C ASP A 164 26.65 7.46 28.33
N LEU A 165 26.80 7.64 29.63
CA LEU A 165 25.93 8.52 30.39
C LEU A 165 26.75 9.58 31.10
N LYS A 166 26.16 10.75 31.32
CA LYS A 166 26.76 11.80 32.14
C LYS A 166 25.67 12.53 32.89
N THR A 167 26.07 13.21 33.95
CA THR A 167 25.16 14.09 34.66
C THR A 167 25.67 15.52 34.56
N ASP A 168 24.78 16.48 34.73
CA ASP A 168 25.18 17.89 34.79
C ASP A 168 25.46 18.28 36.24
N THR A 169 24.98 17.47 37.17
CA THR A 169 25.25 17.70 38.58
C THR A 169 25.08 16.40 39.36
N ASP A 170 25.82 16.29 40.45
CA ASP A 170 25.74 15.15 41.35
C ASP A 170 24.61 15.33 42.35
N GLN A 171 24.07 16.54 42.41
CA GLN A 171 23.05 16.80 43.42
C GLN A 171 21.67 16.77 42.79
N VAL A 172 20.81 15.92 43.34
CA VAL A 172 19.42 15.82 42.87
C VAL A 172 18.62 17.05 43.31
N ASP A 173 17.94 17.69 42.37
CA ASP A 173 17.12 18.87 42.70
C ASP A 173 15.94 18.50 43.59
N LEU A 174 15.87 19.11 44.78
CA LEU A 174 14.74 18.88 45.67
C LEU A 174 13.77 20.04 45.80
N SER A 175 13.88 21.07 44.97
CA SER A 175 13.09 22.27 45.25
C SER A 175 11.64 22.11 44.80
N SER A 176 11.34 21.06 44.02
CA SER A 176 9.97 20.75 43.66
C SER A 176 9.44 19.55 44.44
N TYR A 177 10.13 19.18 45.52
CA TYR A 177 9.70 18.03 46.31
C TYR A 177 8.49 18.41 47.12
N TYR A 178 7.51 17.50 47.17
CA TYR A 178 6.24 17.76 47.84
C TYR A 178 6.43 18.14 49.32
N ALA A 179 6.05 19.36 49.67
CA ALA A 179 6.31 19.90 51.01
C ALA A 179 5.56 19.15 52.12
N SER A 180 4.46 18.47 51.79
CA SER A 180 3.72 17.75 52.82
C SER A 180 3.71 16.24 52.62
N SER A 181 4.79 15.72 52.03
CA SER A 181 5.02 14.28 51.93
C SER A 181 5.11 13.66 53.32
N LYS A 182 4.78 12.37 53.43
CA LYS A 182 4.97 11.66 54.69
C LYS A 182 6.46 11.53 54.99
N TYR A 183 7.30 11.73 53.98
CA TYR A 183 8.74 11.56 54.14
C TYR A 183 9.51 12.80 53.69
N GLU A 184 10.51 13.19 54.48
CA GLU A 184 11.41 14.26 54.08
C GLU A 184 12.73 13.69 53.57
N ILE A 185 13.33 14.41 52.64
CA ILE A 185 14.58 14.00 52.02
C ILE A 185 15.75 14.59 52.78
N LEU A 186 16.69 13.75 53.20
CA LEU A 186 17.85 14.26 53.93
C LEU A 186 19.00 14.50 52.96
N SER A 187 19.09 13.66 51.94
CA SER A 187 20.05 13.87 50.87
C SER A 187 19.66 13.06 49.66
N ALA A 188 20.10 13.52 48.49
CA ALA A 188 19.78 12.86 47.24
C ALA A 188 20.84 13.21 46.22
N THR A 189 21.53 12.17 45.72
CA THR A 189 22.62 12.37 44.79
C THR A 189 22.46 11.42 43.62
N GLN A 190 23.14 11.75 42.52
CA GLN A 190 23.09 10.98 41.29
C GLN A 190 24.51 10.90 40.77
N THR A 191 25.01 9.68 40.57
CA THR A 191 26.43 9.47 40.27
C THR A 191 26.64 8.44 39.17
N ARG A 192 27.46 8.78 38.18
CA ARG A 192 27.78 7.87 37.08
C ARG A 192 28.59 6.70 37.61
N GLN A 193 28.24 5.49 37.21
CA GLN A 193 29.02 4.30 37.55
C GLN A 193 29.24 3.44 36.33
N VAL A 194 30.31 2.66 36.35
CA VAL A 194 30.65 1.74 35.27
C VAL A 194 30.66 0.33 35.88
N GLN A 195 29.91 -0.58 35.28
CA GLN A 195 29.77 -1.92 35.83
C GLN A 195 29.99 -2.99 34.78
N HIS A 196 30.49 -4.14 35.20
CA HIS A 196 30.65 -5.29 34.32
C HIS A 196 29.83 -6.48 34.84
N TYR A 197 29.23 -7.21 33.92
CA TYR A 197 28.40 -8.37 34.28
C TYR A 197 28.87 -9.59 33.52
N SER A 198 28.67 -10.76 34.12
CA SER A 198 29.19 -12.01 33.56
C SER A 198 28.67 -12.26 32.14
N CYS A 199 27.43 -11.88 31.88
CA CYS A 199 26.81 -12.09 30.57
C CYS A 199 27.56 -11.48 29.38
N CYS A 200 28.27 -10.38 29.62
CA CYS A 200 28.75 -9.55 28.51
C CYS A 200 30.13 -8.96 28.79
N PRO A 201 31.01 -8.95 27.77
CA PRO A 201 32.39 -8.47 27.92
C PRO A 201 32.50 -6.94 28.05
N GLU A 202 31.55 -6.21 27.47
CA GLU A 202 31.58 -4.76 27.52
C GLU A 202 31.05 -4.19 28.84
N PRO A 203 31.61 -3.05 29.29
CA PRO A 203 31.10 -2.34 30.46
C PRO A 203 29.74 -1.72 30.18
N TYR A 204 28.89 -1.61 31.19
CA TYR A 204 27.62 -0.91 31.05
C TYR A 204 27.59 0.30 31.97
N ILE A 205 26.97 1.39 31.53
CA ILE A 205 26.99 2.60 32.34
C ILE A 205 25.63 2.80 33.00
N ASP A 206 25.65 3.26 34.24
CA ASP A 206 24.42 3.65 34.92
C ASP A 206 24.65 4.93 35.70
N VAL A 207 23.56 5.57 36.11
CA VAL A 207 23.57 6.66 37.07
C VAL A 207 22.89 6.16 38.34
N ASN A 208 23.60 6.18 39.45
CA ASN A 208 23.09 5.67 40.71
C ASN A 208 22.41 6.78 41.51
N LEU A 209 21.11 6.62 41.72
CA LEU A 209 20.32 7.52 42.54
C LEU A 209 20.32 7.04 43.98
N VAL A 210 20.90 7.84 44.87
CA VAL A 210 20.97 7.52 46.29
C VAL A 210 20.18 8.51 47.11
N VAL A 211 19.15 8.01 47.80
CA VAL A 211 18.28 8.87 48.56
C VAL A 211 18.27 8.49 50.04
N LYS A 212 18.54 9.49 50.89
CA LYS A 212 18.40 9.34 52.34
C LYS A 212 17.15 10.09 52.79
N PHE A 213 16.26 9.40 53.52
CA PHE A 213 14.97 9.96 53.86
C PHE A 213 14.45 9.47 55.22
N ARG A 214 13.47 10.18 55.79
CA ARG A 214 12.87 9.78 57.05
C ARG A 214 11.44 10.33 57.19
N GLU A 215 10.66 9.78 58.11
CA GLU A 215 9.29 10.25 58.31
C GLU A 215 9.31 11.71 58.74
N ARG A 216 8.42 12.51 58.16
CA ARG A 216 8.43 13.96 58.37
C ARG A 216 8.32 14.34 59.85
N TYR B 2 -38.03 4.88 -0.21
CA TYR B 2 -36.85 4.95 -1.07
C TYR B 2 -36.28 6.35 -1.10
N LYS B 3 -37.16 7.35 -1.13
CA LYS B 3 -36.75 8.75 -1.02
C LYS B 3 -36.14 9.04 0.34
N ASP B 4 -36.73 8.44 1.38
CA ASP B 4 -36.22 8.60 2.74
C ASP B 4 -34.83 7.97 2.86
N ASP B 5 -34.62 6.82 2.20
CA ASP B 5 -33.31 6.17 2.18
C ASP B 5 -32.29 7.02 1.44
N ASP B 6 -32.72 7.64 0.34
CA ASP B 6 -31.80 8.44 -0.45
C ASP B 6 -31.37 9.68 0.34
N ASP B 7 -32.28 10.22 1.14
CA ASP B 7 -32.01 11.41 1.94
C ASP B 7 -31.00 11.12 3.05
N LYS B 8 -31.10 9.96 3.68
CA LYS B 8 -30.14 9.57 4.71
C LYS B 8 -28.74 9.43 4.10
N LEU B 9 -28.66 8.73 2.97
CA LEU B 9 -27.39 8.57 2.26
C LEU B 9 -26.81 9.93 1.88
N HIS B 10 -27.69 10.85 1.50
CA HIS B 10 -27.29 12.20 1.15
C HIS B 10 -26.63 12.88 2.35
N SER B 11 -27.29 12.85 3.51
CA SER B 11 -26.71 13.47 4.69
C SER B 11 -25.41 12.78 5.10
N GLN B 12 -25.40 11.45 5.01
CA GLN B 12 -24.22 10.68 5.37
C GLN B 12 -23.04 11.03 4.47
N ALA B 13 -23.31 11.14 3.17
CA ALA B 13 -22.29 11.47 2.20
C ALA B 13 -21.76 12.89 2.41
N ASN B 14 -22.63 13.83 2.77
CA ASN B 14 -22.16 15.18 3.06
C ASN B 14 -21.23 15.22 4.27
N LEU B 15 -21.55 14.46 5.31
CA LEU B 15 -20.68 14.42 6.48
C LEU B 15 -19.35 13.76 6.13
N MET B 16 -19.37 12.67 5.37
CA MET B 16 -18.12 11.99 5.06
C MET B 16 -17.24 12.86 4.15
N ARG B 17 -17.88 13.64 3.28
CA ARG B 17 -17.13 14.57 2.43
C ARG B 17 -16.51 15.70 3.25
N LEU B 18 -17.25 16.22 4.22
CA LEU B 18 -16.68 17.25 5.11
C LEU B 18 -15.47 16.69 5.87
N LYS B 19 -15.64 15.54 6.50
CA LYS B 19 -14.56 14.93 7.28
C LYS B 19 -13.34 14.61 6.40
N SER B 20 -13.61 14.11 5.21
CA SER B 20 -12.55 13.79 4.27
C SER B 20 -11.79 15.08 3.89
N ASP B 21 -12.53 16.13 3.57
CA ASP B 21 -11.92 17.41 3.24
C ASP B 21 -11.02 17.96 4.36
N LEU B 22 -11.50 17.88 5.61
CA LEU B 22 -10.77 18.43 6.74
C LEU B 22 -9.52 17.61 7.10
N PHE B 23 -9.61 16.30 6.99
CA PHE B 23 -8.52 15.47 7.47
C PHE B 23 -7.54 15.12 6.36
N ASN B 24 -7.64 15.86 5.25
CA ASN B 24 -6.67 15.76 4.16
C ASN B 24 -6.15 17.14 3.75
N ARG B 25 -6.32 18.12 4.66
CA ARG B 25 -5.93 19.51 4.40
C ARG B 25 -4.42 19.72 4.44
N TYR B 29 -2.57 20.33 10.53
CA TYR B 29 -2.23 21.12 11.72
C TYR B 29 -1.22 20.41 12.60
N PRO B 30 -0.02 20.98 12.73
CA PRO B 30 1.15 20.43 13.43
C PRO B 30 1.26 20.82 14.90
N GLY B 31 0.23 21.41 15.46
CA GLY B 31 0.31 21.85 16.83
C GLY B 31 0.76 23.30 16.92
N PRO B 32 0.65 23.91 18.10
CA PRO B 32 0.92 25.34 18.21
C PRO B 32 2.42 25.61 18.19
N THR B 33 2.80 26.81 17.74
CA THR B 33 4.17 27.28 17.69
C THR B 33 4.18 28.74 18.17
N LYS B 34 5.37 29.33 18.31
CA LYS B 34 5.47 30.72 18.72
C LYS B 34 4.83 31.64 17.69
N ASP B 35 5.01 31.32 16.41
CA ASP B 35 4.38 32.10 15.35
C ASP B 35 2.88 31.91 15.32
N ASP B 36 2.44 30.73 15.75
CA ASP B 36 1.03 30.37 15.63
C ASP B 36 0.53 29.82 16.95
N PRO B 37 0.41 30.68 17.97
CA PRO B 37 0.07 30.19 19.31
C PRO B 37 -1.39 29.87 19.44
N LEU B 38 -1.71 29.13 20.50
CA LEU B 38 -3.05 28.61 20.69
C LEU B 38 -3.56 28.93 22.09
N THR B 39 -4.80 29.40 22.20
CA THR B 39 -5.44 29.54 23.49
C THR B 39 -6.33 28.33 23.81
N VAL B 40 -6.07 27.71 24.95
CA VAL B 40 -6.87 26.58 25.39
C VAL B 40 -7.63 27.02 26.64
N THR B 41 -8.94 26.86 26.60
CA THR B 41 -9.77 27.16 27.75
C THR B 41 -10.08 25.88 28.55
N LEU B 42 -9.77 25.90 29.85
CA LEU B 42 -10.01 24.77 30.74
C LEU B 42 -11.08 25.11 31.74
N GLY B 43 -11.89 24.12 32.08
CA GLY B 43 -12.88 24.24 33.12
C GLY B 43 -13.09 22.87 33.75
N PHE B 44 -13.15 22.82 35.08
CA PHE B 44 -13.39 21.56 35.77
C PHE B 44 -14.81 21.45 36.33
N THR B 45 -15.39 20.27 36.19
CA THR B 45 -16.60 19.91 36.89
C THR B 45 -16.22 18.79 37.85
N LEU B 46 -16.29 19.07 39.14
CA LEU B 46 -15.87 18.10 40.15
C LEU B 46 -17.04 17.19 40.52
N GLN B 47 -16.87 15.88 40.31
CA GLN B 47 -17.99 14.98 40.57
C GLN B 47 -17.90 14.31 41.93
N ASP B 48 -16.69 14.03 42.38
CA ASP B 48 -16.55 13.26 43.60
C ASP B 48 -15.13 13.35 44.15
N ILE B 49 -15.02 13.48 45.46
CA ILE B 49 -13.79 13.13 46.14
C ILE B 49 -14.02 11.73 46.66
N VAL B 50 -13.35 10.76 46.05
CA VAL B 50 -13.60 9.36 46.34
C VAL B 50 -12.92 8.89 47.63
N LYS B 51 -11.70 9.34 47.82
CA LYS B 51 -10.80 8.75 48.79
C LYS B 51 -9.75 9.76 49.22
N ALA B 52 -9.47 9.80 50.52
CA ALA B 52 -8.40 10.62 51.05
C ALA B 52 -7.55 9.75 51.96
N ASP B 53 -6.32 9.51 51.56
CA ASP B 53 -5.44 8.54 52.18
C ASP B 53 -4.38 9.24 53.02
N SER B 54 -4.55 9.20 54.34
CA SER B 54 -3.65 9.95 55.21
C SER B 54 -2.38 9.16 55.52
N SER B 55 -2.34 7.91 55.09
CA SER B 55 -1.12 7.12 55.25
C SER B 55 -0.11 7.40 54.14
N THR B 56 -0.58 7.89 52.99
CA THR B 56 0.32 8.17 51.86
C THR B 56 0.23 9.62 51.38
N ASN B 57 -0.72 10.37 51.94
CA ASN B 57 -1.04 11.72 51.49
C ASN B 57 -1.32 11.77 49.98
N GLU B 58 -2.27 10.93 49.57
CA GLU B 58 -2.84 10.94 48.25
C GLU B 58 -4.34 11.13 48.37
N VAL B 59 -4.89 11.93 47.47
CA VAL B 59 -6.33 12.13 47.43
C VAL B 59 -6.85 11.82 46.02
N ASP B 60 -7.96 11.09 45.94
CA ASP B 60 -8.48 10.67 44.63
C ASP B 60 -9.70 11.49 44.24
N LEU B 61 -9.66 12.10 43.05
CA LEU B 61 -10.77 12.88 42.54
C LEU B 61 -11.38 12.30 41.28
N VAL B 62 -12.68 12.48 41.11
CA VAL B 62 -13.32 12.25 39.82
C VAL B 62 -13.84 13.57 39.32
N TYR B 63 -13.51 13.92 38.08
CA TYR B 63 -13.94 15.20 37.51
C TYR B 63 -14.08 15.10 36.00
N TRP B 64 -14.81 16.05 35.42
CA TRP B 64 -14.82 16.23 33.97
C TRP B 64 -13.94 17.41 33.63
N GLU B 65 -13.01 17.20 32.72
CA GLU B 65 -12.10 18.26 32.33
C GLU B 65 -12.48 18.79 30.95
N GLN B 66 -13.15 19.93 30.91
CA GLN B 66 -13.54 20.53 29.64
C GLN B 66 -12.37 21.27 29.02
N GLN B 67 -12.04 20.92 27.78
CA GLN B 67 -11.00 21.59 27.01
C GLN B 67 -11.60 22.15 25.72
N ARG B 68 -11.31 23.41 25.42
CA ARG B 68 -11.83 24.07 24.23
C ARG B 68 -10.72 24.85 23.55
N TRP B 69 -10.66 24.74 22.23
CA TRP B 69 -9.73 25.55 21.44
C TRP B 69 -10.29 25.70 20.04
N LYS B 70 -9.66 26.55 19.24
CA LYS B 70 -10.21 26.90 17.93
C LYS B 70 -9.11 26.93 16.89
N LEU B 71 -9.31 26.19 15.80
CA LEU B 71 -8.35 26.14 14.72
C LEU B 71 -8.95 26.62 13.40
N ASN B 72 -8.22 27.46 12.67
CA ASN B 72 -8.67 27.85 11.36
C ASN B 72 -8.77 26.64 10.46
N SER B 73 -7.84 25.72 10.62
CA SER B 73 -7.80 24.54 9.76
C SER B 73 -8.99 23.61 9.96
N LEU B 74 -9.79 23.85 11.00
CA LEU B 74 -10.98 23.02 11.19
C LEU B 74 -12.28 23.78 10.84
N MET B 75 -12.14 24.97 10.27
CA MET B 75 -13.31 25.77 9.88
C MET B 75 -13.95 25.28 8.59
N TRP B 76 -15.24 25.53 8.43
CA TRP B 76 -15.88 25.29 7.15
C TRP B 76 -17.14 26.13 7.04
N ASP B 77 -17.57 26.38 5.82
CA ASP B 77 -18.87 27.00 5.55
C ASP B 77 -19.95 25.91 5.47
N PRO B 78 -20.92 25.92 6.39
CA PRO B 78 -21.99 24.92 6.37
C PRO B 78 -22.72 24.87 5.03
N ASN B 79 -22.79 26.01 4.34
CA ASN B 79 -23.44 26.09 3.04
C ASN B 79 -22.78 25.19 2.01
N GLU B 80 -21.50 24.89 2.20
CA GLU B 80 -20.76 24.08 1.26
C GLU B 80 -20.83 22.61 1.62
N TYR B 81 -21.45 22.30 2.75
CA TYR B 81 -21.47 20.92 3.24
C TYR B 81 -22.82 20.55 3.82
N GLY B 82 -23.87 20.71 3.01
CA GLY B 82 -25.21 20.31 3.37
C GLY B 82 -25.74 20.92 4.66
N ASN B 83 -25.28 22.11 4.98
CA ASN B 83 -25.72 22.80 6.20
C ASN B 83 -25.30 22.11 7.51
N ILE B 84 -24.31 21.24 7.44
CA ILE B 84 -23.74 20.64 8.64
C ILE B 84 -23.03 21.71 9.49
N THR B 85 -23.41 21.82 10.76
CA THR B 85 -22.80 22.83 11.61
C THR B 85 -21.75 22.27 12.60
N ASP B 86 -21.76 20.96 12.82
CA ASP B 86 -20.78 20.32 13.69
C ASP B 86 -20.78 18.80 13.53
N PHE B 87 -19.74 18.16 14.04
CA PHE B 87 -19.68 16.72 14.01
C PHE B 87 -18.88 16.17 15.17
N ARG B 88 -19.17 14.91 15.50
CA ARG B 88 -18.41 14.15 16.47
C ARG B 88 -17.31 13.38 15.78
N THR B 89 -16.15 13.30 16.42
CA THR B 89 -15.05 12.56 15.84
C THR B 89 -14.13 12.07 16.94
N SER B 90 -13.48 10.94 16.67
CA SER B 90 -12.47 10.40 17.56
C SER B 90 -11.41 11.45 17.86
N ALA B 91 -11.05 11.56 19.13
CA ALA B 91 -10.02 12.47 19.57
C ALA B 91 -8.69 12.13 18.92
N ALA B 92 -8.55 10.88 18.45
CA ALA B 92 -7.35 10.45 17.71
C ALA B 92 -7.30 11.01 16.29
N ASP B 93 -8.42 11.52 15.79
CA ASP B 93 -8.45 12.07 14.43
C ASP B 93 -7.88 13.48 14.38
N ILE B 94 -7.77 14.13 15.53
CA ILE B 94 -7.35 15.54 15.57
C ILE B 94 -6.23 15.77 16.58
N TRP B 95 -5.55 16.91 16.45
CA TRP B 95 -4.60 17.29 17.46
C TRP B 95 -5.36 17.60 18.75
N THR B 96 -4.81 17.20 19.88
CA THR B 96 -5.34 17.63 21.17
C THR B 96 -4.20 18.09 22.07
N PRO B 97 -4.50 18.99 23.02
CA PRO B 97 -3.49 19.57 23.92
C PRO B 97 -2.97 18.59 24.97
N ASP B 98 -1.71 18.77 25.37
CA ASP B 98 -1.07 17.90 26.35
C ASP B 98 -1.21 18.43 27.78
N ILE B 99 -2.41 18.84 28.14
CA ILE B 99 -2.69 19.35 29.48
C ILE B 99 -2.55 18.24 30.51
N THR B 100 -1.71 18.47 31.52
CA THR B 100 -1.32 17.44 32.47
C THR B 100 -1.41 17.93 33.91
N ALA B 101 -1.91 17.09 34.82
CA ALA B 101 -1.80 17.34 36.25
C ALA B 101 -0.32 17.24 36.64
N TYR B 102 0.18 18.23 37.36
CA TYR B 102 1.62 18.29 37.67
C TYR B 102 2.04 17.55 38.94
N SER B 103 1.07 17.11 39.74
CA SER B 103 1.37 16.42 40.98
C SER B 103 0.54 15.16 41.17
N SER B 104 0.22 14.48 40.08
CA SER B 104 -0.41 13.16 40.13
C SER B 104 0.55 12.14 40.78
N THR B 105 0.00 11.07 41.37
CA THR B 105 0.84 9.98 41.88
C THR B 105 0.58 8.63 41.18
N ARG B 106 -0.38 8.62 40.25
CA ARG B 106 -0.73 7.45 39.44
C ARG B 106 -1.14 7.94 38.07
N PRO B 107 -0.96 7.11 37.03
CA PRO B 107 -1.44 7.57 35.72
C PRO B 107 -2.93 7.88 35.83
N VAL B 108 -3.38 8.97 35.22
CA VAL B 108 -4.77 9.35 35.33
C VAL B 108 -5.61 8.30 34.60
N GLN B 109 -6.78 7.98 35.15
CA GLN B 109 -7.66 6.99 34.54
C GLN B 109 -8.80 7.68 33.81
N VAL B 110 -8.96 7.37 32.54
CA VAL B 110 -10.02 7.97 31.74
C VAL B 110 -11.28 7.12 31.87
N LEU B 111 -12.41 7.79 32.12
CA LEU B 111 -13.65 7.07 32.43
C LEU B 111 -14.66 7.21 31.31
N SER B 112 -14.31 7.94 30.26
CA SER B 112 -15.25 8.23 29.18
C SER B 112 -14.63 8.01 27.82
N PRO B 113 -15.48 7.77 26.80
CA PRO B 113 -15.05 7.63 25.41
C PRO B 113 -14.25 8.86 25.02
N GLN B 114 -13.21 8.70 24.22
CA GLN B 114 -12.45 9.88 23.86
C GLN B 114 -12.82 10.35 22.47
N ILE B 115 -13.86 11.18 22.49
CA ILE B 115 -14.54 11.69 21.32
C ILE B 115 -14.72 13.17 21.50
N ALA B 116 -14.41 13.95 20.48
CA ALA B 116 -14.51 15.40 20.55
C ALA B 116 -15.62 15.92 19.63
N VAL B 117 -16.13 17.11 19.92
CA VAL B 117 -17.11 17.75 19.07
C VAL B 117 -16.48 18.94 18.36
N VAL B 118 -16.52 18.94 17.03
CA VAL B 118 -15.99 20.03 16.21
C VAL B 118 -17.09 20.85 15.55
N THR B 119 -17.01 22.17 15.68
CA THR B 119 -18.02 23.07 15.13
C THR B 119 -17.46 23.89 13.96
N HIS B 120 -18.34 24.36 13.08
CA HIS B 120 -17.91 24.92 11.80
C HIS B 120 -17.02 26.16 11.92
N ASP B 121 -17.04 26.84 13.05
CA ASP B 121 -16.14 27.98 13.26
C ASP B 121 -14.72 27.52 13.60
N GLY B 122 -14.50 26.22 13.57
CA GLY B 122 -13.20 25.66 13.88
C GLY B 122 -12.98 25.36 15.36
N SER B 123 -14.01 25.53 16.18
CA SER B 123 -13.82 25.29 17.61
C SER B 123 -13.98 23.80 17.92
N VAL B 124 -13.18 23.33 18.88
CA VAL B 124 -13.26 21.95 19.32
C VAL B 124 -13.63 21.92 20.79
N MET B 125 -14.51 21.01 21.18
CA MET B 125 -14.72 20.78 22.60
C MET B 125 -14.53 19.31 22.95
N PHE B 126 -13.74 19.10 24.00
CA PHE B 126 -13.29 17.77 24.41
C PHE B 126 -13.39 17.69 25.92
N ILE B 127 -14.15 16.72 26.43
CA ILE B 127 -14.46 16.70 27.86
C ILE B 127 -14.29 15.31 28.44
N PRO B 128 -13.05 14.89 28.65
CA PRO B 128 -12.81 13.56 29.22
C PRO B 128 -13.10 13.51 30.71
N ALA B 129 -13.80 12.46 31.17
CA ALA B 129 -13.93 12.21 32.60
C ALA B 129 -12.72 11.43 33.06
N GLN B 130 -12.24 11.76 34.25
CA GLN B 130 -10.99 11.20 34.74
C GLN B 130 -11.05 10.94 36.23
N ARG B 131 -10.35 9.90 36.68
CA ARG B 131 -10.04 9.72 38.08
C ARG B 131 -8.58 10.02 38.29
N LEU B 132 -8.29 10.94 39.19
CA LEU B 132 -6.92 11.36 39.49
C LEU B 132 -6.51 11.13 40.96
N SER B 133 -5.41 10.43 41.19
CA SER B 133 -4.73 10.44 42.49
C SER B 133 -3.64 11.52 42.48
N PHE B 134 -3.63 12.41 43.48
CA PHE B 134 -2.61 13.46 43.50
C PHE B 134 -2.16 13.78 44.94
N MET B 135 -1.04 14.49 45.06
CA MET B 135 -0.43 14.74 46.36
C MET B 135 -1.23 15.70 47.19
N CYS B 136 -1.68 15.24 48.34
CA CYS B 136 -2.57 16.01 49.19
C CYS B 136 -2.56 15.49 50.62
N ASP B 137 -2.29 16.40 51.56
CA ASP B 137 -2.29 16.10 52.98
C ASP B 137 -3.68 16.37 53.50
N PRO B 138 -4.42 15.32 53.85
CA PRO B 138 -5.81 15.51 54.24
C PRO B 138 -6.00 15.86 55.70
N THR B 139 -4.91 16.25 56.37
CA THR B 139 -4.99 16.59 57.80
C THR B 139 -6.04 17.67 57.99
N GLY B 140 -6.88 17.49 58.99
CA GLY B 140 -7.96 18.42 59.26
C GLY B 140 -9.28 18.10 58.58
N VAL B 141 -9.27 17.11 57.70
CA VAL B 141 -10.48 16.73 56.97
C VAL B 141 -11.59 16.32 57.94
N ASP B 142 -11.19 15.83 59.11
CA ASP B 142 -12.14 15.46 60.16
C ASP B 142 -12.47 16.63 61.09
N SER B 143 -12.65 17.82 60.53
CA SER B 143 -12.89 19.00 61.34
C SER B 143 -13.79 19.98 60.60
N GLU B 144 -14.35 20.95 61.31
CA GLU B 144 -15.22 21.93 60.68
C GLU B 144 -14.47 22.74 59.62
N GLU B 145 -13.23 23.12 59.92
CA GLU B 145 -12.41 23.85 58.97
C GLU B 145 -12.10 23.06 57.69
N GLY B 146 -11.98 21.75 57.83
CA GLY B 146 -11.70 20.89 56.69
C GLY B 146 -10.24 20.90 56.29
N ALA B 147 -9.93 20.20 55.20
CA ALA B 147 -8.57 20.18 54.66
C ALA B 147 -8.52 20.95 53.35
N THR B 148 -7.32 21.37 52.96
CA THR B 148 -7.15 22.11 51.73
C THR B 148 -6.05 21.48 50.89
N CYS B 149 -6.34 21.27 49.61
CA CYS B 149 -5.32 20.75 48.72
C CYS B 149 -5.39 21.39 47.36
N ALA B 150 -4.30 21.28 46.61
CA ALA B 150 -4.22 21.93 45.33
C ALA B 150 -3.39 21.12 44.34
N VAL B 151 -3.74 21.21 43.06
CA VAL B 151 -2.96 20.60 42.01
C VAL B 151 -2.98 21.52 40.80
N LYS B 152 -1.83 21.70 40.17
CA LYS B 152 -1.73 22.55 38.99
C LYS B 152 -1.89 21.72 37.72
N PHE B 153 -2.55 22.30 36.72
CA PHE B 153 -2.67 21.69 35.40
C PHE B 153 -2.02 22.61 34.37
N GLY B 154 -1.25 22.02 33.45
CA GLY B 154 -0.71 22.78 32.35
C GLY B 154 -0.10 21.88 31.29
N SER B 155 0.35 22.51 30.20
CA SER B 155 1.00 21.80 29.10
C SER B 155 2.29 21.16 29.55
N TRP B 156 2.59 19.99 29.00
CA TRP B 156 3.85 19.31 29.31
C TRP B 156 5.02 19.90 28.52
N VAL B 157 4.82 20.17 27.23
CA VAL B 157 5.95 20.60 26.39
C VAL B 157 5.80 21.99 25.74
N TYR B 158 4.66 22.65 25.95
CA TYR B 158 4.47 23.99 25.38
C TYR B 158 4.50 25.11 26.43
N SER B 159 5.34 26.11 26.21
CA SER B 159 5.38 27.25 27.12
C SER B 159 4.23 28.21 26.88
N GLY B 160 4.20 29.28 27.66
CA GLY B 160 3.19 30.30 27.50
C GLY B 160 3.27 31.04 26.18
N PHE B 161 4.39 30.89 25.46
CA PHE B 161 4.52 31.50 24.13
C PHE B 161 3.82 30.67 23.05
N GLU B 162 3.42 29.45 23.39
CA GLU B 162 2.84 28.54 22.40
C GLU B 162 1.39 28.15 22.76
N ILE B 163 1.15 27.88 24.04
CA ILE B 163 -0.20 27.66 24.50
C ILE B 163 -0.52 28.58 25.65
N ASP B 164 -1.54 29.41 25.47
CA ASP B 164 -2.06 30.21 26.55
C ASP B 164 -3.24 29.47 27.15
N LEU B 165 -3.30 29.39 28.46
CA LEU B 165 -4.41 28.76 29.14
C LEU B 165 -5.36 29.81 29.65
N LYS B 166 -6.65 29.55 29.51
CA LYS B 166 -7.67 30.44 30.08
C LYS B 166 -8.70 29.64 30.84
N THR B 167 -9.37 30.29 31.78
CA THR B 167 -10.59 29.73 32.35
C THR B 167 -11.73 30.67 32.03
N ASP B 168 -12.93 30.13 31.93
CA ASP B 168 -14.10 30.96 31.70
C ASP B 168 -14.56 31.56 33.02
N THR B 169 -14.24 30.88 34.11
CA THR B 169 -14.61 31.29 35.45
C THR B 169 -13.60 30.73 36.43
N ASP B 170 -13.42 31.38 37.58
CA ASP B 170 -12.55 30.84 38.61
C ASP B 170 -13.27 29.85 39.52
N GLN B 171 -14.57 29.70 39.32
CA GLN B 171 -15.37 28.80 40.14
C GLN B 171 -15.49 27.43 39.49
N VAL B 172 -15.01 26.40 40.18
CA VAL B 172 -15.18 25.03 39.71
C VAL B 172 -16.68 24.75 39.70
N ASP B 173 -17.14 24.00 38.71
CA ASP B 173 -18.56 23.67 38.60
C ASP B 173 -18.84 22.53 39.55
N LEU B 174 -19.73 22.78 40.52
CA LEU B 174 -20.04 21.81 41.56
C LEU B 174 -21.49 21.33 41.46
N SER B 175 -22.14 21.63 40.35
CA SER B 175 -23.56 21.35 40.21
C SER B 175 -23.81 19.85 40.01
N SER B 176 -22.75 19.10 39.73
CA SER B 176 -22.84 17.65 39.60
C SER B 176 -22.08 16.92 40.69
N TYR B 177 -21.70 17.60 41.77
CA TYR B 177 -20.96 16.91 42.81
C TYR B 177 -21.86 15.90 43.50
N TYR B 178 -21.35 14.68 43.68
CA TYR B 178 -22.12 13.56 44.25
C TYR B 178 -22.61 13.88 45.66
N ALA B 179 -23.92 13.98 45.81
CA ALA B 179 -24.54 14.39 47.09
C ALA B 179 -24.21 13.49 48.27
N SER B 180 -23.92 12.21 48.03
CA SER B 180 -23.62 11.29 49.13
C SER B 180 -22.15 10.90 49.18
N SER B 181 -21.28 11.76 48.66
CA SER B 181 -19.85 11.55 48.79
C SER B 181 -19.49 11.44 50.26
N LYS B 182 -18.39 10.75 50.57
CA LYS B 182 -17.88 10.76 51.93
C LYS B 182 -17.38 12.15 52.33
N TYR B 183 -17.10 12.99 51.33
CA TYR B 183 -16.51 14.30 51.59
C TYR B 183 -17.35 15.40 50.99
N GLU B 184 -17.65 16.44 51.77
CA GLU B 184 -18.36 17.58 51.20
C GLU B 184 -17.38 18.70 50.83
N ILE B 185 -17.73 19.44 49.78
CA ILE B 185 -16.87 20.49 49.25
C ILE B 185 -17.19 21.84 49.87
N LEU B 186 -16.21 22.43 50.52
CA LEU B 186 -16.38 23.74 51.14
C LEU B 186 -16.09 24.85 50.14
N SER B 187 -15.16 24.59 49.22
CA SER B 187 -14.90 25.48 48.09
C SER B 187 -14.01 24.83 47.04
N ALA B 188 -14.15 25.27 45.81
CA ALA B 188 -13.29 24.77 44.76
C ALA B 188 -13.13 25.84 43.70
N THR B 189 -11.89 26.23 43.45
CA THR B 189 -11.62 27.26 42.50
C THR B 189 -10.57 26.78 41.49
N GLN B 190 -10.55 27.42 40.34
CA GLN B 190 -9.62 27.08 39.26
C GLN B 190 -9.03 28.39 38.74
N THR B 191 -7.75 28.60 39.01
CA THR B 191 -7.13 29.90 38.74
C THR B 191 -5.96 29.84 37.79
N ARG B 192 -6.04 30.62 36.71
CA ARG B 192 -4.93 30.79 35.82
C ARG B 192 -3.77 31.44 36.58
N GLN B 193 -2.60 30.86 36.43
CA GLN B 193 -1.38 31.37 37.03
C GLN B 193 -0.33 31.53 35.95
N VAL B 194 0.32 32.69 35.93
CA VAL B 194 1.47 32.93 35.06
C VAL B 194 2.75 32.83 35.89
N GLN B 195 3.64 31.93 35.51
CA GLN B 195 4.86 31.69 36.29
C GLN B 195 6.09 32.13 35.51
N HIS B 196 7.05 32.70 36.22
CA HIS B 196 8.37 33.02 35.66
C HIS B 196 9.44 32.23 36.40
N TYR B 197 10.11 31.31 35.72
CA TYR B 197 11.09 30.45 36.38
C TYR B 197 12.50 30.92 36.06
N SER B 198 13.41 30.79 37.03
CA SER B 198 14.77 31.31 36.86
C SER B 198 15.53 30.59 35.74
N CYS B 199 15.11 29.35 35.44
CA CYS B 199 15.75 28.53 34.42
C CYS B 199 15.53 29.04 33.00
N CYS B 200 14.43 29.74 32.77
CA CYS B 200 13.97 29.96 31.40
C CYS B 200 13.37 31.33 31.23
N PRO B 201 13.68 32.00 30.12
CA PRO B 201 13.12 33.33 29.89
C PRO B 201 11.62 33.28 29.60
N GLU B 202 11.16 32.18 28.98
CA GLU B 202 9.78 32.16 28.52
C GLU B 202 8.84 31.97 29.70
N PRO B 203 7.67 32.61 29.66
CA PRO B 203 6.71 32.44 30.75
C PRO B 203 6.00 31.09 30.69
N TYR B 204 5.52 30.62 31.84
CA TYR B 204 4.72 29.40 31.90
C TYR B 204 3.36 29.65 32.50
N ILE B 205 2.37 28.87 32.03
CA ILE B 205 1.01 29.05 32.45
C ILE B 205 0.49 27.74 33.01
N ASP B 206 -0.21 27.82 34.13
CA ASP B 206 -0.92 26.67 34.63
C ASP B 206 -2.28 27.11 35.14
N VAL B 207 -3.14 26.15 35.44
CA VAL B 207 -4.40 26.42 36.11
C VAL B 207 -4.37 25.67 37.43
N ASN B 208 -4.55 26.41 38.52
CA ASN B 208 -4.43 25.85 39.86
C ASN B 208 -5.79 25.46 40.41
N LEU B 209 -6.00 24.16 40.58
CA LEU B 209 -7.26 23.66 41.12
C LEU B 209 -7.15 23.57 42.62
N VAL B 210 -7.91 24.39 43.33
CA VAL B 210 -7.83 24.41 44.77
C VAL B 210 -9.13 23.95 45.38
N VAL B 211 -9.07 22.90 46.18
CA VAL B 211 -10.26 22.34 46.78
C VAL B 211 -10.17 22.28 48.30
N LYS B 212 -11.20 22.79 48.96
CA LYS B 212 -11.31 22.71 50.41
C LYS B 212 -12.46 21.79 50.75
N PHE B 213 -12.21 20.76 51.54
CA PHE B 213 -13.21 19.73 51.79
C PHE B 213 -13.10 19.14 53.19
N ARG B 214 -14.15 18.45 53.63
CA ARG B 214 -14.15 17.80 54.93
C ARG B 214 -15.08 16.58 54.94
N GLU B 215 -14.93 15.72 55.94
CA GLU B 215 -15.80 14.54 56.03
C GLU B 215 -17.24 14.99 56.22
N ARG B 216 -18.16 14.35 55.49
CA ARG B 216 -19.56 14.75 55.51
C ARG B 216 -20.19 14.55 56.89
N ASP C 6 -17.35 -28.74 -0.90
CA ASP C 6 -17.79 -27.75 -1.87
C ASP C 6 -19.04 -27.01 -1.40
N ASP C 7 -19.98 -27.75 -0.81
CA ASP C 7 -21.18 -27.14 -0.23
C ASP C 7 -20.80 -26.20 0.90
N LYS C 8 -19.90 -26.67 1.75
CA LYS C 8 -19.40 -25.88 2.86
C LYS C 8 -18.69 -24.65 2.31
N LEU C 9 -17.92 -24.85 1.25
CA LEU C 9 -17.22 -23.76 0.61
C LEU C 9 -18.21 -22.72 0.14
N HIS C 10 -19.37 -23.20 -0.28
CA HIS C 10 -20.39 -22.36 -0.87
C HIS C 10 -21.05 -21.46 0.17
N SER C 11 -21.38 -22.00 1.33
CA SER C 11 -21.96 -21.13 2.36
C SER C 11 -20.90 -20.17 2.90
N GLN C 12 -19.64 -20.60 2.92
CA GLN C 12 -18.59 -19.72 3.44
C GLN C 12 -18.34 -18.56 2.49
N ALA C 13 -18.39 -18.82 1.19
CA ALA C 13 -18.21 -17.76 0.20
C ALA C 13 -19.36 -16.76 0.25
N ASN C 14 -20.57 -17.29 0.44
CA ASN C 14 -21.75 -16.43 0.55
C ASN C 14 -21.63 -15.44 1.72
N LEU C 15 -21.20 -15.94 2.86
CA LEU C 15 -21.00 -15.09 4.02
C LEU C 15 -19.87 -14.09 3.76
N MET C 16 -18.75 -14.55 3.20
CA MET C 16 -17.66 -13.63 2.90
C MET C 16 -18.12 -12.59 1.90
N ARG C 17 -18.94 -12.97 0.94
CA ARG C 17 -19.47 -12.00 -0.02
C ARG C 17 -20.35 -10.97 0.69
N LEU C 18 -21.22 -11.42 1.59
CA LEU C 18 -22.06 -10.51 2.36
C LEU C 18 -21.21 -9.48 3.10
N LYS C 19 -20.27 -9.98 3.89
CA LYS C 19 -19.45 -9.10 4.73
C LYS C 19 -18.63 -8.12 3.89
N SER C 20 -18.11 -8.60 2.76
CA SER C 20 -17.39 -7.73 1.83
C SER C 20 -18.30 -6.65 1.26
N ASP C 21 -19.47 -7.04 0.79
CA ASP C 21 -20.47 -6.09 0.31
C ASP C 21 -20.84 -5.05 1.37
N LEU C 22 -21.08 -5.49 2.60
CA LEU C 22 -21.54 -4.57 3.65
C LEU C 22 -20.43 -3.62 4.10
N PHE C 23 -19.21 -4.14 4.20
CA PHE C 23 -18.13 -3.39 4.82
C PHE C 23 -17.39 -2.46 3.85
N ASN C 24 -17.71 -2.57 2.56
CA ASN C 24 -17.14 -1.66 1.56
C ASN C 24 -18.19 -0.73 0.95
N ARG C 25 -19.34 -0.60 1.61
CA ARG C 25 -20.44 0.23 1.12
C ARG C 25 -20.10 1.71 1.16
N SER C 26 -20.85 2.51 0.40
CA SER C 26 -20.64 3.95 0.35
C SER C 26 -21.89 4.73 0.76
N TYR C 29 -20.37 4.67 7.25
CA TYR C 29 -21.27 5.22 8.26
C TYR C 29 -20.52 6.09 9.26
N PRO C 30 -20.81 7.40 9.24
CA PRO C 30 -20.13 8.40 10.06
C PRO C 30 -20.74 8.55 11.46
N GLY C 31 -21.63 7.63 11.83
CA GLY C 31 -22.33 7.78 13.11
C GLY C 31 -23.58 8.59 12.87
N PRO C 32 -24.43 8.70 13.90
CA PRO C 32 -25.73 9.36 13.76
C PRO C 32 -25.64 10.89 13.73
N THR C 33 -26.65 11.53 13.15
CA THR C 33 -26.72 12.99 13.11
C THR C 33 -28.15 13.40 13.35
N LYS C 34 -28.39 14.70 13.54
CA LYS C 34 -29.75 15.20 13.72
C LYS C 34 -30.58 14.89 12.49
N ASP C 35 -29.94 14.86 11.32
CA ASP C 35 -30.60 14.47 10.06
C ASP C 35 -30.82 12.97 9.94
N ASP C 36 -29.95 12.19 10.58
CA ASP C 36 -29.95 10.73 10.46
C ASP C 36 -29.81 10.13 11.85
N PRO C 37 -30.86 10.27 12.68
CA PRO C 37 -30.78 9.89 14.09
C PRO C 37 -30.97 8.39 14.32
N LEU C 38 -30.64 7.96 15.52
CA LEU C 38 -30.58 6.54 15.82
C LEU C 38 -31.22 6.28 17.17
N THR C 39 -31.90 5.16 17.31
CA THR C 39 -32.42 4.78 18.60
C THR C 39 -31.68 3.57 19.14
N VAL C 40 -31.12 3.69 20.33
CA VAL C 40 -30.44 2.58 20.97
C VAL C 40 -31.28 2.04 22.11
N THR C 41 -31.57 0.76 22.08
CA THR C 41 -32.32 0.13 23.15
C THR C 41 -31.34 -0.51 24.11
N LEU C 42 -31.51 -0.22 25.38
CA LEU C 42 -30.64 -0.70 26.45
C LEU C 42 -31.40 -1.58 27.41
N GLY C 43 -30.76 -2.64 27.88
CA GLY C 43 -31.33 -3.47 28.92
C GLY C 43 -30.22 -4.08 29.73
N PHE C 44 -30.41 -4.12 31.05
CA PHE C 44 -29.40 -4.68 31.94
C PHE C 44 -29.82 -6.01 32.51
N THR C 45 -28.85 -6.92 32.58
CA THR C 45 -29.00 -8.17 33.30
C THR C 45 -28.01 -8.15 34.45
N LEU C 46 -28.50 -7.92 35.67
CA LEU C 46 -27.63 -7.78 36.82
C LEU C 46 -27.20 -9.15 37.37
N GLN C 47 -25.90 -9.39 37.38
CA GLN C 47 -25.37 -10.68 37.83
C GLN C 47 -25.00 -10.70 39.30
N ASP C 48 -24.48 -9.60 39.79
CA ASP C 48 -23.87 -9.62 41.11
C ASP C 48 -23.50 -8.22 41.59
N ILE C 49 -23.80 -7.95 42.86
CA ILE C 49 -23.20 -6.83 43.56
C ILE C 49 -22.05 -7.45 44.33
N VAL C 50 -20.83 -7.17 43.88
CA VAL C 50 -19.65 -7.85 44.40
C VAL C 50 -19.18 -7.23 45.70
N LYS C 51 -19.15 -5.91 45.73
CA LYS C 51 -18.50 -5.21 46.81
C LYS C 51 -19.23 -3.91 47.05
N ALA C 52 -19.40 -3.56 48.31
CA ALA C 52 -19.91 -2.25 48.69
C ALA C 52 -18.96 -1.66 49.70
N ASP C 53 -18.27 -0.59 49.29
CA ASP C 53 -17.21 -0.04 50.10
C ASP C 53 -17.71 1.23 50.81
N SER C 54 -18.00 1.11 52.10
CA SER C 54 -18.57 2.25 52.82
C SER C 54 -17.50 3.25 53.22
N SER C 55 -16.23 2.92 53.01
CA SER C 55 -15.16 3.84 53.35
C SER C 55 -14.94 4.86 52.22
N THR C 56 -15.37 4.53 51.01
CA THR C 56 -15.22 5.45 49.87
C THR C 56 -16.54 5.73 49.17
N ASN C 57 -17.60 5.07 49.63
CA ASN C 57 -18.90 5.09 48.98
C ASN C 57 -18.81 4.75 47.49
N GLU C 58 -18.23 3.59 47.20
CA GLU C 58 -18.23 2.97 45.89
C GLU C 58 -18.90 1.60 45.95
N VAL C 59 -19.71 1.27 44.94
CA VAL C 59 -20.23 -0.08 44.84
C VAL C 59 -19.81 -0.68 43.50
N ASP C 60 -19.55 -1.99 43.52
CA ASP C 60 -19.07 -2.71 42.35
C ASP C 60 -20.13 -3.67 41.84
N LEU C 61 -20.59 -3.46 40.61
CA LEU C 61 -21.59 -4.35 40.01
C LEU C 61 -20.98 -5.13 38.85
N VAL C 62 -21.53 -6.32 38.64
CA VAL C 62 -21.28 -7.11 37.43
C VAL C 62 -22.62 -7.29 36.71
N TYR C 63 -22.66 -6.97 35.43
CA TYR C 63 -23.89 -7.08 34.65
C TYR C 63 -23.58 -7.36 33.18
N TRP C 64 -24.62 -7.72 32.43
CA TRP C 64 -24.54 -7.78 30.98
C TRP C 64 -25.38 -6.63 30.48
N GLU C 65 -24.81 -5.82 29.61
CA GLU C 65 -25.51 -4.67 29.07
C GLU C 65 -25.89 -4.92 27.63
N GLN C 66 -27.15 -5.21 27.40
CA GLN C 66 -27.62 -5.46 26.06
C GLN C 66 -27.90 -4.17 25.31
N GLN C 67 -27.21 -3.98 24.19
CA GLN C 67 -27.44 -2.84 23.31
C GLN C 67 -27.99 -3.31 21.97
N ARG C 68 -28.95 -2.56 21.44
CA ARG C 68 -29.52 -2.89 20.14
C ARG C 68 -29.80 -1.60 19.38
N TRP C 69 -29.43 -1.58 18.12
CA TRP C 69 -29.74 -0.47 17.24
C TRP C 69 -29.89 -0.99 15.81
N LYS C 70 -30.39 -0.15 14.92
CA LYS C 70 -30.72 -0.58 13.56
C LYS C 70 -30.17 0.42 12.56
N LEU C 71 -29.46 -0.08 11.56
CA LEU C 71 -28.88 0.76 10.51
C LEU C 71 -29.26 0.31 9.12
N ASN C 72 -29.79 1.24 8.32
CA ASN C 72 -30.12 0.96 6.92
C ASN C 72 -28.94 0.36 6.19
N SER C 73 -27.74 0.85 6.53
CA SER C 73 -26.53 0.45 5.83
C SER C 73 -26.10 -0.97 6.18
N LEU C 74 -26.79 -1.61 7.12
CA LEU C 74 -26.49 -3.00 7.45
C LEU C 74 -27.55 -3.99 6.98
N MET C 75 -28.51 -3.50 6.19
CA MET C 75 -29.58 -4.37 5.70
C MET C 75 -29.18 -5.17 4.46
N TRP C 76 -29.78 -6.35 4.30
CA TRP C 76 -29.61 -7.10 3.07
C TRP C 76 -30.79 -8.02 2.86
N ASP C 77 -31.00 -8.43 1.62
CA ASP C 77 -32.01 -9.43 1.33
C ASP C 77 -31.35 -10.81 1.34
N PRO C 78 -31.73 -11.65 2.32
CA PRO C 78 -31.14 -12.99 2.45
C PRO C 78 -31.18 -13.78 1.15
N ASN C 79 -32.20 -13.52 0.31
CA ASN C 79 -32.30 -14.19 -0.98
C ASN C 79 -31.12 -13.95 -1.90
N GLU C 80 -30.45 -12.82 -1.73
CA GLU C 80 -29.27 -12.47 -2.55
C GLU C 80 -27.97 -13.00 -1.96
N TYR C 81 -28.05 -13.63 -0.80
CA TYR C 81 -26.85 -14.09 -0.08
C TYR C 81 -27.06 -15.46 0.54
N GLY C 82 -27.52 -16.41 -0.25
CA GLY C 82 -27.67 -17.79 0.19
C GLY C 82 -28.53 -18.03 1.41
N ASN C 83 -29.57 -17.23 1.59
CA ASN C 83 -30.46 -17.36 2.74
C ASN C 83 -29.79 -17.09 4.08
N ILE C 84 -28.66 -16.39 4.08
CA ILE C 84 -28.07 -15.93 5.33
C ILE C 84 -28.96 -14.83 5.94
N THR C 85 -29.25 -14.96 7.23
CA THR C 85 -30.15 -14.05 7.91
C THR C 85 -29.46 -13.28 9.03
N ASP C 86 -28.30 -13.76 9.46
CA ASP C 86 -27.48 -13.03 10.43
C ASP C 86 -26.04 -13.53 10.44
N PHE C 87 -25.15 -12.78 11.07
CA PHE C 87 -23.76 -13.18 11.22
C PHE C 87 -23.12 -12.50 12.42
N ARG C 88 -22.00 -13.06 12.89
CA ARG C 88 -21.21 -12.48 13.97
C ARG C 88 -20.00 -11.77 13.38
N THR C 89 -19.59 -10.66 13.98
CA THR C 89 -18.37 -10.01 13.56
C THR C 89 -17.83 -9.20 14.73
N SER C 90 -16.52 -8.96 14.74
CA SER C 90 -15.91 -8.13 15.78
C SER C 90 -16.64 -6.80 15.89
N ALA C 91 -16.84 -6.31 17.10
CA ALA C 91 -17.49 -5.03 17.30
C ALA C 91 -16.63 -3.89 16.73
N ALA C 92 -15.36 -4.15 16.50
CA ALA C 92 -14.47 -3.18 15.86
C ALA C 92 -14.76 -3.06 14.36
N ASP C 93 -15.45 -4.03 13.79
CA ASP C 93 -15.77 -3.98 12.36
C ASP C 93 -16.91 -3.01 12.05
N ILE C 94 -17.60 -2.53 13.07
CA ILE C 94 -18.80 -1.72 12.86
C ILE C 94 -18.84 -0.53 13.80
N TRP C 95 -19.67 0.44 13.46
CA TRP C 95 -19.94 1.50 14.39
C TRP C 95 -20.66 0.94 15.62
N THR C 96 -20.24 1.39 16.80
CA THR C 96 -20.95 1.07 18.04
C THR C 96 -21.20 2.37 18.84
N PRO C 97 -22.30 2.44 19.59
CA PRO C 97 -22.57 3.67 20.33
C PRO C 97 -21.68 3.84 21.57
N ASP C 98 -21.48 5.08 21.99
CA ASP C 98 -20.58 5.44 23.09
C ASP C 98 -21.33 5.50 24.42
N ILE C 99 -22.09 4.45 24.72
CA ILE C 99 -22.86 4.41 25.95
C ILE C 99 -21.93 4.28 27.16
N THR C 100 -22.11 5.18 28.12
CA THR C 100 -21.19 5.32 29.23
C THR C 100 -21.95 5.49 30.54
N ALA C 101 -21.47 4.87 31.61
CA ALA C 101 -21.96 5.20 32.95
C ALA C 101 -21.53 6.63 33.29
N TYR C 102 -22.42 7.42 33.89
CA TYR C 102 -22.14 8.83 34.14
C TYR C 102 -21.53 9.09 35.53
N SER C 103 -21.44 8.05 36.36
CA SER C 103 -20.90 8.24 37.69
C SER C 103 -19.99 7.09 38.11
N SER C 104 -19.29 6.51 37.14
CA SER C 104 -18.28 5.50 37.46
C SER C 104 -17.13 6.17 38.20
N THR C 105 -16.39 5.37 38.98
CA THR C 105 -15.19 5.88 39.67
C THR C 105 -13.91 5.18 39.22
N ARG C 106 -14.06 4.19 38.34
CA ARG C 106 -12.94 3.48 37.73
C ARG C 106 -13.31 3.13 36.30
N PRO C 107 -12.32 2.94 35.43
CA PRO C 107 -12.66 2.50 34.09
C PRO C 107 -13.42 1.18 34.16
N VAL C 108 -14.48 1.06 33.36
CA VAL C 108 -15.21 -0.21 33.26
C VAL C 108 -14.24 -1.31 32.82
N GLN C 109 -14.37 -2.48 33.43
CA GLN C 109 -13.62 -3.65 32.97
C GLN C 109 -14.54 -4.57 32.16
N VAL C 110 -14.13 -4.86 30.93
CA VAL C 110 -14.91 -5.69 30.02
C VAL C 110 -14.62 -7.17 30.30
N LEU C 111 -15.66 -7.96 30.50
CA LEU C 111 -15.50 -9.35 30.95
C LEU C 111 -15.76 -10.37 29.82
N SER C 112 -16.32 -9.90 28.72
CA SER C 112 -16.65 -10.75 27.59
C SER C 112 -15.94 -10.30 26.33
N PRO C 113 -15.94 -11.15 25.30
CA PRO C 113 -15.46 -10.76 23.97
C PRO C 113 -16.30 -9.64 23.38
N GLN C 114 -15.70 -8.80 22.53
CA GLN C 114 -16.41 -7.73 21.86
C GLN C 114 -16.83 -8.16 20.46
N ILE C 115 -17.96 -8.82 20.37
CA ILE C 115 -18.44 -9.38 19.12
C ILE C 115 -19.92 -9.10 19.02
N ALA C 116 -20.37 -8.65 17.86
CA ALA C 116 -21.77 -8.29 17.70
C ALA C 116 -22.45 -9.26 16.77
N VAL C 117 -23.77 -9.36 16.90
CA VAL C 117 -24.60 -10.10 15.97
C VAL C 117 -25.38 -9.11 15.12
N VAL C 118 -25.19 -9.21 13.80
CA VAL C 118 -25.89 -8.37 12.85
C VAL C 118 -26.95 -9.20 12.14
N THR C 119 -28.16 -8.66 12.01
CA THR C 119 -29.26 -9.35 11.36
C THR C 119 -29.67 -8.64 10.09
N HIS C 120 -30.29 -9.39 9.17
CA HIS C 120 -30.53 -8.91 7.81
C HIS C 120 -31.43 -7.68 7.75
N ASP C 121 -32.18 -7.43 8.83
CA ASP C 121 -33.01 -6.22 8.92
C ASP C 121 -32.18 -5.00 9.32
N GLY C 122 -30.86 -5.17 9.38
CA GLY C 122 -29.96 -4.09 9.72
C GLY C 122 -29.80 -3.86 11.22
N SER C 123 -30.41 -4.72 12.03
CA SER C 123 -30.32 -4.53 13.48
C SER C 123 -29.07 -5.19 14.04
N VAL C 124 -28.55 -4.62 15.10
CA VAL C 124 -27.36 -5.11 15.75
C VAL C 124 -27.65 -5.41 17.21
N MET C 125 -27.16 -6.55 17.68
CA MET C 125 -27.19 -6.84 19.10
C MET C 125 -25.77 -7.01 19.62
N PHE C 126 -25.47 -6.30 20.69
CA PHE C 126 -24.13 -6.28 21.27
C PHE C 126 -24.31 -6.29 22.77
N ILE C 127 -23.76 -7.30 23.43
CA ILE C 127 -23.96 -7.48 24.85
C ILE C 127 -22.65 -7.69 25.62
N PRO C 128 -21.92 -6.59 25.88
CA PRO C 128 -20.71 -6.68 26.71
C PRO C 128 -21.03 -6.99 28.16
N ALA C 129 -20.32 -7.93 28.77
CA ALA C 129 -20.39 -8.09 30.22
C ALA C 129 -19.37 -7.15 30.81
N GLN C 130 -19.74 -6.48 31.91
CA GLN C 130 -18.88 -5.46 32.51
C GLN C 130 -18.88 -5.57 34.03
N ARG C 131 -17.75 -5.19 34.63
CA ARG C 131 -17.71 -4.86 36.03
C ARG C 131 -17.52 -3.36 36.19
N LEU C 132 -18.39 -2.75 36.96
CA LEU C 132 -18.38 -1.31 37.12
C LEU C 132 -18.29 -0.90 38.59
N SER C 133 -17.39 0.02 38.91
CA SER C 133 -17.42 0.70 40.21
C SER C 133 -18.09 2.04 40.03
N PHE C 134 -19.14 2.31 40.78
CA PHE C 134 -19.81 3.59 40.64
C PHE C 134 -20.10 4.24 42.00
N MET C 135 -20.43 5.52 41.98
CA MET C 135 -20.66 6.29 43.21
C MET C 135 -21.93 5.85 43.92
N CYS C 136 -21.78 5.35 45.13
CA CYS C 136 -22.92 4.81 45.85
C CYS C 136 -22.67 4.75 47.35
N ASP C 137 -23.61 5.30 48.11
CA ASP C 137 -23.55 5.28 49.57
C ASP C 137 -24.34 4.07 50.08
N PRO C 138 -23.63 3.06 50.60
CA PRO C 138 -24.29 1.82 51.02
C PRO C 138 -24.90 1.87 52.43
N THR C 139 -25.05 3.06 53.02
CA THR C 139 -25.68 3.15 54.34
C THR C 139 -27.09 2.58 54.35
N GLY C 140 -27.39 1.74 55.34
CA GLY C 140 -28.66 1.06 55.41
C GLY C 140 -28.66 -0.35 54.85
N VAL C 141 -27.55 -0.75 54.24
CA VAL C 141 -27.47 -2.06 53.60
C VAL C 141 -27.48 -3.20 54.63
N ASP C 142 -27.09 -2.90 55.87
CA ASP C 142 -27.15 -3.89 56.94
C ASP C 142 -28.49 -3.83 57.67
N SER C 143 -29.52 -3.38 56.97
CA SER C 143 -30.85 -3.24 57.56
C SER C 143 -31.89 -3.87 56.66
N GLU C 144 -33.10 -4.01 57.18
CA GLU C 144 -34.17 -4.65 56.43
C GLU C 144 -34.57 -3.84 55.22
N GLU C 145 -34.55 -2.51 55.35
CA GLU C 145 -34.91 -1.62 54.25
C GLU C 145 -33.80 -1.56 53.20
N GLY C 146 -32.56 -1.80 53.63
CA GLY C 146 -31.45 -1.89 52.71
C GLY C 146 -31.00 -0.53 52.20
N ALA C 147 -30.12 -0.55 51.21
CA ALA C 147 -29.62 0.68 50.61
C ALA C 147 -30.16 0.85 49.21
N THR C 148 -30.17 2.09 48.73
CA THR C 148 -30.61 2.37 47.37
C THR C 148 -29.53 3.11 46.62
N CYS C 149 -29.22 2.67 45.42
CA CYS C 149 -28.26 3.42 44.60
C CYS C 149 -28.72 3.50 43.17
N ALA C 150 -28.17 4.49 42.46
CA ALA C 150 -28.55 4.79 41.09
C ALA C 150 -27.34 5.19 40.24
N VAL C 151 -27.35 4.80 38.98
CA VAL C 151 -26.34 5.22 38.03
C VAL C 151 -27.00 5.41 36.65
N LYS C 152 -26.69 6.53 36.00
CA LYS C 152 -27.20 6.83 34.66
C LYS C 152 -26.25 6.36 33.57
N PHE C 153 -26.84 5.91 32.47
CA PHE C 153 -26.11 5.44 31.31
C PHE C 153 -26.59 6.21 30.11
N GLY C 154 -25.67 6.69 29.29
CA GLY C 154 -26.05 7.34 28.06
C GLY C 154 -24.87 7.65 27.19
N SER C 155 -25.15 8.24 26.03
CA SER C 155 -24.09 8.72 25.16
C SER C 155 -23.24 9.78 25.87
N TRP C 156 -21.94 9.77 25.63
CA TRP C 156 -21.08 10.79 26.20
C TRP C 156 -21.19 12.08 25.40
N VAL C 157 -21.31 11.96 24.07
CA VAL C 157 -21.19 13.15 23.22
C VAL C 157 -22.36 13.40 22.26
N TYR C 158 -23.33 12.49 22.22
CA TYR C 158 -24.49 12.71 21.35
C TYR C 158 -25.69 13.13 22.16
N SER C 159 -26.46 14.10 21.63
CA SER C 159 -27.67 14.55 22.30
C SER C 159 -28.82 13.68 21.87
N GLY C 160 -29.99 13.94 22.46
CA GLY C 160 -31.20 13.24 22.08
C GLY C 160 -31.61 13.52 20.64
N PHE C 161 -30.99 14.51 20.03
CA PHE C 161 -31.20 14.80 18.61
C PHE C 161 -30.50 13.77 17.70
N GLU C 162 -29.43 13.16 18.19
CA GLU C 162 -28.71 12.21 17.34
C GLU C 162 -28.88 10.78 17.81
N ILE C 163 -28.92 10.57 19.12
CA ILE C 163 -29.19 9.26 19.69
C ILE C 163 -30.31 9.34 20.72
N ASP C 164 -31.40 8.63 20.46
CA ASP C 164 -32.46 8.47 21.42
C ASP C 164 -32.19 7.14 22.10
N LEU C 165 -32.66 6.99 23.34
CA LEU C 165 -32.56 5.71 24.04
C LEU C 165 -33.92 5.17 24.39
N LYS C 166 -34.02 3.86 24.54
CA LYS C 166 -35.16 3.29 25.24
C LYS C 166 -34.77 1.99 25.87
N THR C 167 -35.66 1.51 26.75
CA THR C 167 -35.50 0.20 27.39
C THR C 167 -36.54 -0.72 26.77
N ASP C 168 -36.38 -2.03 26.85
CA ASP C 168 -37.49 -2.88 26.37
C ASP C 168 -38.41 -3.20 27.53
N THR C 169 -37.89 -3.05 28.74
CA THR C 169 -38.69 -3.21 29.94
C THR C 169 -38.19 -2.29 31.04
N ASP C 170 -39.06 -1.92 31.97
CA ASP C 170 -38.67 -1.09 33.11
C ASP C 170 -37.89 -1.91 34.12
N GLN C 171 -38.13 -3.21 34.11
CA GLN C 171 -37.53 -4.12 35.07
C GLN C 171 -36.19 -4.67 34.61
N VAL C 172 -35.18 -4.55 35.46
CA VAL C 172 -33.90 -5.18 35.20
C VAL C 172 -34.06 -6.71 35.26
N ASP C 173 -33.36 -7.40 34.37
CA ASP C 173 -33.37 -8.87 34.37
C ASP C 173 -32.58 -9.41 35.56
N LEU C 174 -33.26 -10.03 36.52
CA LEU C 174 -32.57 -10.62 37.66
C LEU C 174 -32.51 -12.16 37.58
N SER C 175 -32.86 -12.71 36.43
CA SER C 175 -32.96 -14.17 36.29
C SER C 175 -31.60 -14.85 36.33
N SER C 176 -30.52 -14.07 36.24
CA SER C 176 -29.16 -14.61 36.35
C SER C 176 -28.40 -14.03 37.54
N TYR C 177 -29.11 -13.40 38.47
CA TYR C 177 -28.44 -12.80 39.61
C TYR C 177 -27.89 -13.91 40.52
N TYR C 178 -26.65 -13.76 40.94
CA TYR C 178 -25.96 -14.80 41.70
C TYR C 178 -26.64 -15.07 43.04
N ALA C 179 -27.14 -16.30 43.20
CA ALA C 179 -27.96 -16.65 44.35
C ALA C 179 -27.23 -16.60 45.68
N SER C 180 -25.91 -16.73 45.67
CA SER C 180 -25.16 -16.67 46.92
C SER C 180 -24.29 -15.42 47.03
N SER C 181 -24.71 -14.33 46.39
CA SER C 181 -24.05 -13.04 46.51
C SER C 181 -24.10 -12.60 47.97
N LYS C 182 -23.18 -11.72 48.38
CA LYS C 182 -23.25 -11.13 49.70
C LYS C 182 -24.49 -10.26 49.84
N TYR C 183 -25.01 -9.79 48.72
CA TYR C 183 -26.14 -8.87 48.71
C TYR C 183 -27.35 -9.43 47.97
N GLU C 184 -28.51 -9.32 48.60
CA GLU C 184 -29.79 -9.61 47.95
C GLU C 184 -30.35 -8.37 47.25
N ILE C 185 -30.98 -8.57 46.10
CA ILE C 185 -31.66 -7.48 45.41
C ILE C 185 -33.09 -7.35 45.88
N LEU C 186 -33.46 -6.16 46.33
CA LEU C 186 -34.84 -5.93 46.73
C LEU C 186 -35.64 -5.36 45.57
N SER C 187 -34.97 -4.57 44.72
CA SER C 187 -35.55 -4.19 43.44
C SER C 187 -34.49 -3.57 42.52
N ALA C 188 -34.75 -3.63 41.22
CA ALA C 188 -33.82 -3.17 40.21
C ALA C 188 -34.62 -2.72 39.00
N THR C 189 -34.60 -1.41 38.75
CA THR C 189 -35.33 -0.85 37.63
C THR C 189 -34.38 -0.09 36.71
N GLN C 190 -34.81 0.07 35.46
CA GLN C 190 -34.07 0.79 34.44
C GLN C 190 -35.05 1.70 33.73
N THR C 191 -34.82 3.00 33.79
CA THR C 191 -35.81 3.94 33.28
C THR C 191 -35.20 5.00 32.36
N ARG C 192 -35.79 5.16 31.19
CA ARG C 192 -35.47 6.25 30.29
C ARG C 192 -35.80 7.61 30.96
N GLN C 193 -34.84 8.54 30.92
CA GLN C 193 -35.08 9.88 31.43
C GLN C 193 -34.83 10.90 30.34
N VAL C 194 -35.61 11.97 30.33
CA VAL C 194 -35.42 13.09 29.42
C VAL C 194 -34.93 14.25 30.26
N GLN C 195 -33.79 14.81 29.89
CA GLN C 195 -33.15 15.87 30.66
C GLN C 195 -33.10 17.18 29.87
N HIS C 196 -33.46 18.28 30.52
CA HIS C 196 -33.16 19.62 30.01
C HIS C 196 -32.01 20.22 30.82
N TYR C 197 -30.93 20.54 30.13
CA TYR C 197 -29.80 21.19 30.78
C TYR C 197 -29.71 22.64 30.30
N SER C 198 -29.50 23.55 31.24
CA SER C 198 -29.50 24.97 30.93
C SER C 198 -28.43 25.34 29.90
N CYS C 199 -27.34 24.59 29.88
CA CYS C 199 -26.23 24.87 28.98
C CYS C 199 -26.57 24.72 27.51
N CYS C 200 -27.52 23.84 27.21
CA CYS C 200 -27.68 23.35 25.84
C CYS C 200 -29.12 23.38 25.35
N PRO C 201 -29.33 23.72 24.08
CA PRO C 201 -30.68 23.74 23.51
C PRO C 201 -31.25 22.34 23.31
N GLU C 202 -30.38 21.34 23.21
CA GLU C 202 -30.79 19.99 22.83
C GLU C 202 -31.30 19.19 24.02
N PRO C 203 -32.30 18.35 23.80
CA PRO C 203 -32.69 17.42 24.87
C PRO C 203 -31.62 16.36 25.10
N TYR C 204 -31.42 15.94 26.34
CA TYR C 204 -30.54 14.81 26.60
C TYR C 204 -31.30 13.64 27.22
N ILE C 205 -30.85 12.45 26.88
CA ILE C 205 -31.53 11.22 27.29
C ILE C 205 -30.55 10.29 27.99
N ASP C 206 -31.00 9.67 29.06
CA ASP C 206 -30.20 8.64 29.67
C ASP C 206 -31.11 7.53 30.15
N VAL C 207 -30.50 6.42 30.53
CA VAL C 207 -31.25 5.37 31.20
C VAL C 207 -30.74 5.30 32.62
N ASN C 208 -31.66 5.39 33.56
CA ASN C 208 -31.29 5.41 34.95
C ASN C 208 -31.49 4.05 35.61
N LEU C 209 -30.38 3.45 36.05
CA LEU C 209 -30.41 2.15 36.70
C LEU C 209 -30.47 2.34 38.20
N VAL C 210 -31.54 1.86 38.82
CA VAL C 210 -31.74 2.02 40.25
C VAL C 210 -31.86 0.65 40.93
N VAL C 211 -31.03 0.44 41.94
CA VAL C 211 -30.96 -0.84 42.62
C VAL C 211 -31.08 -0.66 44.12
N LYS C 212 -32.01 -1.40 44.72
CA LYS C 212 -32.18 -1.43 46.15
C LYS C 212 -31.73 -2.79 46.61
N PHE C 213 -30.83 -2.84 47.59
CA PHE C 213 -30.18 -4.08 47.98
C PHE C 213 -29.84 -4.08 49.47
N ARG C 214 -29.60 -5.27 50.01
CA ARG C 214 -29.22 -5.40 51.42
C ARG C 214 -28.38 -6.65 51.64
N GLU C 215 -27.67 -6.69 52.76
CA GLU C 215 -26.87 -7.86 53.09
C GLU C 215 -27.76 -9.08 53.19
N ARG C 216 -27.38 -10.15 52.50
CA ARG C 216 -28.11 -11.42 52.55
C ARG C 216 -28.21 -11.92 53.98
N TYR D 2 27.39 -26.75 3.63
CA TYR D 2 26.48 -25.90 2.88
C TYR D 2 25.24 -26.69 2.49
N LYS D 3 25.39 -28.00 2.34
CA LYS D 3 24.26 -28.85 2.01
C LYS D 3 23.23 -28.83 3.15
N ASP D 4 23.71 -28.89 4.39
CA ASP D 4 22.81 -28.86 5.54
C ASP D 4 22.06 -27.52 5.62
N ASP D 5 22.79 -26.42 5.42
CA ASP D 5 22.16 -25.10 5.36
C ASP D 5 21.04 -25.04 4.34
N ASP D 6 21.27 -25.66 3.18
CA ASP D 6 20.25 -25.70 2.14
C ASP D 6 19.02 -26.50 2.60
N ASP D 7 19.27 -27.66 3.21
CA ASP D 7 18.20 -28.52 3.71
C ASP D 7 17.31 -27.82 4.73
N LYS D 8 17.94 -27.13 5.68
CA LYS D 8 17.19 -26.36 6.67
C LYS D 8 16.31 -25.34 5.96
N LEU D 9 16.89 -24.57 5.06
CA LEU D 9 16.15 -23.63 4.23
C LEU D 9 15.00 -24.31 3.50
N HIS D 10 15.24 -25.53 3.05
CA HIS D 10 14.22 -26.36 2.39
C HIS D 10 13.01 -26.64 3.28
N SER D 11 13.24 -27.10 4.51
CA SER D 11 12.10 -27.43 5.37
C SER D 11 11.37 -26.16 5.79
N GLN D 12 12.14 -25.09 6.00
CA GLN D 12 11.56 -23.82 6.34
C GLN D 12 10.65 -23.33 5.21
N ALA D 13 11.11 -23.46 3.97
CA ALA D 13 10.29 -23.02 2.84
C ALA D 13 9.04 -23.88 2.71
N ASN D 14 9.16 -25.18 2.97
CA ASN D 14 7.98 -26.04 2.93
C ASN D 14 6.94 -25.63 3.96
N LEU D 15 7.39 -25.32 5.18
CA LEU D 15 6.44 -24.89 6.22
C LEU D 15 5.82 -23.54 5.86
N MET D 16 6.63 -22.60 5.38
CA MET D 16 6.11 -21.28 5.00
C MET D 16 5.14 -21.40 3.85
N ARG D 17 5.42 -22.31 2.92
CA ARG D 17 4.53 -22.56 1.79
C ARG D 17 3.20 -23.13 2.28
N LEU D 18 3.25 -24.03 3.25
CA LEU D 18 2.02 -24.62 3.78
C LEU D 18 1.16 -23.54 4.42
N LYS D 19 1.76 -22.80 5.36
CA LYS D 19 1.07 -21.74 6.07
C LYS D 19 0.54 -20.67 5.13
N SER D 20 1.34 -20.29 4.13
CA SER D 20 0.89 -19.31 3.17
C SER D 20 -0.32 -19.85 2.41
N ASP D 21 -0.28 -21.13 2.04
CA ASP D 21 -1.39 -21.74 1.33
C ASP D 21 -2.66 -21.79 2.20
N LEU D 22 -2.52 -22.16 3.46
CA LEU D 22 -3.71 -22.27 4.31
C LEU D 22 -4.26 -20.89 4.67
N PHE D 23 -3.39 -19.92 4.89
CA PHE D 23 -3.85 -18.62 5.38
C PHE D 23 -4.28 -17.70 4.25
N ASN D 24 -4.17 -18.18 3.01
CA ASN D 24 -4.67 -17.41 1.88
C ASN D 24 -5.75 -18.12 1.09
N ARG D 25 -6.29 -19.20 1.67
CA ARG D 25 -7.39 -19.94 1.04
C ARG D 25 -8.56 -19.00 0.85
N SER D 26 -9.31 -19.21 -0.23
CA SER D 26 -10.41 -18.33 -0.56
C SER D 26 -11.76 -18.91 -0.11
N MET D 28 -11.83 -17.87 2.76
CA MET D 28 -11.46 -17.56 4.14
C MET D 28 -12.54 -18.05 5.11
N TYR D 29 -12.13 -18.75 6.16
CA TYR D 29 -13.09 -19.24 7.15
C TYR D 29 -13.67 -18.09 7.98
N PRO D 30 -14.97 -17.83 7.82
CA PRO D 30 -15.63 -16.71 8.49
C PRO D 30 -16.22 -17.07 9.86
N GLY D 31 -15.79 -18.20 10.41
CA GLY D 31 -16.34 -18.67 11.67
C GLY D 31 -17.53 -19.56 11.40
N PRO D 32 -18.05 -20.22 12.43
CA PRO D 32 -19.15 -21.15 12.21
C PRO D 32 -20.48 -20.44 11.98
N THR D 33 -21.40 -21.14 11.31
CA THR D 33 -22.72 -20.63 10.98
C THR D 33 -23.72 -21.78 11.09
N LYS D 34 -25.01 -21.46 11.04
CA LYS D 34 -26.03 -22.51 11.09
C LYS D 34 -25.84 -23.47 9.92
N ASP D 35 -25.35 -22.97 8.79
CA ASP D 35 -25.11 -23.80 7.62
C ASP D 35 -23.82 -24.60 7.69
N ASP D 36 -22.91 -24.17 8.56
CA ASP D 36 -21.60 -24.78 8.70
C ASP D 36 -21.24 -24.81 10.18
N PRO D 37 -21.98 -25.59 10.97
CA PRO D 37 -21.81 -25.56 12.43
C PRO D 37 -20.54 -26.28 12.86
N LEU D 38 -20.08 -25.95 14.07
CA LEU D 38 -18.79 -26.44 14.54
C LEU D 38 -18.92 -27.07 15.91
N THR D 39 -18.22 -28.18 16.13
CA THR D 39 -18.14 -28.77 17.44
C THR D 39 -16.82 -28.47 18.11
N VAL D 40 -16.91 -27.91 19.31
CA VAL D 40 -15.74 -27.60 20.10
C VAL D 40 -15.74 -28.47 21.33
N THR D 41 -14.67 -29.24 21.51
CA THR D 41 -14.48 -30.01 22.73
C THR D 41 -13.64 -29.25 23.74
N LEU D 42 -14.10 -29.27 24.99
CA LEU D 42 -13.41 -28.61 26.10
C LEU D 42 -12.95 -29.64 27.11
N GLY D 43 -11.80 -29.39 27.72
CA GLY D 43 -11.32 -30.21 28.81
C GLY D 43 -10.62 -29.28 29.78
N PHE D 44 -10.92 -29.40 31.06
CA PHE D 44 -10.30 -28.52 32.05
C PHE D 44 -9.29 -29.25 32.92
N THR D 45 -8.13 -28.63 33.06
CA THR D 45 -7.11 -29.10 33.98
C THR D 45 -6.98 -28.06 35.09
N LEU D 46 -7.37 -28.42 36.30
CA LEU D 46 -7.34 -27.49 37.41
C LEU D 46 -5.97 -27.51 38.08
N GLN D 47 -5.27 -26.39 38.04
CA GLN D 47 -3.92 -26.34 38.61
C GLN D 47 -3.89 -25.83 40.05
N ASP D 48 -4.77 -24.91 40.42
CA ASP D 48 -4.69 -24.31 41.75
C ASP D 48 -5.93 -23.51 42.08
N ILE D 49 -6.42 -23.63 43.31
CA ILE D 49 -7.29 -22.63 43.87
C ILE D 49 -6.41 -21.70 44.69
N VAL D 50 -6.23 -20.47 44.20
CA VAL D 50 -5.28 -19.55 44.82
C VAL D 50 -5.85 -18.87 46.05
N LYS D 51 -7.08 -18.38 45.94
CA LYS D 51 -7.63 -17.50 46.96
C LYS D 51 -9.15 -17.63 47.01
N ALA D 52 -9.68 -17.71 48.22
CA ALA D 52 -11.12 -17.63 48.45
C ALA D 52 -11.40 -16.37 49.28
N ASP D 53 -12.27 -15.50 48.76
CA ASP D 53 -12.53 -14.22 49.40
C ASP D 53 -13.95 -14.22 49.96
N SER D 54 -14.06 -14.39 51.27
CA SER D 54 -15.36 -14.50 51.91
C SER D 54 -16.00 -13.15 52.14
N SER D 55 -15.23 -12.07 52.00
CA SER D 55 -15.82 -10.74 52.12
C SER D 55 -16.57 -10.34 50.85
N THR D 56 -16.18 -10.91 49.71
CA THR D 56 -16.82 -10.55 48.44
C THR D 56 -17.45 -11.73 47.70
N ASN D 57 -17.28 -12.93 48.23
CA ASN D 57 -17.69 -14.17 47.54
C ASN D 57 -17.15 -14.27 46.10
N GLU D 58 -15.82 -14.20 46.04
CA GLU D 58 -15.03 -14.37 44.82
C GLU D 58 -13.93 -15.38 45.09
N VAL D 59 -13.80 -16.37 44.20
CA VAL D 59 -12.70 -17.33 44.32
C VAL D 59 -11.80 -17.24 43.08
N ASP D 60 -10.51 -17.44 43.29
CA ASP D 60 -9.54 -17.31 42.19
C ASP D 60 -8.96 -18.67 41.84
N LEU D 61 -9.17 -19.09 40.59
CA LEU D 61 -8.63 -20.35 40.06
C LEU D 61 -7.53 -20.15 39.05
N VAL D 62 -6.60 -21.10 39.01
CA VAL D 62 -5.67 -21.25 37.89
C VAL D 62 -5.95 -22.60 37.23
N TYR D 63 -6.23 -22.59 35.93
CA TYR D 63 -6.52 -23.83 35.18
C TYR D 63 -6.00 -23.72 33.75
N TRP D 64 -5.88 -24.85 33.06
CA TRP D 64 -5.61 -24.87 31.64
C TRP D 64 -6.87 -25.28 30.95
N GLU D 65 -7.28 -24.50 29.95
CA GLU D 65 -8.50 -24.80 29.23
C GLU D 65 -8.18 -25.38 27.87
N GLN D 66 -8.30 -26.70 27.74
CA GLN D 66 -8.00 -27.33 26.47
C GLN D 66 -9.16 -27.14 25.51
N GLN D 67 -8.90 -26.58 24.34
CA GLN D 67 -9.92 -26.44 23.32
C GLN D 67 -9.50 -27.20 22.08
N ARG D 68 -10.43 -27.96 21.51
CA ARG D 68 -10.16 -28.69 20.27
C ARG D 68 -11.31 -28.54 19.30
N TRP D 69 -10.96 -28.32 18.03
CA TRP D 69 -11.93 -28.32 16.95
C TRP D 69 -11.27 -28.76 15.65
N LYS D 70 -12.08 -28.93 14.62
CA LYS D 70 -11.58 -29.41 13.33
C LYS D 70 -12.23 -28.62 12.20
N LEU D 71 -11.40 -28.13 11.27
CA LEU D 71 -11.87 -27.43 10.07
C LEU D 71 -11.36 -28.06 8.76
N ASN D 72 -12.25 -28.22 7.79
CA ASN D 72 -11.86 -28.67 6.46
C ASN D 72 -10.81 -27.77 5.85
N SER D 73 -10.95 -26.47 6.09
CA SER D 73 -10.11 -25.48 5.45
C SER D 73 -8.69 -25.52 5.98
N LEU D 74 -8.48 -26.30 7.03
CA LEU D 74 -7.14 -26.44 7.60
C LEU D 74 -6.49 -27.80 7.30
N MET D 75 -7.13 -28.62 6.47
CA MET D 75 -6.56 -29.92 6.10
C MET D 75 -5.51 -29.77 5.01
N TRP D 76 -4.46 -30.59 5.07
CA TRP D 76 -3.54 -30.73 3.94
C TRP D 76 -3.00 -32.16 3.82
N ASP D 77 -2.50 -32.48 2.64
CA ASP D 77 -1.77 -33.71 2.41
C ASP D 77 -0.29 -33.52 2.71
N PRO D 78 0.21 -34.16 3.77
CA PRO D 78 1.62 -34.05 4.14
C PRO D 78 2.56 -34.32 2.95
N ASN D 79 2.19 -35.24 2.07
CA ASN D 79 2.99 -35.51 0.87
C ASN D 79 3.22 -34.30 -0.03
N GLU D 80 2.26 -33.38 -0.04
CA GLU D 80 2.37 -32.19 -0.89
C GLU D 80 3.19 -31.11 -0.21
N TYR D 81 3.52 -31.29 1.06
CA TYR D 81 4.17 -30.25 1.84
C TYR D 81 5.34 -30.79 2.67
N GLY D 82 6.22 -31.54 2.01
CA GLY D 82 7.46 -31.97 2.64
C GLY D 82 7.27 -32.91 3.80
N ASN D 83 6.15 -33.63 3.82
CA ASN D 83 5.82 -34.58 4.88
C ASN D 83 5.58 -33.93 6.25
N ILE D 84 5.29 -32.64 6.22
CA ILE D 84 4.90 -31.92 7.42
C ILE D 84 3.55 -32.40 7.89
N THR D 85 3.44 -32.81 9.14
CA THR D 85 2.17 -33.36 9.61
C THR D 85 1.45 -32.45 10.60
N ASP D 86 2.15 -31.48 11.16
CA ASP D 86 1.52 -30.48 12.02
C ASP D 86 2.40 -29.25 12.12
N PHE D 87 1.86 -28.16 12.66
CA PHE D 87 2.66 -26.97 12.90
C PHE D 87 2.07 -26.09 14.01
N ARG D 88 2.94 -25.26 14.59
CA ARG D 88 2.55 -24.30 15.59
C ARG D 88 2.33 -22.95 14.95
N THR D 89 1.36 -22.21 15.44
CA THR D 89 1.15 -20.87 14.91
C THR D 89 0.42 -20.03 15.94
N SER D 90 0.72 -18.74 15.95
CA SER D 90 -0.01 -17.79 16.77
C SER D 90 -1.51 -17.98 16.62
N ALA D 91 -2.21 -17.94 17.75
CA ALA D 91 -3.66 -18.07 17.75
C ALA D 91 -4.34 -16.95 16.98
N ALA D 92 -3.62 -15.86 16.73
CA ALA D 92 -4.15 -14.76 15.94
C ALA D 92 -4.15 -15.09 14.44
N ASP D 93 -3.39 -16.10 14.03
CA ASP D 93 -3.36 -16.47 12.61
C ASP D 93 -4.61 -17.26 12.18
N ILE D 94 -5.39 -17.72 13.15
CA ILE D 94 -6.54 -18.55 12.85
C ILE D 94 -7.77 -18.14 13.65
N TRP D 95 -8.93 -18.53 13.16
CA TRP D 95 -10.15 -18.36 13.94
C TRP D 95 -10.05 -19.19 15.20
N THR D 96 -10.50 -18.63 16.32
CA THR D 96 -10.57 -19.41 17.56
C THR D 96 -11.89 -19.14 18.27
N PRO D 97 -12.41 -20.13 19.01
CA PRO D 97 -13.73 -19.93 19.63
C PRO D 97 -13.68 -18.93 20.79
N ASP D 98 -14.77 -18.20 20.96
CA ASP D 98 -14.89 -17.15 21.97
C ASP D 98 -15.43 -17.72 23.29
N ILE D 99 -14.81 -18.80 23.76
CA ILE D 99 -15.24 -19.43 25.00
C ILE D 99 -15.00 -18.51 26.20
N THR D 100 -16.06 -18.27 26.95
CA THR D 100 -16.06 -17.26 28.02
C THR D 100 -16.68 -17.78 29.32
N ALA D 101 -16.07 -17.48 30.45
CA ALA D 101 -16.71 -17.77 31.73
C ALA D 101 -17.90 -16.86 31.90
N TYR D 102 -19.05 -17.41 32.26
CA TYR D 102 -20.28 -16.62 32.34
C TYR D 102 -20.37 -15.82 33.63
N SER D 103 -19.54 -16.13 34.61
CA SER D 103 -19.68 -15.50 35.92
C SER D 103 -18.36 -15.04 36.52
N SER D 104 -17.43 -14.59 35.66
CA SER D 104 -16.21 -13.96 36.13
C SER D 104 -16.52 -12.60 36.78
N THR D 105 -15.66 -12.16 37.68
CA THR D 105 -15.84 -10.86 38.32
C THR D 105 -14.68 -9.93 37.98
N ARG D 106 -13.70 -10.47 37.26
CA ARG D 106 -12.59 -9.67 36.71
C ARG D 106 -12.24 -10.24 35.37
N PRO D 107 -11.65 -9.42 34.49
CA PRO D 107 -11.16 -9.92 33.20
C PRO D 107 -10.23 -11.11 33.41
N VAL D 108 -10.47 -12.18 32.68
CA VAL D 108 -9.64 -13.35 32.75
C VAL D 108 -8.21 -12.99 32.40
N GLN D 109 -7.25 -13.52 33.13
CA GLN D 109 -5.86 -13.25 32.82
C GLN D 109 -5.22 -14.47 32.18
N VAL D 110 -4.55 -14.26 31.05
CA VAL D 110 -3.91 -15.37 30.36
C VAL D 110 -2.46 -15.51 30.81
N LEU D 111 -2.05 -16.74 31.15
CA LEU D 111 -0.74 -16.99 31.73
C LEU D 111 0.22 -17.62 30.74
N SER D 112 -0.28 -18.01 29.58
CA SER D 112 0.52 -18.77 28.63
C SER D 112 0.53 -18.11 27.26
N PRO D 113 1.54 -18.45 26.45
CA PRO D 113 1.62 -17.97 25.06
C PRO D 113 0.38 -18.32 24.25
N GLN D 114 -0.11 -17.38 23.45
CA GLN D 114 -1.28 -17.68 22.64
C GLN D 114 -0.84 -18.33 21.31
N ILE D 115 -0.52 -19.62 21.39
CA ILE D 115 -0.03 -20.38 20.25
C ILE D 115 -0.84 -21.67 20.15
N ALA D 116 -1.31 -21.98 18.96
CA ALA D 116 -2.08 -23.20 18.74
C ALA D 116 -1.32 -24.19 17.88
N VAL D 117 -1.77 -25.44 17.91
CA VAL D 117 -1.19 -26.48 17.10
C VAL D 117 -2.24 -26.99 16.12
N VAL D 118 -1.85 -27.04 14.86
CA VAL D 118 -2.72 -27.42 13.77
C VAL D 118 -2.15 -28.67 13.13
N THR D 119 -3.00 -29.67 12.93
CA THR D 119 -2.58 -30.98 12.43
C THR D 119 -3.19 -31.22 11.05
N HIS D 120 -2.53 -32.05 10.23
CA HIS D 120 -2.87 -32.17 8.82
C HIS D 120 -4.31 -32.62 8.54
N ASP D 121 -4.97 -33.24 9.51
CA ASP D 121 -6.37 -33.62 9.32
C ASP D 121 -7.29 -32.43 9.54
N GLY D 122 -6.73 -31.27 9.83
CA GLY D 122 -7.52 -30.07 10.06
C GLY D 122 -7.92 -29.81 11.51
N SER D 123 -7.43 -30.64 12.42
CA SER D 123 -7.76 -30.46 13.82
C SER D 123 -6.82 -29.45 14.49
N VAL D 124 -7.35 -28.73 15.48
CA VAL D 124 -6.63 -27.69 16.17
C VAL D 124 -6.65 -27.98 17.66
N MET D 125 -5.54 -27.74 18.33
CA MET D 125 -5.51 -27.82 19.77
C MET D 125 -4.94 -26.52 20.34
N PHE D 126 -5.71 -25.88 21.20
CA PHE D 126 -5.29 -24.61 21.79
C PHE D 126 -5.56 -24.74 23.28
N ILE D 127 -4.52 -24.51 24.09
CA ILE D 127 -4.60 -24.75 25.52
C ILE D 127 -4.09 -23.56 26.34
N PRO D 128 -4.90 -22.50 26.44
CA PRO D 128 -4.46 -21.37 27.25
C PRO D 128 -4.53 -21.67 28.76
N ALA D 129 -3.48 -21.32 29.48
CA ALA D 129 -3.55 -21.28 30.93
C ALA D 129 -4.16 -19.94 31.37
N GLN D 130 -5.01 -19.97 32.39
CA GLN D 130 -5.75 -18.78 32.79
C GLN D 130 -5.88 -18.62 34.30
N ARG D 131 -5.85 -17.38 34.78
CA ARG D 131 -6.30 -17.12 36.13
C ARG D 131 -7.62 -16.39 36.09
N LEU D 132 -8.61 -16.96 36.77
CA LEU D 132 -9.98 -16.46 36.75
C LEU D 132 -10.50 -16.19 38.16
N SER D 133 -11.06 -15.00 38.36
CA SER D 133 -11.89 -14.73 39.53
C SER D 133 -13.35 -14.89 39.14
N PHE D 134 -14.11 -15.65 39.92
CA PHE D 134 -15.53 -15.85 39.62
C PHE D 134 -16.40 -15.88 40.87
N MET D 135 -17.72 -15.87 40.67
CA MET D 135 -18.68 -15.76 41.74
C MET D 135 -18.74 -17.06 42.52
N CYS D 136 -18.43 -17.00 43.81
CA CYS D 136 -18.30 -18.21 44.63
C CYS D 136 -18.34 -17.89 46.14
N ASP D 137 -19.26 -18.55 46.83
CA ASP D 137 -19.41 -18.44 48.27
C ASP D 137 -18.59 -19.51 48.96
N PRO D 138 -17.46 -19.12 49.58
CA PRO D 138 -16.56 -20.11 50.20
C PRO D 138 -17.02 -20.62 51.56
N THR D 139 -18.23 -20.25 51.97
CA THR D 139 -18.78 -20.72 53.26
C THR D 139 -18.69 -22.24 53.36
N GLY D 140 -18.01 -22.72 54.38
CA GLY D 140 -17.88 -24.15 54.58
C GLY D 140 -16.50 -24.67 54.21
N VAL D 141 -15.67 -23.79 53.67
CA VAL D 141 -14.37 -24.20 53.17
C VAL D 141 -13.48 -24.67 54.33
N ASP D 142 -13.77 -24.15 55.52
CA ASP D 142 -13.03 -24.53 56.72
C ASP D 142 -13.68 -25.69 57.48
N SER D 143 -14.53 -26.46 56.80
CA SER D 143 -15.14 -27.65 57.39
C SER D 143 -14.81 -28.90 56.57
N GLU D 144 -15.15 -30.09 57.09
CA GLU D 144 -14.80 -31.32 56.39
C GLU D 144 -15.55 -31.47 55.07
N GLU D 145 -16.79 -30.98 55.03
CA GLU D 145 -17.63 -31.01 53.83
C GLU D 145 -17.14 -30.01 52.77
N GLY D 146 -16.50 -28.95 53.23
CA GLY D 146 -15.91 -27.98 52.33
C GLY D 146 -16.97 -27.13 51.68
N ALA D 147 -16.58 -26.43 50.62
CA ALA D 147 -17.51 -25.56 49.91
C ALA D 147 -17.63 -26.04 48.47
N THR D 148 -18.78 -25.75 47.85
CA THR D 148 -18.98 -26.10 46.46
C THR D 148 -19.32 -24.88 45.61
N CYS D 149 -18.60 -24.70 44.51
CA CYS D 149 -18.92 -23.63 43.60
C CYS D 149 -18.94 -24.11 42.16
N ALA D 150 -19.47 -23.27 41.28
CA ALA D 150 -19.65 -23.63 39.89
C ALA D 150 -19.48 -22.42 38.99
N VAL D 151 -18.91 -22.64 37.80
CA VAL D 151 -18.86 -21.61 36.78
C VAL D 151 -19.06 -22.23 35.40
N LYS D 152 -19.89 -21.57 34.61
CA LYS D 152 -20.19 -22.04 33.26
C LYS D 152 -19.23 -21.44 32.24
N PHE D 153 -18.83 -22.26 31.27
CA PHE D 153 -18.04 -21.80 30.14
C PHE D 153 -18.80 -22.04 28.85
N GLY D 154 -18.90 -21.02 28.02
CA GLY D 154 -19.50 -21.20 26.71
C GLY D 154 -19.13 -20.10 25.74
N SER D 155 -19.50 -20.28 24.48
CA SER D 155 -19.37 -19.21 23.49
C SER D 155 -20.14 -18.00 23.97
N TRP D 156 -19.57 -16.82 23.83
CA TRP D 156 -20.32 -15.64 24.19
C TRP D 156 -21.38 -15.31 23.13
N VAL D 157 -21.07 -15.48 21.85
CA VAL D 157 -21.99 -14.95 20.86
C VAL D 157 -22.60 -15.99 19.93
N TYR D 158 -22.07 -17.21 19.95
CA TYR D 158 -22.60 -18.28 19.10
C TYR D 158 -23.57 -19.19 19.85
N SER D 159 -24.75 -19.37 19.28
CA SER D 159 -25.76 -20.25 19.86
C SER D 159 -25.44 -21.71 19.52
N GLY D 160 -26.24 -22.61 20.07
CA GLY D 160 -26.09 -24.03 19.81
C GLY D 160 -26.28 -24.43 18.37
N PHE D 161 -26.79 -23.52 17.55
CA PHE D 161 -26.99 -23.80 16.13
C PHE D 161 -25.70 -23.57 15.35
N GLU D 162 -24.74 -22.91 15.99
CA GLU D 162 -23.47 -22.59 15.35
C GLU D 162 -22.30 -23.29 16.02
N ILE D 163 -22.25 -23.26 17.34
CA ILE D 163 -21.21 -23.99 18.06
C ILE D 163 -21.81 -24.94 19.08
N ASP D 164 -21.65 -26.24 18.84
CA ASP D 164 -21.96 -27.20 19.90
C ASP D 164 -20.71 -27.39 20.75
N LEU D 165 -20.91 -27.36 22.05
CA LEU D 165 -19.84 -27.67 22.97
C LEU D 165 -19.99 -29.07 23.47
N LYS D 166 -18.88 -29.77 23.65
CA LYS D 166 -18.90 -31.10 24.26
C LYS D 166 -17.72 -31.25 25.19
N THR D 167 -17.84 -32.19 26.13
CA THR D 167 -16.67 -32.72 26.82
C THR D 167 -16.39 -34.12 26.28
N ASP D 168 -15.25 -34.68 26.70
CA ASP D 168 -14.81 -36.05 26.42
C ASP D 168 -15.01 -36.93 27.64
N THR D 169 -15.03 -36.26 28.79
CA THR D 169 -15.07 -36.90 30.08
C THR D 169 -15.68 -35.92 31.08
N ASP D 170 -16.37 -36.46 32.08
CA ASP D 170 -16.85 -35.66 33.20
C ASP D 170 -15.71 -35.23 34.10
N GLN D 171 -14.61 -35.97 34.08
CA GLN D 171 -13.56 -35.80 35.08
C GLN D 171 -12.63 -34.63 34.77
N VAL D 172 -12.66 -33.62 35.61
CA VAL D 172 -11.68 -32.53 35.50
C VAL D 172 -10.32 -33.12 35.84
N ASP D 173 -9.32 -32.84 35.02
CA ASP D 173 -7.99 -33.39 35.22
C ASP D 173 -7.33 -32.72 36.42
N LEU D 174 -7.02 -33.51 37.45
CA LEU D 174 -6.45 -32.97 38.67
C LEU D 174 -5.05 -33.47 38.91
N SER D 175 -4.46 -34.10 37.91
CA SER D 175 -3.16 -34.74 38.07
C SER D 175 -2.02 -33.73 38.14
N SER D 176 -2.27 -32.48 37.76
CA SER D 176 -1.29 -31.39 37.97
C SER D 176 -1.72 -30.37 39.03
N TYR D 177 -2.65 -30.74 39.91
CA TYR D 177 -3.11 -29.80 40.94
C TYR D 177 -2.02 -29.55 41.97
N TYR D 178 -1.80 -28.29 42.32
CA TYR D 178 -0.70 -27.95 43.24
C TYR D 178 -0.85 -28.62 44.60
N ALA D 179 0.10 -29.50 44.93
CA ALA D 179 0.00 -30.32 46.13
C ALA D 179 0.05 -29.53 47.43
N SER D 180 0.63 -28.32 47.41
CA SER D 180 0.67 -27.51 48.63
C SER D 180 -0.20 -26.26 48.55
N SER D 181 -1.22 -26.30 47.69
CA SER D 181 -2.23 -25.25 47.62
C SER D 181 -2.84 -24.98 49.00
N LYS D 182 -3.41 -23.80 49.21
CA LYS D 182 -4.11 -23.53 50.46
C LYS D 182 -5.41 -24.34 50.51
N TYR D 183 -5.82 -24.87 49.37
CA TYR D 183 -7.09 -25.56 49.29
C TYR D 183 -6.92 -26.90 48.60
N GLU D 184 -7.51 -27.95 49.16
CA GLU D 184 -7.48 -29.25 48.49
C GLU D 184 -8.82 -29.51 47.80
N ILE D 185 -8.76 -30.21 46.67
CA ILE D 185 -9.94 -30.47 45.86
C ILE D 185 -10.62 -31.77 46.31
N LEU D 186 -11.88 -31.67 46.69
CA LEU D 186 -12.65 -32.85 47.07
C LEU D 186 -13.28 -33.48 45.84
N SER D 187 -13.63 -32.64 44.87
CA SER D 187 -14.37 -33.09 43.70
C SER D 187 -14.33 -32.03 42.61
N ALA D 188 -14.22 -32.45 41.35
CA ALA D 188 -14.26 -31.52 40.23
C ALA D 188 -14.80 -32.19 39.00
N THR D 189 -15.87 -31.63 38.45
CA THR D 189 -16.52 -32.21 37.30
C THR D 189 -16.80 -31.14 36.26
N GLN D 190 -16.87 -31.56 34.99
CA GLN D 190 -17.18 -30.68 33.88
C GLN D 190 -18.36 -31.27 33.10
N THR D 191 -19.45 -30.51 32.98
CA THR D 191 -20.67 -31.08 32.40
C THR D 191 -21.37 -30.15 31.40
N ARG D 192 -21.67 -30.69 30.23
CA ARG D 192 -22.36 -29.93 29.19
C ARG D 192 -23.80 -29.60 29.61
N GLN D 193 -24.25 -28.38 29.30
CA GLN D 193 -25.59 -27.90 29.63
C GLN D 193 -26.19 -27.10 28.49
N VAL D 194 -27.51 -27.11 28.39
CA VAL D 194 -28.22 -26.27 27.44
C VAL D 194 -29.09 -25.28 28.20
N GLN D 195 -29.00 -23.99 27.90
CA GLN D 195 -29.79 -22.99 28.61
C GLN D 195 -30.34 -21.92 27.67
N HIS D 196 -31.49 -21.36 28.01
CA HIS D 196 -32.05 -20.25 27.26
C HIS D 196 -31.93 -18.95 28.03
N TYR D 197 -31.75 -17.85 27.32
CA TYR D 197 -31.60 -16.55 27.95
C TYR D 197 -32.58 -15.54 27.36
N SER D 198 -32.84 -14.47 28.11
CA SER D 198 -33.81 -13.47 27.71
C SER D 198 -33.54 -12.85 26.35
N CYS D 199 -32.27 -12.70 26.01
CA CYS D 199 -31.88 -11.97 24.80
C CYS D 199 -32.33 -12.64 23.50
N CYS D 200 -32.35 -13.96 23.49
CA CYS D 200 -32.43 -14.69 22.24
C CYS D 200 -33.35 -15.91 22.34
N PRO D 201 -33.91 -16.33 21.19
CA PRO D 201 -34.76 -17.52 21.16
C PRO D 201 -33.95 -18.81 21.02
N GLU D 202 -32.68 -18.68 20.62
CA GLU D 202 -31.84 -19.84 20.38
C GLU D 202 -31.22 -20.37 21.68
N PRO D 203 -31.01 -21.70 21.76
CA PRO D 203 -30.32 -22.24 22.93
C PRO D 203 -28.82 -21.91 22.90
N TYR D 204 -28.24 -21.63 24.05
CA TYR D 204 -26.78 -21.47 24.17
C TYR D 204 -26.18 -22.63 25.00
N ILE D 205 -25.05 -23.16 24.56
CA ILE D 205 -24.46 -24.32 25.23
C ILE D 205 -23.31 -23.91 26.12
N ASP D 206 -23.20 -24.53 27.28
CA ASP D 206 -22.06 -24.28 28.15
C ASP D 206 -21.57 -25.57 28.77
N VAL D 207 -20.36 -25.53 29.27
CA VAL D 207 -19.79 -26.60 30.07
C VAL D 207 -19.68 -26.08 31.49
N ASN D 208 -20.34 -26.76 32.41
CA ASN D 208 -20.37 -26.32 33.80
C ASN D 208 -19.24 -26.96 34.59
N LEU D 209 -18.38 -26.13 35.12
CA LEU D 209 -17.25 -26.57 35.93
C LEU D 209 -17.65 -26.49 37.38
N VAL D 210 -17.74 -27.65 38.05
CA VAL D 210 -18.15 -27.70 39.45
C VAL D 210 -17.03 -28.19 40.34
N VAL D 211 -16.66 -27.40 41.34
CA VAL D 211 -15.55 -27.76 42.19
C VAL D 211 -15.90 -27.72 43.67
N LYS D 212 -15.72 -28.86 44.34
CA LYS D 212 -15.86 -28.92 45.79
C LYS D 212 -14.46 -28.87 46.41
N PHE D 213 -14.25 -27.97 47.37
CA PHE D 213 -12.92 -27.76 47.93
C PHE D 213 -12.99 -27.34 49.39
N ARG D 214 -11.88 -27.48 50.11
CA ARG D 214 -11.82 -27.08 51.50
C ARG D 214 -10.37 -26.74 51.89
N GLU D 215 -10.20 -26.00 52.98
CA GLU D 215 -8.85 -25.64 53.45
C GLU D 215 -8.06 -26.89 53.76
N ARG D 216 -6.81 -26.94 53.32
CA ARG D 216 -5.99 -28.14 53.47
C ARG D 216 -5.75 -28.46 54.94
N ASP E 4 33.65 13.52 8.75
CA ASP E 4 33.23 12.86 10.00
C ASP E 4 31.71 12.72 10.04
N ASP E 5 30.99 13.77 9.67
CA ASP E 5 29.56 13.63 9.43
C ASP E 5 29.33 12.59 8.33
N ASP E 6 30.19 12.60 7.32
CA ASP E 6 30.14 11.59 6.25
C ASP E 6 30.47 10.20 6.79
N ASP E 7 31.42 10.12 7.71
CA ASP E 7 31.80 8.83 8.30
C ASP E 7 30.67 8.27 9.16
N LYS E 8 30.03 9.13 9.94
CA LYS E 8 28.90 8.68 10.77
C LYS E 8 27.73 8.20 9.90
N LEU E 9 27.45 8.90 8.81
CA LEU E 9 26.42 8.47 7.88
C LEU E 9 26.84 7.17 7.20
N HIS E 10 28.14 7.02 6.97
CA HIS E 10 28.63 5.80 6.36
C HIS E 10 28.32 4.59 7.26
N SER E 11 28.66 4.67 8.53
CA SER E 11 28.44 3.52 9.43
C SER E 11 26.95 3.30 9.68
N GLN E 12 26.18 4.39 9.68
CA GLN E 12 24.74 4.30 9.85
C GLN E 12 24.11 3.58 8.67
N ALA E 13 24.55 3.93 7.47
CA ALA E 13 24.07 3.28 6.25
C ALA E 13 24.43 1.80 6.24
N ASN E 14 25.65 1.50 6.68
CA ASN E 14 26.06 0.10 6.80
C ASN E 14 25.13 -0.70 7.71
N LEU E 15 24.74 -0.13 8.85
CA LEU E 15 23.85 -0.85 9.76
C LEU E 15 22.46 -1.02 9.15
N MET E 16 21.92 0.06 8.57
CA MET E 16 20.60 -0.01 7.95
C MET E 16 20.58 -1.04 6.82
N ARG E 17 21.64 -1.10 6.04
CA ARG E 17 21.77 -2.09 4.97
C ARG E 17 21.77 -3.51 5.53
N LEU E 18 22.56 -3.74 6.58
CA LEU E 18 22.56 -5.02 7.27
C LEU E 18 21.16 -5.42 7.74
N LYS E 19 20.50 -4.54 8.48
CA LYS E 19 19.18 -4.83 9.00
C LYS E 19 18.17 -5.07 7.88
N SER E 20 18.19 -4.24 6.86
CA SER E 20 17.34 -4.43 5.70
C SER E 20 17.56 -5.80 5.06
N ASP E 21 18.83 -6.18 4.90
CA ASP E 21 19.17 -7.46 4.30
C ASP E 21 18.69 -8.65 5.13
N LEU E 22 18.82 -8.54 6.45
CA LEU E 22 18.44 -9.63 7.33
C LEU E 22 16.94 -9.79 7.45
N PHE E 23 16.23 -8.67 7.56
CA PHE E 23 14.81 -8.74 7.84
C PHE E 23 13.98 -8.85 6.57
N ASN E 24 14.65 -9.17 5.47
CA ASN E 24 13.96 -9.55 4.23
C ASN E 24 14.59 -10.81 3.63
N TYR E 29 11.26 -17.00 8.80
CA TYR E 29 11.50 -18.07 9.76
C TYR E 29 10.18 -18.44 10.44
N PRO E 30 9.73 -19.68 10.23
CA PRO E 30 8.44 -20.14 10.76
C PRO E 30 8.57 -20.75 12.16
N GLY E 31 9.68 -20.51 12.84
CA GLY E 31 9.95 -21.18 14.10
C GLY E 31 10.63 -22.53 13.89
N PRO E 32 11.05 -23.17 14.97
CA PRO E 32 11.78 -24.43 14.88
C PRO E 32 10.85 -25.61 14.56
N THR E 33 11.42 -26.69 14.02
CA THR E 33 10.67 -27.90 13.71
C THR E 33 11.55 -29.12 14.02
N LYS E 34 10.98 -30.32 13.90
CA LYS E 34 11.78 -31.54 14.08
C LYS E 34 12.93 -31.58 13.09
N ASP E 35 12.73 -30.98 11.92
CA ASP E 35 13.73 -30.97 10.85
C ASP E 35 14.72 -29.83 11.00
N ASP E 36 14.32 -28.81 11.74
CA ASP E 36 15.13 -27.61 11.92
C ASP E 36 15.08 -27.20 13.39
N PRO E 37 15.62 -28.04 14.29
CA PRO E 37 15.52 -27.80 15.74
C PRO E 37 16.43 -26.69 16.23
N LEU E 38 16.14 -26.22 17.44
CA LEU E 38 16.81 -25.06 17.98
C LEU E 38 17.13 -25.27 19.46
N THR E 39 18.32 -24.88 19.88
CA THR E 39 18.67 -24.94 21.29
C THR E 39 18.59 -23.57 21.93
N VAL E 40 17.83 -23.47 23.02
CA VAL E 40 17.74 -22.25 23.80
C VAL E 40 18.45 -22.46 25.12
N THR E 41 19.39 -21.56 25.43
CA THR E 41 20.06 -21.63 26.71
C THR E 41 19.43 -20.62 27.66
N LEU E 42 19.10 -21.09 28.84
CA LEU E 42 18.45 -20.30 29.89
C LEU E 42 19.34 -20.15 31.09
N GLY E 43 19.37 -18.95 31.66
CA GLY E 43 19.98 -18.72 32.95
C GLY E 43 19.24 -17.63 33.69
N PHE E 44 19.04 -17.80 35.00
CA PHE E 44 18.40 -16.77 35.81
C PHE E 44 19.39 -15.99 36.65
N THR E 45 19.12 -14.69 36.79
CA THR E 45 19.77 -13.85 37.77
C THR E 45 18.66 -13.46 38.74
N LEU E 46 18.70 -14.03 39.95
CA LEU E 46 17.66 -13.77 40.93
C LEU E 46 17.97 -12.47 41.65
N GLN E 47 17.06 -11.51 41.56
CA GLN E 47 17.30 -10.20 42.15
C GLN E 47 16.66 -10.02 43.51
N ASP E 48 15.49 -10.59 43.73
CA ASP E 48 14.77 -10.32 44.96
C ASP E 48 13.64 -11.32 45.13
N ILE E 49 13.48 -11.84 46.33
CA ILE E 49 12.19 -12.41 46.69
C ILE E 49 11.42 -11.26 47.34
N VAL E 50 10.40 -10.76 46.66
CA VAL E 50 9.75 -9.54 47.13
C VAL E 50 8.75 -9.84 48.21
N LYS E 51 8.02 -10.93 48.02
CA LYS E 51 6.82 -11.22 48.80
C LYS E 51 6.55 -12.72 48.90
N ALA E 52 6.19 -13.15 50.10
CA ALA E 52 5.87 -14.54 50.36
C ALA E 52 4.52 -14.56 51.06
N ASP E 53 3.48 -14.97 50.34
CA ASP E 53 2.13 -14.78 50.82
C ASP E 53 1.59 -16.12 51.32
N SER E 54 1.57 -16.30 52.63
CA SER E 54 1.12 -17.56 53.21
C SER E 54 -0.41 -17.61 53.26
N SER E 55 -1.08 -16.53 52.87
CA SER E 55 -2.52 -16.54 52.84
C SER E 55 -3.04 -17.16 51.54
N THR E 56 -2.22 -17.15 50.48
CA THR E 56 -2.58 -17.72 49.18
C THR E 56 -1.57 -18.75 48.65
N ASN E 57 -0.48 -18.93 49.40
CA ASN E 57 0.67 -19.72 48.94
C ASN E 57 1.12 -19.29 47.55
N GLU E 58 1.50 -18.01 47.47
CA GLU E 58 2.06 -17.40 46.28
C GLU E 58 3.36 -16.71 46.69
N VAL E 59 4.42 -16.89 45.92
CA VAL E 59 5.62 -16.10 46.16
C VAL E 59 5.98 -15.29 44.93
N ASP E 60 6.43 -14.06 45.16
CA ASP E 60 6.75 -13.12 44.07
C ASP E 60 8.27 -12.97 43.92
N LEU E 61 8.78 -13.29 42.72
CA LEU E 61 10.20 -13.17 42.40
C LEU E 61 10.44 -12.08 41.39
N VAL E 62 11.54 -11.33 41.57
CA VAL E 62 12.04 -10.46 40.52
C VAL E 62 13.37 -11.02 40.03
N TYR E 63 13.49 -11.27 38.74
CA TYR E 63 14.70 -11.85 38.17
C TYR E 63 14.99 -11.35 36.76
N TRP E 64 16.22 -11.57 36.31
CA TRP E 64 16.57 -11.40 34.91
C TRP E 64 16.70 -12.77 34.27
N GLU E 65 15.94 -13.00 33.21
CA GLU E 65 15.96 -14.27 32.50
C GLU E 65 16.77 -14.17 31.21
N GLN E 66 17.96 -14.74 31.20
CA GLN E 66 18.80 -14.67 30.01
C GLN E 66 18.44 -15.80 29.05
N GLN E 67 18.08 -15.44 27.82
CA GLN E 67 17.81 -16.44 26.79
C GLN E 67 18.80 -16.25 25.66
N ARG E 68 19.43 -17.33 25.23
CA ARG E 68 20.28 -17.27 24.05
C ARG E 68 19.89 -18.39 23.09
N TRP E 69 19.94 -18.08 21.79
CA TRP E 69 19.73 -19.07 20.75
C TRP E 69 20.38 -18.55 19.48
N LYS E 70 20.53 -19.41 18.49
CA LYS E 70 21.20 -19.03 17.25
C LYS E 70 20.44 -19.48 16.00
N LEU E 71 20.42 -18.62 14.99
CA LEU E 71 19.76 -18.93 13.74
C LEU E 71 20.69 -18.62 12.56
N ASN E 72 20.77 -19.57 11.62
CA ASN E 72 21.47 -19.35 10.36
C ASN E 72 20.97 -18.10 9.68
N SER E 73 19.67 -17.85 9.77
CA SER E 73 19.06 -16.70 9.10
C SER E 73 19.49 -15.34 9.65
N LEU E 74 20.21 -15.34 10.77
CA LEU E 74 20.68 -14.08 11.34
C LEU E 74 22.20 -13.91 11.24
N MET E 75 22.87 -14.79 10.51
CA MET E 75 24.31 -14.70 10.37
C MET E 75 24.68 -13.73 9.28
N TRP E 76 25.85 -13.11 9.39
CA TRP E 76 26.41 -12.32 8.31
C TRP E 76 27.91 -12.23 8.48
N ASP E 77 28.58 -11.90 7.37
CA ASP E 77 30.02 -11.64 7.38
C ASP E 77 30.27 -10.16 7.64
N PRO E 78 30.92 -9.84 8.77
CA PRO E 78 31.19 -8.44 9.12
C PRO E 78 31.94 -7.70 8.01
N ASN E 79 32.83 -8.40 7.32
CA ASN E 79 33.58 -7.84 6.19
C ASN E 79 32.67 -7.27 5.11
N GLU E 80 31.48 -7.85 4.98
CA GLU E 80 30.51 -7.40 3.99
C GLU E 80 29.67 -6.24 4.49
N TYR E 81 29.79 -5.91 5.79
CA TYR E 81 28.96 -4.86 6.38
C TYR E 81 29.74 -3.92 7.28
N GLY E 82 30.79 -3.32 6.74
CA GLY E 82 31.55 -2.33 7.47
C GLY E 82 32.08 -2.80 8.81
N ASN E 83 32.45 -4.07 8.90
CA ASN E 83 32.98 -4.66 10.13
C ASN E 83 31.98 -4.62 11.30
N ILE E 84 30.69 -4.50 11.00
CA ILE E 84 29.70 -4.58 12.07
C ILE E 84 29.63 -6.03 12.58
N THR E 85 29.69 -6.20 13.89
CA THR E 85 29.71 -7.54 14.50
C THR E 85 28.47 -7.85 15.35
N ASP E 86 27.67 -6.84 15.67
CA ASP E 86 26.39 -7.07 16.33
C ASP E 86 25.50 -5.85 16.23
N PHE E 87 24.24 -5.99 16.64
CA PHE E 87 23.35 -4.84 16.69
C PHE E 87 22.21 -5.10 17.67
N ARG E 88 21.52 -4.04 18.05
CA ARG E 88 20.33 -4.16 18.87
C ARG E 88 19.10 -4.03 18.00
N THR E 89 18.07 -4.80 18.32
CA THR E 89 16.82 -4.65 17.61
C THR E 89 15.66 -5.07 18.51
N SER E 90 14.50 -4.44 18.31
CA SER E 90 13.33 -4.78 19.09
C SER E 90 13.00 -6.27 19.00
N ALA E 91 12.69 -6.89 20.13
CA ALA E 91 12.34 -8.31 20.16
C ALA E 91 11.11 -8.62 19.29
N ALA E 92 10.33 -7.61 18.96
CA ALA E 92 9.19 -7.79 18.05
C ALA E 92 9.65 -7.99 16.61
N ASP E 93 10.88 -7.58 16.30
CA ASP E 93 11.36 -7.70 14.93
C ASP E 93 11.85 -9.11 14.60
N ILE E 94 12.00 -9.95 15.62
CA ILE E 94 12.55 -11.28 15.41
C ILE E 94 11.71 -12.35 16.10
N TRP E 95 11.94 -13.60 15.71
CA TRP E 95 11.35 -14.72 16.41
C TRP E 95 11.98 -14.83 17.80
N THR E 96 11.16 -15.12 18.79
CA THR E 96 11.64 -15.39 20.16
C THR E 96 10.93 -16.63 20.70
N PRO E 97 11.61 -17.40 21.56
CA PRO E 97 11.01 -18.64 22.05
C PRO E 97 9.95 -18.41 23.10
N ASP E 98 8.98 -19.32 23.15
CA ASP E 98 7.85 -19.21 24.07
C ASP E 98 8.13 -19.84 25.44
N ILE E 99 9.23 -19.43 26.06
CA ILE E 99 9.61 -19.92 27.38
C ILE E 99 8.66 -19.37 28.46
N THR E 100 8.05 -20.28 29.20
CA THR E 100 6.97 -19.96 30.12
C THR E 100 7.17 -20.63 31.48
N ALA E 101 6.78 -19.95 32.55
CA ALA E 101 6.75 -20.59 33.84
C ALA E 101 5.54 -21.51 33.85
N TYR E 102 5.67 -22.71 34.38
CA TYR E 102 4.57 -23.67 34.31
C TYR E 102 3.61 -23.56 35.49
N SER E 103 3.93 -22.75 36.48
CA SER E 103 3.03 -22.64 37.63
C SER E 103 2.93 -21.21 38.13
N SER E 104 2.90 -20.27 37.20
CA SER E 104 2.61 -18.89 37.55
C SER E 104 1.14 -18.76 37.96
N THR E 105 0.82 -17.73 38.73
CA THR E 105 -0.54 -17.49 39.17
C THR E 105 -1.05 -16.13 38.67
N ARG E 106 -0.14 -15.37 38.07
CA ARG E 106 -0.47 -14.06 37.45
C ARG E 106 0.36 -13.89 36.15
N PRO E 107 -0.15 -13.09 35.20
CA PRO E 107 0.69 -12.80 34.04
C PRO E 107 2.03 -12.18 34.49
N VAL E 108 3.13 -12.61 33.90
CA VAL E 108 4.43 -12.03 34.23
C VAL E 108 4.41 -10.54 33.96
N GLN E 109 5.04 -9.77 34.81
CA GLN E 109 5.17 -8.34 34.56
C GLN E 109 6.57 -8.06 34.03
N VAL E 110 6.64 -7.39 32.89
CA VAL E 110 7.90 -7.09 32.23
C VAL E 110 8.49 -5.80 32.78
N LEU E 111 9.74 -5.84 33.22
CA LEU E 111 10.36 -4.68 33.88
C LEU E 111 11.43 -4.00 33.03
N SER E 112 11.74 -4.56 31.87
CA SER E 112 12.77 -3.99 31.01
C SER E 112 12.28 -3.87 29.59
N PRO E 113 12.95 -3.03 28.79
CA PRO E 113 12.64 -2.93 27.36
C PRO E 113 12.79 -4.28 26.68
N GLN E 114 11.92 -4.60 25.73
CA GLN E 114 12.03 -5.87 25.03
C GLN E 114 12.89 -5.65 23.79
N ILE E 115 14.19 -5.66 24.01
CA ILE E 115 15.16 -5.44 22.95
C ILE E 115 16.21 -6.53 23.04
N ALA E 116 16.60 -7.06 21.89
CA ALA E 116 17.53 -8.18 21.85
C ALA E 116 18.87 -7.78 21.21
N VAL E 117 19.91 -8.54 21.50
CA VAL E 117 21.20 -8.33 20.89
C VAL E 117 21.51 -9.48 19.94
N VAL E 118 21.69 -9.13 18.68
CA VAL E 118 22.04 -10.11 17.64
C VAL E 118 23.51 -10.00 17.25
N THR E 119 24.20 -11.13 17.18
CA THR E 119 25.62 -11.15 16.82
C THR E 119 25.81 -11.82 15.46
N HIS E 120 26.91 -11.48 14.76
CA HIS E 120 27.09 -11.91 13.38
C HIS E 120 27.12 -13.43 13.20
N ASP E 121 27.36 -14.18 14.28
CA ASP E 121 27.36 -15.63 14.15
C ASP E 121 25.92 -16.17 14.15
N GLY E 122 24.96 -15.25 14.19
CA GLY E 122 23.56 -15.61 14.16
C GLY E 122 22.99 -15.82 15.56
N SER E 123 23.77 -15.54 16.58
CA SER E 123 23.27 -15.75 17.93
C SER E 123 22.53 -14.53 18.45
N VAL E 124 21.55 -14.78 19.32
CA VAL E 124 20.70 -13.75 19.89
C VAL E 124 20.80 -13.83 21.41
N MET E 125 20.88 -12.68 22.07
CA MET E 125 20.83 -12.65 23.52
C MET E 125 19.67 -11.74 23.92
N PHE E 126 18.77 -12.28 24.72
CA PHE E 126 17.59 -11.53 25.14
C PHE E 126 17.42 -11.71 26.64
N ILE E 127 17.37 -10.61 27.39
CA ILE E 127 17.37 -10.71 28.85
C ILE E 127 16.28 -9.84 29.46
N PRO E 128 15.03 -10.28 29.38
CA PRO E 128 13.95 -9.56 30.04
C PRO E 128 14.05 -9.64 31.56
N ALA E 129 13.89 -8.51 32.24
CA ALA E 129 13.68 -8.49 33.68
C ALA E 129 12.19 -8.69 33.92
N GLN E 130 11.84 -9.55 34.87
CA GLN E 130 10.45 -9.93 35.15
C GLN E 130 10.10 -9.97 36.63
N ARG E 131 8.85 -9.66 36.95
CA ARG E 131 8.31 -10.01 38.25
C ARG E 131 7.30 -11.12 38.05
N LEU E 132 7.47 -12.19 38.81
CA LEU E 132 6.66 -13.40 38.69
C LEU E 132 6.00 -13.79 40.01
N SER E 133 4.70 -14.03 39.99
CA SER E 133 4.00 -14.67 41.09
C SER E 133 3.86 -16.14 40.76
N PHE E 134 4.26 -17.02 41.67
CA PHE E 134 4.06 -18.43 41.39
C PHE E 134 3.69 -19.24 42.62
N MET E 135 3.27 -20.48 42.37
CA MET E 135 2.73 -21.34 43.41
C MET E 135 3.82 -21.82 44.31
N CYS E 136 3.70 -21.46 45.58
CA CYS E 136 4.71 -21.78 46.56
C CYS E 136 4.15 -21.68 47.97
N ASP E 137 4.36 -22.72 48.76
CA ASP E 137 3.99 -22.72 50.18
C ASP E 137 5.21 -22.26 50.97
N PRO E 138 5.14 -21.08 51.60
CA PRO E 138 6.33 -20.52 52.28
C PRO E 138 6.49 -21.00 53.72
N THR E 139 5.70 -21.98 54.11
CA THR E 139 5.88 -22.66 55.39
C THR E 139 7.34 -22.97 55.71
N GLY E 140 7.77 -22.56 56.90
CA GLY E 140 9.15 -22.75 57.32
C GLY E 140 10.02 -21.55 57.08
N VAL E 141 9.47 -20.52 56.44
CA VAL E 141 10.28 -19.38 56.04
C VAL E 141 10.78 -18.62 57.27
N ASP E 142 10.03 -18.67 58.36
CA ASP E 142 10.44 -18.01 59.59
C ASP E 142 11.26 -18.92 60.49
N SER E 143 11.87 -19.95 59.92
CA SER E 143 12.73 -20.84 60.70
C SER E 143 14.17 -20.80 60.18
N GLU E 144 15.05 -21.53 60.87
CA GLU E 144 16.46 -21.55 60.49
C GLU E 144 16.66 -22.30 59.17
N GLU E 145 15.87 -23.36 58.98
CA GLU E 145 15.99 -24.20 57.80
C GLU E 145 15.41 -23.52 56.57
N GLY E 146 14.43 -22.65 56.80
CA GLY E 146 13.79 -21.89 55.74
C GLY E 146 12.74 -22.65 54.95
N ALA E 147 12.24 -22.02 53.90
CA ALA E 147 11.28 -22.65 53.02
C ALA E 147 11.96 -23.05 51.72
N THR E 148 11.29 -23.87 50.95
CA THR E 148 11.79 -24.29 49.66
C THR E 148 10.66 -24.16 48.66
N CYS E 149 10.94 -23.53 47.53
CA CYS E 149 9.96 -23.50 46.46
C CYS E 149 10.61 -23.76 45.11
N ALA E 150 9.79 -24.19 44.16
CA ALA E 150 10.28 -24.61 42.85
C ALA E 150 9.31 -24.20 41.77
N VAL E 151 9.84 -23.82 40.63
CA VAL E 151 9.02 -23.53 39.47
C VAL E 151 9.77 -23.98 38.23
N LYS E 152 9.07 -24.70 37.36
CA LYS E 152 9.64 -25.14 36.08
C LYS E 152 9.42 -24.14 34.94
N PHE E 153 10.42 -24.01 34.08
CA PHE E 153 10.32 -23.19 32.88
C PHE E 153 10.54 -24.03 31.62
N GLY E 154 9.73 -23.78 30.60
CA GLY E 154 9.98 -24.41 29.33
C GLY E 154 9.03 -23.88 28.27
N SER E 155 9.17 -24.39 27.06
CA SER E 155 8.29 -24.03 25.97
C SER E 155 6.89 -24.53 26.27
N TRP E 156 5.89 -23.72 25.95
CA TRP E 156 4.52 -24.10 26.12
C TRP E 156 4.06 -25.10 25.05
N VAL E 157 4.56 -24.94 23.82
CA VAL E 157 4.02 -25.73 22.72
C VAL E 157 5.05 -26.55 21.94
N TYR E 158 6.33 -26.34 22.19
CA TYR E 158 7.35 -27.13 21.49
C TYR E 158 7.94 -28.22 22.39
N SER E 159 8.13 -29.39 21.80
CA SER E 159 8.77 -30.49 22.49
C SER E 159 10.28 -30.39 22.37
N GLY E 160 10.96 -31.37 22.96
CA GLY E 160 12.40 -31.42 22.94
C GLY E 160 13.00 -31.73 21.58
N PHE E 161 12.16 -32.16 20.65
CA PHE E 161 12.60 -32.35 19.26
C PHE E 161 12.57 -31.06 18.46
N GLU E 162 11.94 -30.03 18.99
CA GLU E 162 11.90 -28.73 18.34
C GLU E 162 12.76 -27.71 19.07
N ILE E 163 12.61 -27.63 20.39
CA ILE E 163 13.42 -26.75 21.21
C ILE E 163 14.11 -27.53 22.30
N ASP E 164 15.43 -27.56 22.25
CA ASP E 164 16.22 -28.16 23.30
C ASP E 164 16.64 -27.07 24.30
N LEU E 165 16.34 -27.27 25.57
CA LEU E 165 16.68 -26.30 26.60
C LEU E 165 17.98 -26.67 27.26
N LYS E 166 18.81 -25.67 27.54
CA LYS E 166 20.08 -25.94 28.19
C LYS E 166 20.36 -24.85 29.21
N THR E 167 21.20 -25.14 30.18
CA THR E 167 21.72 -24.10 31.06
C THR E 167 23.24 -24.09 30.91
N ASP E 168 23.87 -22.94 31.17
CA ASP E 168 25.32 -22.86 31.19
C ASP E 168 25.85 -23.42 32.51
N THR E 169 25.05 -23.24 33.56
CA THR E 169 25.42 -23.62 34.90
C THR E 169 24.17 -23.96 35.69
N ASP E 170 24.28 -24.84 36.68
CA ASP E 170 23.16 -25.21 37.52
C ASP E 170 23.00 -24.23 38.66
N GLN E 171 23.94 -23.28 38.76
CA GLN E 171 23.90 -22.27 39.81
C GLN E 171 23.18 -21.02 39.33
N VAL E 172 22.15 -20.60 40.06
CA VAL E 172 21.49 -19.36 39.77
C VAL E 172 22.46 -18.22 40.08
N ASP E 173 22.51 -17.24 39.19
CA ASP E 173 23.36 -16.08 39.40
C ASP E 173 22.81 -15.22 40.50
N LEU E 174 23.54 -15.14 41.61
CA LEU E 174 23.11 -14.33 42.74
C LEU E 174 23.91 -13.03 42.87
N SER E 175 24.66 -12.67 41.84
CA SER E 175 25.58 -11.54 41.98
C SER E 175 24.84 -10.20 42.08
N SER E 176 23.53 -10.20 41.85
CA SER E 176 22.76 -8.97 42.03
C SER E 176 21.59 -9.15 42.99
N TYR E 177 21.64 -10.17 43.84
CA TYR E 177 20.54 -10.35 44.78
C TYR E 177 20.49 -9.20 45.77
N TYR E 178 19.31 -8.63 45.95
CA TYR E 178 19.13 -7.46 46.81
C TYR E 178 19.53 -7.79 48.26
N ALA E 179 20.56 -7.10 48.75
CA ALA E 179 21.20 -7.47 50.00
C ALA E 179 20.35 -7.13 51.21
N SER E 180 19.39 -6.22 51.06
CA SER E 180 18.47 -5.95 52.16
C SER E 180 17.05 -6.45 51.90
N SER E 181 16.93 -7.51 51.11
CA SER E 181 15.64 -8.19 50.92
C SER E 181 15.05 -8.61 52.26
N LYS E 182 13.73 -8.73 52.35
CA LYS E 182 13.11 -9.36 53.51
C LYS E 182 13.53 -10.81 53.67
N TYR E 183 13.98 -11.43 52.57
CA TYR E 183 14.33 -12.85 52.57
C TYR E 183 15.74 -13.07 52.08
N GLU E 184 16.46 -13.93 52.76
CA GLU E 184 17.79 -14.26 52.28
C GLU E 184 17.77 -15.62 51.59
N ILE E 185 18.67 -15.77 50.63
CA ILE E 185 18.77 -16.99 49.85
C ILE E 185 19.72 -17.97 50.51
N LEU E 186 19.23 -19.18 50.76
CA LEU E 186 20.05 -20.25 51.26
C LEU E 186 20.68 -21.02 50.11
N SER E 187 19.92 -21.18 49.02
CA SER E 187 20.45 -21.72 47.79
C SER E 187 19.48 -21.52 46.64
N ALA E 188 20.01 -21.45 45.42
CA ALA E 188 19.18 -21.30 44.24
C ALA E 188 19.84 -22.02 43.07
N THR E 189 19.11 -22.99 42.52
CA THR E 189 19.62 -23.81 41.44
C THR E 189 18.66 -23.83 40.26
N GLN E 190 19.22 -24.05 39.08
CA GLN E 190 18.46 -24.09 37.83
C GLN E 190 18.86 -25.35 37.09
N THR E 191 17.98 -26.33 37.06
CA THR E 191 18.37 -27.65 36.64
C THR E 191 17.57 -28.13 35.46
N ARG E 192 18.28 -28.52 34.41
CA ARG E 192 17.65 -29.08 33.23
C ARG E 192 17.06 -30.44 33.58
N GLN E 193 15.79 -30.62 33.23
CA GLN E 193 15.10 -31.88 33.39
C GLN E 193 14.55 -32.38 32.06
N VAL E 194 14.80 -33.65 31.76
CA VAL E 194 14.20 -34.30 30.59
C VAL E 194 13.14 -35.31 31.03
N GLN E 195 11.92 -35.15 30.54
CA GLN E 195 10.88 -36.12 30.85
C GLN E 195 10.45 -36.89 29.60
N HIS E 196 10.30 -38.20 29.77
CA HIS E 196 9.79 -39.07 28.73
C HIS E 196 8.40 -39.55 29.09
N TYR E 197 7.49 -39.44 28.13
CA TYR E 197 6.09 -39.77 28.36
C TYR E 197 5.61 -40.84 27.39
N SER E 198 4.83 -41.80 27.90
CA SER E 198 4.37 -42.93 27.10
C SER E 198 3.45 -42.50 25.96
N CYS E 199 2.82 -41.34 26.11
CA CYS E 199 1.88 -40.85 25.11
C CYS E 199 2.55 -40.53 23.79
N CYS E 200 3.75 -39.97 23.84
CA CYS E 200 4.34 -39.34 22.68
C CYS E 200 5.79 -39.74 22.44
N PRO E 201 6.21 -39.79 21.18
CA PRO E 201 7.57 -40.19 20.79
C PRO E 201 8.65 -39.18 21.19
N GLU E 202 8.27 -37.93 21.37
CA GLU E 202 9.28 -36.90 21.69
C GLU E 202 9.36 -36.65 23.18
N PRO E 203 10.58 -36.37 23.67
CA PRO E 203 10.88 -35.98 25.04
C PRO E 203 10.52 -34.52 25.28
N TYR E 204 10.28 -34.16 26.54
CA TYR E 204 9.98 -32.78 26.89
C TYR E 204 10.98 -32.30 27.91
N ILE E 205 11.38 -31.04 27.76
CA ILE E 205 12.49 -30.47 28.52
C ILE E 205 12.01 -29.28 29.32
N ASP E 206 12.52 -29.13 30.54
CA ASP E 206 12.28 -27.90 31.27
C ASP E 206 13.49 -27.57 32.13
N VAL E 207 13.47 -26.37 32.69
CA VAL E 207 14.49 -25.96 33.64
C VAL E 207 13.80 -25.70 34.97
N ASN E 208 14.20 -26.45 35.99
CA ASN E 208 13.57 -26.35 37.30
C ASN E 208 14.32 -25.36 38.17
N LEU E 209 13.66 -24.26 38.51
CA LEU E 209 14.23 -23.25 39.39
C LEU E 209 13.85 -23.56 40.82
N VAL E 210 14.85 -23.86 41.64
CA VAL E 210 14.60 -24.25 43.01
C VAL E 210 15.29 -23.28 43.96
N VAL E 211 14.49 -22.63 44.77
CA VAL E 211 15.01 -21.62 45.67
C VAL E 211 14.63 -21.97 47.11
N LYS E 212 15.66 -22.04 47.96
CA LYS E 212 15.51 -22.18 49.38
C LYS E 212 15.83 -20.85 50.05
N PHE E 213 14.95 -20.40 50.93
CA PHE E 213 15.07 -19.05 51.46
C PHE E 213 14.43 -18.97 52.84
N ARG E 214 14.83 -17.97 53.59
CA ARG E 214 14.21 -17.72 54.90
C ARG E 214 14.20 -16.24 55.20
N GLU E 215 13.40 -15.85 56.18
CA GLU E 215 13.35 -14.46 56.61
C GLU E 215 14.72 -14.01 57.09
N ARG E 216 15.13 -12.82 56.68
CA ARG E 216 16.47 -12.29 56.98
C ARG E 216 16.78 -12.15 58.48
N ASP F 5 -28.89 -17.92 -10.06
CA ASP F 5 -28.26 -16.67 -9.61
C ASP F 5 -27.30 -16.94 -8.46
N ASP F 6 -27.78 -17.69 -7.45
CA ASP F 6 -26.88 -18.17 -6.43
C ASP F 6 -25.95 -19.22 -7.04
N ASP F 7 -26.51 -20.06 -7.92
CA ASP F 7 -25.75 -21.05 -8.67
C ASP F 7 -24.65 -20.40 -9.52
N LYS F 8 -25.03 -19.38 -10.27
CA LYS F 8 -24.10 -18.65 -11.11
C LYS F 8 -22.96 -18.14 -10.27
N LEU F 9 -23.29 -17.56 -9.11
CA LEU F 9 -22.30 -16.99 -8.23
C LEU F 9 -21.42 -18.09 -7.66
N HIS F 10 -21.99 -19.29 -7.55
CA HIS F 10 -21.25 -20.45 -7.07
C HIS F 10 -20.23 -20.89 -8.11
N SER F 11 -20.69 -21.04 -9.34
CA SER F 11 -19.79 -21.30 -10.46
C SER F 11 -18.70 -20.23 -10.52
N GLN F 12 -19.09 -18.96 -10.41
CA GLN F 12 -18.12 -17.87 -10.48
C GLN F 12 -17.17 -17.90 -9.30
N ALA F 13 -17.70 -18.18 -8.11
CA ALA F 13 -16.87 -18.22 -6.92
C ALA F 13 -15.85 -19.35 -6.98
N ASN F 14 -16.24 -20.48 -7.53
CA ASN F 14 -15.29 -21.59 -7.69
C ASN F 14 -14.13 -21.19 -8.63
N LEU F 15 -14.46 -20.49 -9.71
CA LEU F 15 -13.45 -20.02 -10.65
C LEU F 15 -12.49 -19.01 -10.03
N MET F 16 -13.02 -18.03 -9.31
CA MET F 16 -12.17 -17.03 -8.67
C MET F 16 -11.34 -17.69 -7.55
N ARG F 17 -11.90 -18.67 -6.87
CA ARG F 17 -11.15 -19.40 -5.86
C ARG F 17 -9.98 -20.17 -6.48
N LEU F 18 -10.23 -20.80 -7.63
CA LEU F 18 -9.15 -21.51 -8.31
C LEU F 18 -8.03 -20.57 -8.68
N LYS F 19 -8.35 -19.49 -9.39
CA LYS F 19 -7.35 -18.52 -9.80
C LYS F 19 -6.65 -17.89 -8.59
N SER F 20 -7.41 -17.61 -7.54
CA SER F 20 -6.81 -17.09 -6.33
C SER F 20 -5.78 -18.08 -5.76
N ASP F 21 -6.17 -19.34 -5.64
CA ASP F 21 -5.27 -20.37 -5.14
C ASP F 21 -4.02 -20.52 -6.02
N LEU F 22 -4.20 -20.53 -7.33
CA LEU F 22 -3.07 -20.74 -8.23
C LEU F 22 -2.12 -19.56 -8.22
N PHE F 23 -2.68 -18.36 -8.17
CA PHE F 23 -1.86 -17.16 -8.37
C PHE F 23 -1.25 -16.61 -7.09
N ASN F 24 -1.54 -17.27 -5.96
CA ASN F 24 -0.85 -16.96 -4.71
C ASN F 24 -0.01 -18.13 -4.22
N ARG F 25 0.25 -19.08 -5.13
CA ARG F 25 1.04 -20.27 -4.80
C ARG F 25 2.53 -19.93 -4.63
N TYR F 29 6.14 -19.27 -9.80
CA TYR F 29 6.96 -19.86 -10.86
C TYR F 29 7.88 -18.80 -11.46
N PRO F 30 9.18 -18.94 -11.22
CA PRO F 30 10.20 -17.98 -11.66
C PRO F 30 10.68 -18.20 -13.09
N GLY F 31 10.02 -19.08 -13.83
CA GLY F 31 10.57 -19.47 -15.12
C GLY F 31 11.42 -20.72 -14.98
N PRO F 32 11.77 -21.33 -16.13
CA PRO F 32 12.53 -22.58 -16.11
C PRO F 32 13.97 -22.34 -15.73
N THR F 33 14.62 -23.40 -15.25
CA THR F 33 16.03 -23.36 -14.92
C THR F 33 16.63 -24.71 -15.25
N LYS F 34 17.96 -24.80 -15.14
CA LYS F 34 18.64 -26.05 -15.44
C LYS F 34 18.09 -27.20 -14.58
N ASP F 35 17.73 -26.90 -13.34
CA ASP F 35 17.19 -27.93 -12.44
C ASP F 35 15.71 -28.21 -12.67
N ASP F 36 15.03 -27.27 -13.31
CA ASP F 36 13.59 -27.38 -13.54
C ASP F 36 13.30 -26.97 -14.99
N PRO F 37 13.76 -27.78 -15.96
CA PRO F 37 13.70 -27.38 -17.37
C PRO F 37 12.32 -27.57 -17.93
N LEU F 38 12.03 -26.93 -19.05
CA LEU F 38 10.71 -26.96 -19.62
C LEU F 38 10.80 -27.32 -21.08
N THR F 39 9.83 -28.09 -21.57
CA THR F 39 9.75 -28.38 -23.01
C THR F 39 8.54 -27.66 -23.58
N VAL F 40 8.77 -26.82 -24.58
CA VAL F 40 7.70 -26.10 -25.25
C VAL F 40 7.40 -26.76 -26.60
N THR F 41 6.13 -27.11 -26.83
CA THR F 41 5.72 -27.60 -28.13
C THR F 41 5.31 -26.42 -29.02
N LEU F 42 5.91 -26.35 -30.19
CA LEU F 42 5.70 -25.27 -31.13
C LEU F 42 5.10 -25.80 -32.42
N GLY F 43 4.07 -25.13 -32.93
CA GLY F 43 3.49 -25.49 -34.22
C GLY F 43 3.04 -24.26 -35.01
N PHE F 44 3.30 -24.26 -36.32
CA PHE F 44 2.88 -23.14 -37.15
C PHE F 44 1.75 -23.52 -38.11
N THR F 45 0.81 -22.59 -38.29
CA THR F 45 -0.24 -22.71 -39.26
C THR F 45 -0.18 -21.44 -40.08
N LEU F 46 0.08 -21.58 -41.38
CA LEU F 46 0.25 -20.44 -42.27
C LEU F 46 -1.09 -19.92 -42.77
N GLN F 47 -1.28 -18.61 -42.76
CA GLN F 47 -2.52 -18.08 -43.30
C GLN F 47 -2.31 -17.33 -44.60
N ASP F 48 -1.21 -16.61 -44.75
CA ASP F 48 -1.05 -15.81 -45.95
C ASP F 48 0.38 -15.31 -46.12
N ILE F 49 0.93 -15.45 -47.32
CA ILE F 49 2.06 -14.63 -47.70
C ILE F 49 1.48 -13.37 -48.33
N VAL F 50 1.51 -12.28 -47.59
CA VAL F 50 0.88 -11.03 -48.00
C VAL F 50 1.69 -10.32 -49.08
N LYS F 51 3.00 -10.27 -48.91
CA LYS F 51 3.84 -9.37 -49.69
C LYS F 51 5.26 -9.92 -49.76
N ALA F 52 5.87 -9.93 -50.95
CA ALA F 52 7.27 -10.33 -51.11
C ALA F 52 8.06 -9.22 -51.79
N ASP F 53 9.00 -8.60 -51.06
CA ASP F 53 9.67 -7.39 -51.51
C ASP F 53 11.08 -7.68 -52.01
N SER F 54 11.26 -7.65 -53.34
CA SER F 54 12.56 -8.00 -53.91
C SER F 54 13.56 -6.84 -53.92
N SER F 55 13.11 -5.65 -53.57
CA SER F 55 14.03 -4.53 -53.45
C SER F 55 14.77 -4.58 -52.12
N THR F 56 14.18 -5.27 -51.12
CA THR F 56 14.80 -5.36 -49.80
C THR F 56 15.00 -6.79 -49.32
N ASN F 57 14.47 -7.76 -50.07
CA ASN F 57 14.47 -9.16 -49.68
C ASN F 57 13.85 -9.37 -48.29
N GLU F 58 12.60 -8.91 -48.20
CA GLU F 58 11.76 -9.08 -47.05
C GLU F 58 10.46 -9.68 -47.52
N VAL F 59 9.94 -10.66 -46.78
CA VAL F 59 8.64 -11.22 -47.09
C VAL F 59 7.76 -11.12 -45.85
N ASP F 60 6.48 -10.85 -46.06
CA ASP F 60 5.53 -10.70 -44.96
C ASP F 60 4.61 -11.89 -44.90
N LEU F 61 4.56 -12.51 -43.73
CA LEU F 61 3.78 -13.70 -43.48
C LEU F 61 2.76 -13.47 -42.35
N VAL F 62 1.54 -13.95 -42.54
CA VAL F 62 0.56 -14.02 -41.47
C VAL F 62 0.34 -15.48 -41.09
N TYR F 63 0.45 -15.79 -39.80
CA TYR F 63 0.37 -17.15 -39.32
C TYR F 63 -0.14 -17.20 -37.88
N TRP F 64 -0.54 -18.40 -37.46
CA TRP F 64 -0.80 -18.72 -36.06
C TRP F 64 0.37 -19.50 -35.50
N GLU F 65 0.81 -19.10 -34.31
CA GLU F 65 1.91 -19.78 -33.68
C GLU F 65 1.37 -20.46 -32.44
N GLN F 66 1.27 -21.79 -32.47
CA GLN F 66 0.75 -22.49 -31.32
C GLN F 66 1.87 -22.86 -30.36
N GLN F 67 1.73 -22.39 -29.13
CA GLN F 67 2.70 -22.70 -28.08
C GLN F 67 2.02 -23.47 -26.98
N ARG F 68 2.65 -24.55 -26.53
CA ARG F 68 2.11 -25.34 -25.43
C ARG F 68 3.22 -25.76 -24.47
N TRP F 69 2.95 -25.64 -23.17
CA TRP F 69 3.86 -26.12 -22.16
C TRP F 69 3.08 -26.57 -20.93
N LYS F 70 3.76 -27.21 -19.99
CA LYS F 70 3.07 -27.82 -18.85
C LYS F 70 3.85 -27.54 -17.58
N LEU F 71 3.14 -27.06 -16.55
CA LEU F 71 3.75 -26.74 -15.26
C LEU F 71 3.03 -27.42 -14.10
N ASN F 72 3.78 -28.05 -13.21
CA ASN F 72 3.21 -28.58 -11.98
C ASN F 72 2.42 -27.53 -11.22
N SER F 73 2.97 -26.31 -11.16
CA SER F 73 2.38 -25.23 -10.38
C SER F 73 1.02 -24.78 -10.89
N LEU F 74 0.61 -25.27 -12.06
CA LEU F 74 -0.68 -24.87 -12.62
C LEU F 74 -1.69 -26.03 -12.61
N MET F 75 -1.30 -27.15 -12.00
CA MET F 75 -2.19 -28.33 -11.89
C MET F 75 -3.20 -28.17 -10.77
N TRP F 76 -4.38 -28.74 -10.96
CA TRP F 76 -5.37 -28.80 -9.89
C TRP F 76 -6.28 -29.97 -10.12
N ASP F 77 -6.96 -30.36 -9.05
CA ASP F 77 -7.94 -31.44 -9.10
C ASP F 77 -9.30 -30.82 -9.34
N PRO F 78 -9.93 -31.13 -10.48
CA PRO F 78 -11.24 -30.52 -10.78
C PRO F 78 -12.28 -30.78 -9.69
N ASN F 79 -12.23 -31.94 -9.04
CA ASN F 79 -13.13 -32.24 -7.93
C ASN F 79 -13.06 -31.22 -6.80
N GLU F 80 -11.88 -30.64 -6.59
CA GLU F 80 -11.69 -29.69 -5.49
C GLU F 80 -12.19 -28.30 -5.85
N TYR F 81 -12.54 -28.10 -7.11
CA TYR F 81 -12.86 -26.76 -7.59
C TYR F 81 -14.08 -26.77 -8.50
N GLY F 82 -15.12 -27.46 -8.06
CA GLY F 82 -16.39 -27.47 -8.76
C GLY F 82 -16.33 -28.08 -10.16
N ASN F 83 -15.43 -29.03 -10.35
CA ASN F 83 -15.27 -29.68 -11.66
C ASN F 83 -14.81 -28.74 -12.76
N ILE F 84 -14.26 -27.59 -12.39
CA ILE F 84 -13.66 -26.72 -13.40
C ILE F 84 -12.48 -27.45 -14.04
N THR F 85 -12.41 -27.46 -15.36
CA THR F 85 -11.34 -28.16 -16.06
C THR F 85 -10.33 -27.23 -16.73
N ASP F 86 -10.67 -25.95 -16.83
CA ASP F 86 -9.84 -24.97 -17.53
C ASP F 86 -10.25 -23.53 -17.26
N PHE F 87 -9.39 -22.59 -17.60
CA PHE F 87 -9.73 -21.18 -17.48
C PHE F 87 -8.83 -20.35 -18.37
N ARG F 88 -9.21 -19.08 -18.55
CA ARG F 88 -8.49 -18.15 -19.39
C ARG F 88 -7.76 -17.13 -18.54
N THR F 89 -6.61 -16.67 -19.02
CA THR F 89 -5.91 -15.61 -18.34
C THR F 89 -5.14 -14.79 -19.37
N SER F 90 -4.98 -13.50 -19.11
CA SER F 90 -4.15 -12.67 -19.95
C SER F 90 -2.76 -13.26 -19.98
N ALA F 91 -2.17 -13.32 -21.17
CA ALA F 91 -0.80 -13.81 -21.28
C ALA F 91 0.16 -13.00 -20.42
N ALA F 92 -0.23 -11.77 -20.10
CA ALA F 92 0.64 -10.92 -19.25
C ALA F 92 0.55 -11.34 -17.79
N ASP F 93 -0.44 -12.14 -17.44
CA ASP F 93 -0.63 -12.52 -16.05
C ASP F 93 0.16 -13.77 -15.65
N ILE F 94 0.74 -14.48 -16.62
CA ILE F 94 1.51 -15.68 -16.30
C ILE F 94 2.85 -15.67 -17.02
N TRP F 95 3.75 -16.55 -16.59
CA TRP F 95 5.00 -16.73 -17.32
C TRP F 95 4.67 -17.32 -18.69
N THR F 96 5.24 -16.75 -19.75
CA THR F 96 5.15 -17.37 -21.05
C THR F 96 6.54 -17.40 -21.68
N PRO F 97 6.78 -18.37 -22.57
CA PRO F 97 8.12 -18.49 -23.15
C PRO F 97 8.40 -17.36 -24.17
N ASP F 98 9.66 -16.97 -24.25
CA ASP F 98 10.07 -15.81 -25.04
C ASP F 98 10.44 -16.23 -26.46
N ILE F 99 9.52 -16.94 -27.09
CA ILE F 99 9.74 -17.48 -28.43
C ILE F 99 9.84 -16.36 -29.45
N THR F 100 10.94 -16.36 -30.19
CA THR F 100 11.33 -15.22 -31.01
C THR F 100 11.80 -15.66 -32.39
N ALA F 101 11.39 -14.93 -33.43
CA ALA F 101 11.92 -15.19 -34.76
C ALA F 101 13.34 -14.64 -34.83
N TYR F 102 14.27 -15.45 -35.30
CA TYR F 102 15.68 -15.06 -35.32
C TYR F 102 16.01 -13.99 -36.39
N SER F 103 15.22 -13.93 -37.46
CA SER F 103 15.55 -13.10 -38.60
C SER F 103 14.41 -12.19 -39.06
N SER F 104 13.63 -11.67 -38.13
CA SER F 104 12.64 -10.65 -38.44
C SER F 104 13.37 -9.39 -38.86
N THR F 105 12.71 -8.55 -39.63
CA THR F 105 13.29 -7.27 -40.00
C THR F 105 12.46 -6.12 -39.42
N ARG F 106 11.31 -6.43 -38.84
CA ARG F 106 10.48 -5.45 -38.13
C ARG F 106 9.90 -6.14 -36.90
N PRO F 107 9.52 -5.36 -35.88
CA PRO F 107 8.82 -5.97 -34.75
C PRO F 107 7.59 -6.75 -35.21
N VAL F 108 7.43 -7.98 -34.73
CA VAL F 108 6.26 -8.77 -35.10
C VAL F 108 4.99 -8.01 -34.72
N GLN F 109 3.97 -8.09 -35.54
CA GLN F 109 2.70 -7.46 -35.20
C GLN F 109 1.70 -8.52 -34.74
N VAL F 110 1.04 -8.27 -33.61
CA VAL F 110 0.10 -9.25 -33.05
C VAL F 110 -1.31 -8.96 -33.55
N LEU F 111 -1.96 -9.96 -34.12
CA LEU F 111 -3.26 -9.74 -34.74
C LEU F 111 -4.43 -10.26 -33.88
N SER F 112 -4.11 -10.81 -32.71
CA SER F 112 -5.13 -11.43 -31.86
C SER F 112 -4.96 -11.03 -30.40
N PRO F 113 -5.98 -11.27 -29.57
CA PRO F 113 -5.80 -11.10 -28.13
C PRO F 113 -4.65 -11.96 -27.62
N GLN F 114 -4.02 -11.51 -26.56
CA GLN F 114 -2.97 -12.26 -25.89
C GLN F 114 -3.58 -12.94 -24.70
N ILE F 115 -4.19 -14.10 -24.92
CA ILE F 115 -4.89 -14.79 -23.85
C ILE F 115 -4.50 -16.24 -23.87
N ALA F 116 -4.14 -16.78 -22.71
CA ALA F 116 -3.77 -18.18 -22.60
C ALA F 116 -4.90 -19.00 -21.99
N VAL F 117 -4.91 -20.27 -22.34
CA VAL F 117 -5.86 -21.22 -21.80
C VAL F 117 -5.09 -22.20 -20.91
N VAL F 118 -5.47 -22.26 -19.65
CA VAL F 118 -4.84 -23.16 -18.70
C VAL F 118 -5.76 -24.32 -18.38
N THR F 119 -5.23 -25.54 -18.46
CA THR F 119 -6.01 -26.73 -18.18
C THR F 119 -5.53 -27.40 -16.89
N HIS F 120 -6.44 -28.12 -16.25
CA HIS F 120 -6.23 -28.68 -14.92
C HIS F 120 -5.02 -29.60 -14.80
N ASP F 121 -4.60 -30.20 -15.91
CA ASP F 121 -3.38 -31.01 -15.90
C ASP F 121 -2.13 -30.12 -15.90
N GLY F 122 -2.33 -28.81 -15.82
CA GLY F 122 -1.22 -27.88 -15.75
C GLY F 122 -0.69 -27.40 -17.09
N SER F 123 -1.30 -27.86 -18.17
CA SER F 123 -0.82 -27.47 -19.49
C SER F 123 -1.37 -26.11 -19.86
N VAL F 124 -0.56 -25.37 -20.62
CA VAL F 124 -0.93 -24.04 -21.06
C VAL F 124 -0.88 -23.99 -22.57
N MET F 125 -1.91 -23.40 -23.17
CA MET F 125 -1.98 -23.27 -24.62
C MET F 125 -2.16 -21.80 -24.97
N PHE F 126 -1.27 -21.28 -25.81
CA PHE F 126 -1.24 -19.87 -26.20
C PHE F 126 -1.02 -19.79 -27.71
N ILE F 127 -1.98 -19.20 -28.42
CA ILE F 127 -1.94 -19.20 -29.86
C ILE F 127 -2.20 -17.80 -30.42
N PRO F 128 -1.16 -16.98 -30.46
CA PRO F 128 -1.22 -15.66 -31.10
C PRO F 128 -1.25 -15.77 -32.63
N ALA F 129 -2.04 -14.92 -33.28
CA ALA F 129 -1.90 -14.67 -34.71
C ALA F 129 -0.95 -13.49 -34.90
N GLN F 130 0.00 -13.64 -35.80
CA GLN F 130 1.04 -12.64 -36.00
C GLN F 130 1.29 -12.34 -37.47
N ARG F 131 1.71 -11.10 -37.75
CA ARG F 131 2.28 -10.76 -39.03
C ARG F 131 3.76 -10.47 -38.86
N LEU F 132 4.58 -11.14 -39.66
CA LEU F 132 6.01 -11.11 -39.50
C LEU F 132 6.70 -10.77 -40.80
N SER F 133 7.56 -9.74 -40.78
CA SER F 133 8.47 -9.46 -41.87
C SER F 133 9.79 -10.11 -41.57
N PHE F 134 10.31 -10.90 -42.50
CA PHE F 134 11.58 -11.55 -42.24
C PHE F 134 12.43 -11.65 -43.51
N MET F 135 13.70 -12.02 -43.33
CA MET F 135 14.68 -12.03 -44.41
C MET F 135 14.43 -13.17 -45.38
N CYS F 136 14.20 -12.82 -46.63
CA CYS F 136 13.80 -13.80 -47.62
C CYS F 136 13.96 -13.23 -49.03
N ASP F 137 14.65 -13.99 -49.87
CA ASP F 137 14.92 -13.60 -51.25
C ASP F 137 13.87 -14.24 -52.14
N PRO F 138 12.96 -13.44 -52.70
CA PRO F 138 11.89 -14.06 -53.48
C PRO F 138 12.26 -14.37 -54.93
N THR F 139 13.55 -14.32 -55.28
CA THR F 139 13.97 -14.68 -56.64
C THR F 139 13.52 -16.10 -56.99
N GLY F 140 12.81 -16.23 -58.10
CA GLY F 140 12.29 -17.51 -58.53
C GLY F 140 10.80 -17.66 -58.29
N VAL F 141 10.21 -16.68 -57.60
CA VAL F 141 8.80 -16.79 -57.24
C VAL F 141 7.89 -16.71 -58.47
N ASP F 142 8.38 -16.09 -59.54
CA ASP F 142 7.61 -16.03 -60.78
C ASP F 142 8.00 -17.18 -61.71
N SER F 143 8.39 -18.29 -61.12
CA SER F 143 8.73 -19.49 -61.90
C SER F 143 8.05 -20.70 -61.30
N GLU F 144 7.97 -21.77 -62.07
CA GLU F 144 7.29 -22.98 -61.62
C GLU F 144 7.88 -23.54 -60.33
N GLU F 145 9.19 -23.43 -60.15
CA GLU F 145 9.87 -24.01 -58.99
C GLU F 145 9.77 -23.11 -57.76
N GLY F 146 9.44 -21.85 -57.98
CA GLY F 146 9.19 -20.93 -56.89
C GLY F 146 10.44 -20.52 -56.14
N ALA F 147 10.25 -19.88 -54.99
CA ALA F 147 11.34 -19.47 -54.13
C ALA F 147 11.24 -20.16 -52.78
N THR F 148 12.38 -20.38 -52.14
CA THR F 148 12.41 -21.03 -50.83
C THR F 148 13.02 -20.12 -49.77
N CYS F 149 12.31 -19.99 -48.65
CA CYS F 149 12.83 -19.19 -47.56
C CYS F 149 12.71 -19.91 -46.23
N ALA F 150 13.41 -19.41 -45.22
CA ALA F 150 13.38 -20.03 -43.91
C ALA F 150 13.54 -19.02 -42.80
N VAL F 151 12.92 -19.30 -41.66
CA VAL F 151 13.10 -18.49 -40.46
C VAL F 151 13.06 -19.38 -39.22
N LYS F 152 14.04 -19.18 -38.34
CA LYS F 152 14.15 -19.95 -37.10
C LYS F 152 13.39 -19.25 -35.99
N PHE F 153 12.67 -20.03 -35.19
CA PHE F 153 12.00 -19.53 -34.00
C PHE F 153 12.54 -20.24 -32.77
N GLY F 154 12.85 -19.50 -31.71
CA GLY F 154 13.22 -20.14 -30.46
C GLY F 154 13.24 -19.17 -29.30
N SER F 155 13.53 -19.65 -28.10
CA SER F 155 13.74 -18.75 -26.96
C SER F 155 14.90 -17.82 -27.26
N TRP F 156 14.72 -16.54 -26.97
CA TRP F 156 15.82 -15.62 -27.19
C TRP F 156 16.89 -15.81 -26.14
N VAL F 157 16.49 -16.07 -24.89
CA VAL F 157 17.47 -16.04 -23.79
C VAL F 157 17.63 -17.35 -23.01
N TYR F 158 16.73 -18.32 -23.18
CA TYR F 158 16.90 -19.60 -22.49
C TYR F 158 17.59 -20.65 -23.37
N SER F 159 18.67 -21.24 -22.89
CA SER F 159 19.36 -22.29 -23.66
C SER F 159 18.58 -23.61 -23.61
N GLY F 160 19.08 -24.60 -24.35
CA GLY F 160 18.49 -25.92 -24.35
C GLY F 160 18.45 -26.59 -22.98
N PHE F 161 19.24 -26.11 -22.03
CA PHE F 161 19.21 -26.70 -20.69
C PHE F 161 18.06 -26.14 -19.84
N GLU F 162 17.39 -25.11 -20.34
CA GLU F 162 16.23 -24.57 -19.63
C GLU F 162 14.94 -24.72 -20.43
N ILE F 163 15.00 -24.38 -21.71
CA ILE F 163 13.88 -24.57 -22.61
C ILE F 163 14.27 -25.46 -23.79
N ASP F 164 13.64 -26.61 -23.88
CA ASP F 164 13.76 -27.43 -25.07
C ASP F 164 12.50 -27.22 -25.89
N LEU F 165 12.57 -27.49 -27.19
CA LEU F 165 11.41 -27.34 -28.07
C LEU F 165 11.10 -28.68 -28.74
N LYS F 166 9.85 -28.90 -29.08
CA LYS F 166 9.48 -30.04 -29.90
C LYS F 166 8.31 -29.65 -30.79
N THR F 167 8.12 -30.41 -31.84
CA THR F 167 6.97 -30.25 -32.72
C THR F 167 6.10 -31.49 -32.62
N ASP F 168 4.81 -31.36 -32.91
CA ASP F 168 3.92 -32.51 -33.00
C ASP F 168 3.92 -33.08 -34.42
N THR F 169 4.41 -32.28 -35.37
CA THR F 169 4.52 -32.72 -36.74
C THR F 169 5.53 -31.83 -37.48
N ASP F 170 6.19 -32.42 -38.47
CA ASP F 170 7.14 -31.72 -39.31
C ASP F 170 6.42 -30.94 -40.40
N GLN F 171 5.14 -31.22 -40.59
CA GLN F 171 4.41 -30.62 -41.69
C GLN F 171 3.55 -29.46 -41.19
N VAL F 172 3.77 -28.29 -41.77
CA VAL F 172 2.98 -27.11 -41.47
C VAL F 172 1.56 -27.21 -42.06
N ASP F 173 0.55 -27.01 -41.23
CA ASP F 173 -0.84 -27.07 -41.68
C ASP F 173 -1.15 -25.95 -42.67
N LEU F 174 -1.57 -26.31 -43.89
CA LEU F 174 -1.92 -25.33 -44.90
C LEU F 174 -3.42 -25.24 -45.18
N SER F 175 -4.24 -25.91 -44.39
CA SER F 175 -5.65 -26.02 -44.79
C SER F 175 -6.41 -24.73 -44.48
N SER F 176 -5.85 -23.85 -43.67
CA SER F 176 -6.45 -22.55 -43.43
C SER F 176 -5.73 -21.44 -44.19
N TYR F 177 -4.93 -21.80 -45.18
CA TYR F 177 -4.19 -20.81 -45.95
C TYR F 177 -5.13 -20.08 -46.90
N TYR F 178 -4.99 -18.76 -46.97
CA TYR F 178 -5.87 -17.94 -47.79
C TYR F 178 -5.92 -18.41 -49.26
N ALA F 179 -7.08 -18.88 -49.71
CA ALA F 179 -7.20 -19.46 -51.06
C ALA F 179 -6.94 -18.46 -52.20
N SER F 180 -7.11 -17.15 -51.97
CA SER F 180 -6.85 -16.19 -53.04
C SER F 180 -5.65 -15.28 -52.75
N SER F 181 -4.67 -15.80 -52.02
CA SER F 181 -3.40 -15.09 -51.83
C SER F 181 -2.70 -14.87 -53.15
N LYS F 182 -1.84 -13.86 -53.22
CA LYS F 182 -1.03 -13.65 -54.42
C LYS F 182 -0.01 -14.77 -54.58
N TYR F 183 0.21 -15.52 -53.50
CA TYR F 183 1.22 -16.58 -53.52
C TYR F 183 0.64 -17.92 -53.06
N GLU F 184 0.96 -18.99 -53.80
CA GLU F 184 0.61 -20.33 -53.36
C GLU F 184 1.78 -20.99 -52.68
N ILE F 185 1.48 -21.86 -51.72
CA ILE F 185 2.50 -22.56 -50.95
C ILE F 185 2.79 -23.89 -51.62
N LEU F 186 4.06 -24.16 -51.91
CA LEU F 186 4.44 -25.41 -52.54
C LEU F 186 4.81 -26.44 -51.49
N SER F 187 5.44 -25.97 -50.42
CA SER F 187 5.72 -26.84 -49.29
C SER F 187 6.03 -25.98 -48.08
N ALA F 188 5.79 -26.53 -46.91
CA ALA F 188 6.02 -25.83 -45.66
C ALA F 188 6.28 -26.82 -44.55
N THR F 189 7.49 -26.76 -43.99
CA THR F 189 7.88 -27.70 -42.94
C THR F 189 8.40 -26.95 -41.72
N GLN F 190 8.42 -27.63 -40.58
CA GLN F 190 8.87 -27.07 -39.33
C GLN F 190 9.71 -28.14 -38.65
N THR F 191 10.96 -27.79 -38.33
CA THR F 191 11.94 -28.78 -37.90
C THR F 191 12.80 -28.29 -36.72
N ARG F 192 12.89 -29.11 -35.68
CA ARG F 192 13.72 -28.80 -34.52
C ARG F 192 15.19 -28.79 -34.91
N GLN F 193 15.90 -27.73 -34.50
CA GLN F 193 17.35 -27.67 -34.67
C GLN F 193 18.04 -27.30 -33.37
N VAL F 194 19.31 -27.68 -33.27
CA VAL F 194 20.16 -27.34 -32.13
C VAL F 194 21.34 -26.54 -32.67
N GLN F 195 21.57 -25.35 -32.12
CA GLN F 195 22.65 -24.50 -32.61
C GLN F 195 23.52 -23.98 -31.48
N HIS F 196 24.78 -23.69 -31.79
CA HIS F 196 25.71 -23.11 -30.83
C HIS F 196 26.22 -21.77 -31.37
N TYR F 197 26.37 -20.81 -30.47
CA TYR F 197 26.80 -19.48 -30.84
C TYR F 197 28.00 -19.09 -29.98
N SER F 198 28.91 -18.31 -30.56
CA SER F 198 30.16 -17.96 -29.90
C SER F 198 29.93 -17.33 -28.53
N CYS F 199 28.89 -16.51 -28.42
CA CYS F 199 28.56 -15.82 -27.16
C CYS F 199 28.37 -16.74 -25.95
N CYS F 200 27.92 -17.97 -26.17
CA CYS F 200 27.41 -18.81 -25.09
C CYS F 200 27.77 -20.28 -25.25
N PRO F 201 28.20 -20.92 -24.15
CA PRO F 201 28.63 -22.33 -24.16
C PRO F 201 27.48 -23.32 -24.37
N GLU F 202 26.28 -22.94 -23.93
CA GLU F 202 25.13 -23.84 -24.02
C GLU F 202 24.48 -23.83 -25.41
N PRO F 203 23.95 -24.98 -25.83
CA PRO F 203 23.18 -25.03 -27.07
C PRO F 203 21.87 -24.27 -26.95
N TYR F 204 21.37 -23.71 -28.03
CA TYR F 204 20.05 -23.08 -28.08
C TYR F 204 19.15 -23.83 -29.06
N ILE F 205 17.88 -23.96 -28.73
CA ILE F 205 16.98 -24.75 -29.58
C ILE F 205 16.11 -23.83 -30.41
N ASP F 206 15.89 -24.19 -31.67
CA ASP F 206 14.94 -23.47 -32.50
C ASP F 206 14.13 -24.47 -33.34
N VAL F 207 12.99 -24.01 -33.83
CA VAL F 207 12.22 -24.69 -34.86
C VAL F 207 12.33 -23.89 -36.15
N ASN F 208 12.82 -24.55 -37.19
CA ASN F 208 13.07 -23.90 -38.47
C ASN F 208 11.86 -24.04 -39.39
N LEU F 209 11.23 -22.92 -39.70
CA LEU F 209 10.15 -22.86 -40.66
C LEU F 209 10.71 -22.65 -42.06
N VAL F 210 10.48 -23.63 -42.94
CA VAL F 210 10.91 -23.56 -44.31
C VAL F 210 9.73 -23.57 -45.27
N VAL F 211 9.61 -22.50 -46.05
CA VAL F 211 8.47 -22.33 -46.92
C VAL F 211 8.91 -22.17 -48.38
N LYS F 212 8.33 -23.00 -49.24
CA LYS F 212 8.52 -22.87 -50.69
C LYS F 212 7.22 -22.35 -51.28
N PHE F 213 7.31 -21.26 -52.04
CA PHE F 213 6.13 -20.57 -52.55
C PHE F 213 6.35 -19.95 -53.94
N ARG F 214 5.27 -19.58 -54.62
CA ARG F 214 5.37 -18.97 -55.94
C ARG F 214 4.10 -18.17 -56.24
N GLU F 215 4.15 -17.29 -57.23
CA GLU F 215 2.98 -16.48 -57.57
C GLU F 215 1.86 -17.37 -58.07
N ARG F 216 0.63 -17.10 -57.66
CA ARG F 216 -0.50 -17.98 -57.97
C ARG F 216 -0.74 -18.12 -59.47
N TYR G 2 -26.32 27.71 -3.72
CA TYR G 2 -25.72 26.71 -2.84
C TYR G 2 -26.55 25.43 -2.82
N LYS G 3 -27.86 25.57 -2.97
CA LYS G 3 -28.75 24.41 -3.07
C LYS G 3 -28.49 23.64 -4.36
N ASP G 4 -28.23 24.37 -5.43
CA ASP G 4 -27.93 23.75 -6.72
C ASP G 4 -26.60 23.00 -6.64
N ASP G 5 -25.62 23.58 -5.94
CA ASP G 5 -24.33 22.92 -5.75
C ASP G 5 -24.49 21.62 -4.98
N ASP G 6 -25.33 21.65 -3.96
CA ASP G 6 -25.57 20.47 -3.13
C ASP G 6 -26.22 19.36 -3.94
N ASP G 7 -27.11 19.72 -4.85
CA ASP G 7 -27.83 18.76 -5.69
C ASP G 7 -26.90 18.05 -6.66
N LYS G 8 -25.99 18.81 -7.27
CA LYS G 8 -24.98 18.24 -8.15
C LYS G 8 -24.11 17.24 -7.39
N LEU G 9 -23.59 17.66 -6.25
CA LEU G 9 -22.80 16.78 -5.41
C LEU G 9 -23.58 15.53 -5.00
N HIS G 10 -24.89 15.71 -4.77
CA HIS G 10 -25.77 14.61 -4.43
C HIS G 10 -25.81 13.61 -5.60
N SER G 11 -26.03 14.08 -6.82
CA SER G 11 -26.08 13.17 -7.96
C SER G 11 -24.72 12.56 -8.23
N GLN G 12 -23.65 13.33 -8.05
CA GLN G 12 -22.30 12.81 -8.27
C GLN G 12 -21.99 11.70 -7.27
N ALA G 13 -22.36 11.91 -6.02
CA ALA G 13 -22.11 10.93 -4.98
C ALA G 13 -22.92 9.65 -5.22
N ASN G 14 -24.15 9.79 -5.69
CA ASN G 14 -24.95 8.61 -5.99
C ASN G 14 -24.29 7.77 -7.11
N LEU G 15 -23.76 8.43 -8.12
CA LEU G 15 -23.09 7.71 -9.20
C LEU G 15 -21.81 7.03 -8.69
N MET G 16 -21.05 7.71 -7.85
CA MET G 16 -19.79 7.12 -7.41
C MET G 16 -20.08 5.95 -6.50
N ARG G 17 -21.16 6.03 -5.72
CA ARG G 17 -21.56 4.93 -4.85
C ARG G 17 -22.01 3.71 -5.65
N LEU G 18 -22.76 3.92 -6.72
CA LEU G 18 -23.12 2.81 -7.58
C LEU G 18 -21.87 2.16 -8.18
N LYS G 19 -20.99 2.97 -8.77
CA LYS G 19 -19.79 2.44 -9.41
C LYS G 19 -18.90 1.73 -8.40
N SER G 20 -18.80 2.30 -7.21
CA SER G 20 -18.03 1.67 -6.15
C SER G 20 -18.65 0.32 -5.77
N ASP G 21 -19.95 0.30 -5.59
CA ASP G 21 -20.66 -0.92 -5.24
C ASP G 21 -20.47 -2.04 -6.28
N LEU G 22 -20.57 -1.70 -7.56
CA LEU G 22 -20.45 -2.68 -8.63
C LEU G 22 -19.02 -3.21 -8.79
N PHE G 23 -18.04 -2.32 -8.72
CA PHE G 23 -16.68 -2.74 -9.05
C PHE G 23 -15.95 -3.32 -7.84
N ASN G 24 -16.71 -3.59 -6.78
CA ASN G 24 -16.16 -4.23 -5.58
C ASN G 24 -17.00 -5.45 -5.18
N ARG G 25 -17.84 -5.90 -6.11
CA ARG G 25 -18.75 -7.02 -5.88
C ARG G 25 -18.02 -8.35 -5.72
N TYR G 29 -16.68 -10.45 -11.77
CA TYR G 29 -17.02 -11.29 -12.91
C TYR G 29 -15.78 -11.74 -13.67
N PRO G 30 -15.56 -13.07 -13.70
CA PRO G 30 -14.38 -13.73 -14.25
C PRO G 30 -14.49 -14.14 -15.72
N GLY G 31 -15.47 -13.62 -16.43
CA GLY G 31 -15.66 -14.03 -17.80
C GLY G 31 -16.54 -15.28 -17.88
N PRO G 32 -17.00 -15.62 -19.09
CA PRO G 32 -17.96 -16.72 -19.23
C PRO G 32 -17.31 -18.09 -19.09
N THR G 33 -18.11 -19.08 -18.71
CA THR G 33 -17.68 -20.47 -18.55
C THR G 33 -18.79 -21.37 -19.09
N LYS G 34 -18.53 -22.67 -19.18
CA LYS G 34 -19.55 -23.62 -19.64
C LYS G 34 -20.76 -23.59 -18.70
N ASP G 35 -20.48 -23.41 -17.41
CA ASP G 35 -21.55 -23.37 -16.42
C ASP G 35 -22.31 -22.06 -16.51
N ASP G 36 -21.62 -21.01 -16.91
CA ASP G 36 -22.19 -19.67 -16.93
C ASP G 36 -21.93 -19.00 -18.27
N PRO G 37 -22.56 -19.50 -19.35
CA PRO G 37 -22.24 -18.98 -20.67
C PRO G 37 -22.85 -17.62 -20.94
N LEU G 38 -22.32 -16.97 -21.96
CA LEU G 38 -22.67 -15.60 -22.27
C LEU G 38 -23.09 -15.45 -23.73
N THR G 39 -24.19 -14.73 -23.97
CA THR G 39 -24.55 -14.40 -25.34
C THR G 39 -24.07 -12.99 -25.70
N VAL G 40 -23.34 -12.88 -26.79
CA VAL G 40 -22.87 -11.58 -27.24
C VAL G 40 -23.53 -11.28 -28.57
N THR G 41 -24.16 -10.11 -28.64
CA THR G 41 -24.78 -9.67 -29.87
C THR G 41 -23.86 -8.71 -30.63
N LEU G 42 -23.62 -9.04 -31.90
CA LEU G 42 -22.74 -8.27 -32.78
C LEU G 42 -23.53 -7.63 -33.87
N GLY G 43 -23.19 -6.40 -34.21
CA GLY G 43 -23.75 -5.72 -35.36
C GLY G 43 -22.72 -4.78 -35.94
N PHE G 44 -22.60 -4.77 -37.27
CA PHE G 44 -21.66 -3.87 -37.95
C PHE G 44 -22.35 -2.71 -38.62
N THR G 45 -21.74 -1.54 -38.49
CA THR G 45 -22.09 -0.37 -39.27
C THR G 45 -20.89 -0.08 -40.16
N LEU G 46 -21.05 -0.24 -41.46
CA LEU G 46 -19.93 -0.05 -42.38
C LEU G 46 -19.84 1.40 -42.81
N GLN G 47 -18.72 2.05 -42.53
CA GLN G 47 -18.62 3.47 -42.85
C GLN G 47 -17.88 3.74 -44.15
N ASP G 48 -16.87 2.93 -44.44
CA ASP G 48 -16.05 3.22 -45.61
C ASP G 48 -15.26 2.00 -46.03
N ILE G 49 -15.20 1.74 -47.32
CA ILE G 49 -14.11 0.96 -47.86
C ILE G 49 -13.07 1.96 -48.33
N VAL G 50 -11.97 2.04 -47.61
CA VAL G 50 -10.96 3.06 -47.87
C VAL G 50 -10.07 2.72 -49.05
N LYS G 51 -9.65 1.46 -49.12
CA LYS G 51 -8.56 1.05 -49.98
C LYS G 51 -8.69 -0.42 -50.35
N ALA G 52 -8.46 -0.73 -51.61
CA ALA G 52 -8.41 -2.10 -52.09
C ALA G 52 -7.11 -2.29 -52.85
N ASP G 53 -6.26 -3.16 -52.34
CA ASP G 53 -4.90 -3.30 -52.82
C ASP G 53 -4.75 -4.61 -53.58
N SER G 54 -4.71 -4.53 -54.91
CA SER G 54 -4.67 -5.74 -55.72
C SER G 54 -3.25 -6.27 -55.86
N SER G 55 -2.27 -5.54 -55.34
CA SER G 55 -0.91 -6.06 -55.34
C SER G 55 -0.65 -6.98 -54.15
N THR G 56 -1.46 -6.85 -53.09
CA THR G 56 -1.28 -7.66 -51.90
C THR G 56 -2.55 -8.42 -51.51
N ASN G 57 -3.65 -8.14 -52.20
CA ASN G 57 -4.96 -8.68 -51.86
C ASN G 57 -5.32 -8.42 -50.39
N GLU G 58 -5.23 -7.15 -50.02
CA GLU G 58 -5.70 -6.63 -48.75
C GLU G 58 -6.75 -5.56 -49.03
N VAL G 59 -7.82 -5.57 -48.26
CA VAL G 59 -8.82 -4.51 -48.35
C VAL G 59 -9.02 -3.84 -46.99
N ASP G 60 -9.09 -2.51 -46.98
CA ASP G 60 -9.18 -1.76 -45.73
C ASP G 60 -10.59 -1.22 -45.48
N LEU G 61 -11.17 -1.58 -44.34
CA LEU G 61 -12.51 -1.14 -43.97
C LEU G 61 -12.51 -0.25 -42.73
N VAL G 62 -13.44 0.69 -42.70
CA VAL G 62 -13.75 1.40 -41.48
C VAL G 62 -15.18 1.07 -41.10
N TYR G 63 -15.39 0.64 -39.87
CA TYR G 63 -16.72 0.25 -39.42
C TYR G 63 -16.86 0.51 -37.95
N TRP G 64 -18.10 0.53 -37.46
CA TRP G 64 -18.36 0.54 -36.03
C TRP G 64 -18.85 -0.84 -35.66
N GLU G 65 -18.22 -1.43 -34.67
CA GLU G 65 -18.58 -2.77 -34.23
C GLU G 65 -19.37 -2.69 -32.93
N GLN G 66 -20.68 -2.80 -33.02
CA GLN G 66 -21.51 -2.79 -31.83
C GLN G 66 -21.48 -4.14 -31.13
N GLN G 67 -21.09 -4.14 -29.85
CA GLN G 67 -21.15 -5.34 -29.03
C GLN G 67 -22.07 -5.13 -27.83
N ARG G 68 -22.94 -6.10 -27.59
CA ARG G 68 -23.87 -6.06 -26.45
C ARG G 68 -23.89 -7.39 -25.72
N TRP G 69 -23.88 -7.32 -24.38
CA TRP G 69 -24.05 -8.50 -23.55
C TRP G 69 -24.64 -8.06 -22.22
N LYS G 70 -25.03 -9.03 -21.39
CA LYS G 70 -25.76 -8.72 -20.16
C LYS G 70 -25.30 -9.56 -19.00
N LEU G 71 -24.92 -8.89 -17.91
CA LEU G 71 -24.39 -9.58 -16.74
C LEU G 71 -25.25 -9.32 -15.51
N ASN G 72 -25.62 -10.37 -14.78
CA ASN G 72 -26.34 -10.18 -13.54
C ASN G 72 -25.50 -9.37 -12.57
N SER G 73 -24.18 -9.55 -12.63
CA SER G 73 -23.30 -8.85 -11.71
C SER G 73 -23.23 -7.35 -11.97
N LEU G 74 -23.79 -6.89 -13.09
CA LEU G 74 -23.83 -5.45 -13.35
C LEU G 74 -25.23 -4.86 -13.17
N MET G 75 -26.15 -5.65 -12.61
CA MET G 75 -27.51 -5.19 -12.39
C MET G 75 -27.63 -4.31 -11.15
N TRP G 76 -28.56 -3.37 -11.17
CA TRP G 76 -28.93 -2.68 -9.94
C TRP G 76 -30.35 -2.15 -10.02
N ASP G 77 -30.91 -1.84 -8.86
CA ASP G 77 -32.20 -1.18 -8.73
C ASP G 77 -31.99 0.34 -8.70
N PRO G 78 -32.48 1.06 -9.72
CA PRO G 78 -32.31 2.52 -9.75
C PRO G 78 -32.81 3.19 -8.47
N ASN G 79 -33.81 2.58 -7.84
CA ASN G 79 -34.39 3.11 -6.60
C ASN G 79 -33.38 3.16 -5.46
N GLU G 80 -32.36 2.31 -5.52
CA GLU G 80 -31.36 2.28 -4.48
C GLU G 80 -30.20 3.21 -4.78
N TYR G 81 -30.21 3.81 -5.97
CA TYR G 81 -29.08 4.61 -6.40
C TYR G 81 -29.52 5.89 -7.10
N GLY G 82 -30.32 6.70 -6.41
CA GLY G 82 -30.70 8.02 -6.88
C GLY G 82 -31.39 8.06 -8.22
N ASN G 83 -32.08 6.96 -8.57
CA ASN G 83 -32.81 6.84 -9.84
C ASN G 83 -31.90 6.81 -11.07
N ILE G 84 -30.63 6.48 -10.87
CA ILE G 84 -29.71 6.33 -11.98
C ILE G 84 -30.07 5.08 -12.78
N THR G 85 -30.22 5.23 -14.09
CA THR G 85 -30.59 4.08 -14.92
C THR G 85 -29.44 3.54 -15.79
N ASP G 86 -28.38 4.34 -15.94
CA ASP G 86 -27.21 3.90 -16.67
C ASP G 86 -26.01 4.81 -16.42
N PHE G 87 -24.83 4.33 -16.78
CA PHE G 87 -23.65 5.14 -16.66
C PHE G 87 -22.61 4.76 -17.70
N ARG G 88 -21.72 5.70 -18.00
CA ARG G 88 -20.57 5.48 -18.84
C ARG G 88 -19.38 5.09 -17.99
N THR G 89 -18.55 4.19 -18.49
CA THR G 89 -17.37 3.78 -17.78
C THR G 89 -16.31 3.31 -18.78
N SER G 90 -15.06 3.48 -18.41
CA SER G 90 -13.95 2.97 -19.18
C SER G 90 -14.12 1.47 -19.43
N ALA G 91 -13.86 1.06 -20.66
CA ALA G 91 -13.93 -0.34 -21.04
C ALA G 91 -12.92 -1.17 -20.25
N ALA G 92 -11.89 -0.52 -19.71
CA ALA G 92 -10.92 -1.21 -18.83
C ALA G 92 -11.49 -1.54 -17.45
N ASP G 93 -12.56 -0.87 -17.06
CA ASP G 93 -13.18 -1.12 -15.75
C ASP G 93 -14.00 -2.40 -15.74
N ILE G 94 -14.36 -2.92 -16.91
CA ILE G 94 -15.21 -4.09 -16.99
C ILE G 94 -14.67 -5.19 -17.90
N TRP G 95 -15.18 -6.40 -17.72
CA TRP G 95 -14.84 -7.45 -18.65
C TRP G 95 -15.41 -7.10 -20.03
N THR G 96 -14.66 -7.38 -21.09
CA THR G 96 -15.17 -7.28 -22.44
C THR G 96 -14.79 -8.53 -23.23
N PRO G 97 -15.57 -8.86 -24.28
CA PRO G 97 -15.36 -10.07 -25.07
C PRO G 97 -14.19 -9.96 -26.03
N ASP G 98 -13.58 -11.11 -26.35
CA ASP G 98 -12.41 -11.13 -27.21
C ASP G 98 -12.78 -11.40 -28.68
N ILE G 99 -13.78 -10.69 -29.17
CA ILE G 99 -14.21 -10.82 -30.56
C ILE G 99 -13.12 -10.30 -31.51
N THR G 100 -12.71 -11.15 -32.42
CA THR G 100 -11.54 -10.90 -33.25
C THR G 100 -11.85 -11.21 -34.70
N ALA G 101 -11.40 -10.35 -35.61
CA ALA G 101 -11.41 -10.69 -37.03
C ALA G 101 -10.40 -11.82 -37.27
N TYR G 102 -10.82 -12.87 -37.98
CA TYR G 102 -9.98 -14.05 -38.15
C TYR G 102 -9.02 -14.00 -39.35
N SER G 103 -9.17 -13.00 -40.22
CA SER G 103 -8.29 -12.90 -41.40
C SER G 103 -7.76 -11.48 -41.63
N SER G 104 -7.54 -10.75 -40.55
CA SER G 104 -6.82 -9.47 -40.58
C SER G 104 -5.38 -9.68 -41.05
N THR G 105 -4.78 -8.65 -41.65
CA THR G 105 -3.36 -8.70 -42.02
C THR G 105 -2.50 -7.64 -41.30
N ARG G 106 -3.15 -6.79 -40.51
CA ARG G 106 -2.51 -5.79 -39.67
C ARG G 106 -3.30 -5.70 -38.37
N PRO G 107 -2.64 -5.30 -37.27
CA PRO G 107 -3.42 -5.11 -36.04
C PRO G 107 -4.51 -4.10 -36.31
N VAL G 108 -5.72 -4.37 -35.83
CA VAL G 108 -6.83 -3.48 -36.03
C VAL G 108 -6.52 -2.15 -35.34
N GLN G 109 -6.92 -1.05 -35.98
CA GLN G 109 -6.68 0.28 -35.43
C GLN G 109 -8.00 0.82 -34.88
N VAL G 110 -7.97 1.18 -33.61
CA VAL G 110 -9.15 1.71 -32.94
C VAL G 110 -9.20 3.21 -33.15
N LEU G 111 -10.36 3.72 -33.55
CA LEU G 111 -10.49 5.12 -33.94
C LEU G 111 -11.29 5.92 -32.92
N SER G 112 -11.75 5.25 -31.87
CA SER G 112 -12.67 5.87 -30.92
C SER G 112 -12.28 5.55 -29.47
N PRO G 113 -12.71 6.42 -28.53
CA PRO G 113 -12.53 6.23 -27.10
C PRO G 113 -13.02 4.84 -26.65
N GLN G 114 -12.26 4.16 -25.80
CA GLN G 114 -12.71 2.84 -25.33
C GLN G 114 -13.60 3.01 -24.11
N ILE G 115 -14.86 3.35 -24.35
CA ILE G 115 -15.82 3.64 -23.29
C ILE G 115 -17.11 2.90 -23.55
N ALA G 116 -17.65 2.27 -22.52
CA ALA G 116 -18.88 1.48 -22.65
C ALA G 116 -20.02 2.07 -21.82
N VAL G 117 -21.25 1.70 -22.17
CA VAL G 117 -22.42 2.18 -21.47
C VAL G 117 -23.08 1.02 -20.77
N VAL G 118 -23.21 1.11 -19.45
CA VAL G 118 -23.86 0.07 -18.65
C VAL G 118 -25.23 0.53 -18.16
N THR G 119 -26.24 -0.33 -18.33
CA THR G 119 -27.61 -0.02 -17.94
C THR G 119 -28.05 -0.91 -16.78
N HIS G 120 -29.05 -0.44 -16.03
CA HIS G 120 -29.38 -1.04 -14.74
C HIS G 120 -29.83 -2.50 -14.81
N ASP G 121 -30.27 -2.95 -15.99
CA ASP G 121 -30.63 -4.36 -16.18
C ASP G 121 -29.38 -5.23 -16.37
N GLY G 122 -28.21 -4.61 -16.25
CA GLY G 122 -26.95 -5.32 -16.42
C GLY G 122 -26.47 -5.40 -17.85
N SER G 123 -27.14 -4.73 -18.77
CA SER G 123 -26.71 -4.80 -20.15
C SER G 123 -25.56 -3.84 -20.38
N VAL G 124 -24.63 -4.25 -21.22
CA VAL G 124 -23.48 -3.43 -21.59
C VAL G 124 -23.54 -3.21 -23.08
N MET G 125 -23.29 -1.97 -23.50
CA MET G 125 -23.14 -1.66 -24.91
C MET G 125 -21.80 -1.00 -25.19
N PHE G 126 -21.08 -1.51 -26.17
CA PHE G 126 -19.71 -1.11 -26.44
C PHE G 126 -19.52 -1.09 -27.94
N ILE G 127 -19.17 0.08 -28.49
CA ILE G 127 -19.15 0.28 -29.94
C ILE G 127 -17.88 0.97 -30.44
N PRO G 128 -16.79 0.22 -30.49
CA PRO G 128 -15.53 0.78 -30.98
C PRO G 128 -15.53 1.00 -32.50
N ALA G 129 -15.03 2.13 -32.95
CA ALA G 129 -14.78 2.35 -34.38
C ALA G 129 -13.40 1.79 -34.71
N GLN G 130 -13.29 1.13 -35.85
CA GLN G 130 -12.05 0.43 -36.20
C GLN G 130 -11.71 0.56 -37.67
N ARG G 131 -10.41 0.55 -37.95
CA ARG G 131 -9.95 0.36 -39.31
C ARG G 131 -9.31 -1.00 -39.39
N LEU G 132 -9.79 -1.82 -40.33
CA LEU G 132 -9.31 -3.18 -40.51
C LEU G 132 -8.74 -3.45 -41.92
N SER G 133 -7.50 -3.89 -42.01
CA SER G 133 -6.97 -4.52 -43.22
C SER G 133 -7.20 -6.05 -43.17
N PHE G 134 -7.80 -6.61 -44.19
CA PHE G 134 -8.04 -8.06 -44.17
C PHE G 134 -7.89 -8.67 -45.57
N MET G 135 -7.82 -10.00 -45.62
CA MET G 135 -7.52 -10.72 -46.85
C MET G 135 -8.68 -10.69 -47.81
N CYS G 136 -8.43 -10.08 -48.96
CA CYS G 136 -9.49 -9.88 -49.94
C CYS G 136 -8.91 -9.65 -51.35
N ASP G 137 -9.38 -10.45 -52.29
CA ASP G 137 -8.99 -10.34 -53.69
C ASP G 137 -9.98 -9.41 -54.36
N PRO G 138 -9.55 -8.20 -54.71
CA PRO G 138 -10.48 -7.21 -55.24
C PRO G 138 -10.74 -7.34 -56.74
N THR G 139 -10.35 -8.47 -57.32
CA THR G 139 -10.53 -8.69 -58.76
C THR G 139 -11.99 -8.51 -59.12
N GLY G 140 -12.24 -7.77 -60.19
CA GLY G 140 -13.59 -7.49 -60.61
C GLY G 140 -14.19 -6.22 -60.02
N VAL G 141 -13.46 -5.60 -59.10
CA VAL G 141 -13.95 -4.37 -58.47
C VAL G 141 -14.20 -3.28 -59.54
N ASP G 142 -13.43 -3.33 -60.62
CA ASP G 142 -13.60 -2.41 -61.74
C ASP G 142 -14.66 -2.88 -62.74
N SER G 143 -15.79 -3.37 -62.25
CA SER G 143 -16.82 -3.92 -63.13
C SER G 143 -18.21 -3.79 -62.51
N GLU G 144 -19.24 -3.96 -63.33
CA GLU G 144 -20.61 -3.82 -62.83
C GLU G 144 -20.91 -4.88 -61.78
N GLU G 145 -20.41 -6.10 -61.98
CA GLU G 145 -20.60 -7.18 -61.03
C GLU G 145 -19.92 -6.89 -59.68
N GLY G 146 -18.77 -6.22 -59.72
CA GLY G 146 -18.03 -5.87 -58.51
C GLY G 146 -17.20 -7.02 -57.98
N ALA G 147 -16.54 -6.79 -56.84
CA ALA G 147 -15.80 -7.86 -56.17
C ALA G 147 -16.52 -8.28 -54.91
N THR G 148 -16.20 -9.47 -54.42
CA THR G 148 -16.82 -9.98 -53.21
C THR G 148 -15.76 -10.46 -52.24
N CYS G 149 -15.91 -10.08 -50.98
CA CYS G 149 -14.99 -10.55 -49.97
C CYS G 149 -15.66 -10.81 -48.64
N ALA G 150 -15.00 -11.60 -47.80
CA ALA G 150 -15.58 -11.99 -46.52
C ALA G 150 -14.51 -12.09 -45.44
N VAL G 151 -14.93 -11.76 -44.22
CA VAL G 151 -14.10 -11.96 -43.05
C VAL G 151 -14.99 -12.44 -41.92
N LYS G 152 -14.51 -13.44 -41.17
CA LYS G 152 -15.25 -13.96 -40.03
C LYS G 152 -14.82 -13.26 -38.74
N PHE G 153 -15.77 -13.00 -37.85
CA PHE G 153 -15.48 -12.51 -36.51
C PHE G 153 -15.94 -13.53 -35.48
N GLY G 154 -15.11 -13.78 -34.47
CA GLY G 154 -15.50 -14.63 -33.37
C GLY G 154 -14.53 -14.51 -32.21
N SER G 155 -14.86 -15.18 -31.11
CA SER G 155 -14.01 -15.19 -29.92
C SER G 155 -12.70 -15.87 -30.21
N TRP G 156 -11.62 -15.40 -29.58
CA TRP G 156 -10.33 -16.03 -29.74
C TRP G 156 -10.16 -17.28 -28.88
N VAL G 157 -10.66 -17.25 -27.64
CA VAL G 157 -10.43 -18.36 -26.71
C VAL G 157 -11.69 -19.00 -26.12
N TYR G 158 -12.88 -18.50 -26.46
CA TYR G 158 -14.12 -19.10 -25.97
C TYR G 158 -14.90 -19.84 -27.07
N SER G 159 -15.24 -21.09 -26.81
CA SER G 159 -16.03 -21.87 -27.78
C SER G 159 -17.50 -21.50 -27.68
N GLY G 160 -18.30 -22.14 -28.52
CA GLY G 160 -19.73 -21.95 -28.50
C GLY G 160 -20.38 -22.42 -27.20
N PHE G 161 -19.65 -23.19 -26.40
CA PHE G 161 -20.15 -23.61 -25.09
C PHE G 161 -20.04 -22.49 -24.06
N GLU G 162 -19.27 -21.46 -24.38
CA GLU G 162 -18.97 -20.40 -23.41
C GLU G 162 -19.47 -19.02 -23.87
N ILE G 163 -19.26 -18.72 -25.14
CA ILE G 163 -19.86 -17.52 -25.72
C ILE G 163 -20.67 -17.87 -26.94
N ASP G 164 -21.96 -17.55 -26.89
CA ASP G 164 -22.80 -17.67 -28.07
C ASP G 164 -22.85 -16.31 -28.74
N LEU G 165 -22.69 -16.28 -30.05
CA LEU G 165 -22.73 -15.05 -30.80
C LEU G 165 -24.04 -14.95 -31.51
N LYS G 166 -24.64 -13.77 -31.55
CA LYS G 166 -25.79 -13.59 -32.41
C LYS G 166 -25.82 -12.21 -33.03
N THR G 167 -26.68 -12.06 -34.03
CA THR G 167 -26.89 -10.78 -34.65
C THR G 167 -28.36 -10.41 -34.46
N ASP G 168 -28.66 -9.12 -34.51
CA ASP G 168 -30.04 -8.68 -34.45
C ASP G 168 -30.65 -8.74 -35.84
N THR G 169 -29.78 -8.66 -36.85
CA THR G 169 -30.19 -8.69 -38.24
C THR G 169 -29.03 -9.21 -39.09
N ASP G 170 -29.36 -9.80 -40.24
CA ASP G 170 -28.32 -10.25 -41.16
C ASP G 170 -27.86 -9.10 -42.05
N GLN G 171 -28.55 -7.97 -41.95
CA GLN G 171 -28.20 -6.81 -42.77
C GLN G 171 -27.23 -5.87 -42.05
N VAL G 172 -26.06 -5.68 -42.64
CA VAL G 172 -25.10 -4.70 -42.14
C VAL G 172 -25.74 -3.33 -42.29
N ASP G 173 -25.54 -2.47 -41.31
CA ASP G 173 -26.11 -1.13 -41.35
C ASP G 173 -25.28 -0.26 -42.30
N LEU G 174 -25.92 0.24 -43.35
CA LEU G 174 -25.23 1.03 -44.37
C LEU G 174 -25.68 2.47 -44.38
N SER G 175 -26.41 2.89 -43.35
CA SER G 175 -27.01 4.22 -43.33
C SER G 175 -25.97 5.32 -43.09
N SER G 176 -24.77 4.93 -42.65
CA SER G 176 -23.69 5.88 -42.48
C SER G 176 -22.55 5.63 -43.46
N TYR G 177 -22.79 4.89 -44.53
CA TYR G 177 -21.70 4.61 -45.45
C TYR G 177 -21.32 5.90 -46.16
N TYR G 178 -20.02 6.18 -46.26
CA TYR G 178 -19.54 7.45 -46.82
C TYR G 178 -19.93 7.59 -48.28
N ALA G 179 -20.80 8.56 -48.57
CA ALA G 179 -21.35 8.76 -49.91
C ALA G 179 -20.32 9.01 -51.00
N SER G 180 -19.16 9.57 -50.66
CA SER G 180 -18.13 9.80 -51.68
C SER G 180 -16.94 8.85 -51.57
N SER G 181 -17.17 7.64 -51.05
CA SER G 181 -16.13 6.63 -51.02
C SER G 181 -15.69 6.33 -52.45
N LYS G 182 -14.46 5.84 -52.61
CA LYS G 182 -14.02 5.36 -53.91
C LYS G 182 -14.80 4.11 -54.32
N TYR G 183 -15.42 3.44 -53.36
CA TYR G 183 -16.10 2.17 -53.61
C TYR G 183 -17.54 2.22 -53.16
N GLU G 184 -18.46 1.81 -54.03
CA GLU G 184 -19.86 1.72 -53.58
C GLU G 184 -20.21 0.30 -53.16
N ILE G 185 -21.13 0.20 -52.21
CA ILE G 185 -21.52 -1.09 -51.65
C ILE G 185 -22.73 -1.65 -52.35
N LEU G 186 -22.58 -2.85 -52.90
CA LEU G 186 -23.66 -3.52 -53.60
C LEU G 186 -24.47 -4.36 -52.62
N SER G 187 -23.80 -4.92 -51.63
CA SER G 187 -24.48 -5.60 -50.52
C SER G 187 -23.54 -5.85 -49.35
N ALA G 188 -24.11 -5.96 -48.17
CA ALA G 188 -23.30 -6.26 -47.01
C ALA G 188 -24.13 -7.00 -45.99
N THR G 189 -23.72 -8.22 -45.67
CA THR G 189 -24.45 -9.01 -44.72
C THR G 189 -23.55 -9.52 -43.61
N GLN G 190 -24.18 -9.84 -42.48
CA GLN G 190 -23.50 -10.36 -41.31
C GLN G 190 -24.25 -11.59 -40.84
N THR G 191 -23.62 -12.75 -40.94
CA THR G 191 -24.34 -14.00 -40.72
C THR G 191 -23.70 -14.86 -39.65
N ARG G 192 -24.50 -15.24 -38.66
CA ARG G 192 -24.05 -16.18 -37.65
C ARG G 192 -23.82 -17.53 -38.31
N GLN G 193 -22.66 -18.11 -38.03
CA GLN G 193 -22.32 -19.44 -38.52
C GLN G 193 -21.94 -20.33 -37.34
N VAL G 194 -22.49 -21.53 -37.30
CA VAL G 194 -22.07 -22.56 -36.35
C VAL G 194 -21.15 -23.54 -37.06
N GLN G 195 -19.93 -23.71 -36.54
CA GLN G 195 -18.93 -24.56 -37.17
C GLN G 195 -18.63 -25.77 -36.29
N HIS G 196 -18.47 -26.93 -36.92
CA HIS G 196 -18.03 -28.14 -36.25
C HIS G 196 -16.70 -28.59 -36.86
N TYR G 197 -15.63 -28.54 -36.06
CA TYR G 197 -14.30 -28.87 -36.56
C TYR G 197 -13.89 -30.26 -36.13
N SER G 198 -13.12 -30.94 -36.98
CA SER G 198 -12.74 -32.33 -36.72
C SER G 198 -11.85 -32.44 -35.48
N CYS G 199 -11.13 -31.36 -35.19
CA CYS G 199 -10.19 -31.32 -34.08
C CYS G 199 -10.86 -31.35 -32.72
N CYS G 200 -12.11 -30.93 -32.66
CA CYS G 200 -12.69 -30.59 -31.37
C CYS G 200 -14.15 -30.93 -31.29
N PRO G 201 -14.58 -31.54 -30.18
CA PRO G 201 -16.00 -31.87 -30.07
C PRO G 201 -16.87 -30.61 -29.92
N GLU G 202 -16.33 -29.57 -29.29
CA GLU G 202 -17.18 -28.44 -28.95
C GLU G 202 -17.44 -27.60 -30.21
N PRO G 203 -18.65 -27.03 -30.31
CA PRO G 203 -18.98 -26.23 -31.48
C PRO G 203 -18.36 -24.83 -31.42
N TYR G 204 -18.12 -24.22 -32.59
CA TYR G 204 -17.62 -22.85 -32.66
C TYR G 204 -18.58 -21.95 -33.42
N ILE G 205 -18.59 -20.67 -33.02
CA ILE G 205 -19.51 -19.70 -33.57
C ILE G 205 -18.73 -18.53 -34.13
N ASP G 206 -19.11 -18.08 -35.32
CA ASP G 206 -18.55 -16.85 -35.83
C ASP G 206 -19.66 -16.05 -36.50
N VAL G 207 -19.36 -14.79 -36.81
CA VAL G 207 -20.23 -13.98 -37.62
C VAL G 207 -19.49 -13.62 -38.90
N ASN G 208 -20.07 -13.96 -40.04
CA ASN G 208 -19.41 -13.80 -41.33
C ASN G 208 -19.87 -12.53 -42.00
N LEU G 209 -18.95 -11.59 -42.14
CA LEU G 209 -19.26 -10.31 -42.76
C LEU G 209 -18.92 -10.41 -44.24
N VAL G 210 -19.95 -10.36 -45.08
CA VAL G 210 -19.76 -10.51 -46.51
C VAL G 210 -20.11 -9.21 -47.20
N VAL G 211 -19.15 -8.67 -47.95
CA VAL G 211 -19.34 -7.40 -48.61
C VAL G 211 -19.11 -7.50 -50.11
N LYS G 212 -20.09 -7.05 -50.89
CA LYS G 212 -19.92 -6.96 -52.34
C LYS G 212 -19.83 -5.51 -52.76
N PHE G 213 -18.74 -5.15 -53.44
CA PHE G 213 -18.49 -3.75 -53.73
C PHE G 213 -17.81 -3.55 -55.09
N ARG G 214 -17.84 -2.32 -55.58
CA ARG G 214 -17.15 -1.99 -56.83
C ARG G 214 -16.73 -0.50 -56.85
N GLU G 215 -15.87 -0.14 -57.79
CA GLU G 215 -15.45 1.25 -57.92
C GLU G 215 -16.64 2.11 -58.28
N ARG G 216 -16.75 3.29 -57.66
CA ARG G 216 -17.89 4.18 -57.89
C ARG G 216 -17.93 4.66 -59.33
N ASP H 6 12.69 31.03 0.59
CA ASP H 6 11.54 30.86 1.49
C ASP H 6 10.27 31.43 0.86
N ASP H 7 10.37 32.60 0.25
CA ASP H 7 9.26 33.17 -0.51
C ASP H 7 8.85 32.23 -1.65
N LYS H 8 9.87 31.68 -2.31
CA LYS H 8 9.64 30.75 -3.41
C LYS H 8 9.02 29.49 -2.88
N LEU H 9 9.49 29.05 -1.72
CA LEU H 9 8.94 27.87 -1.08
C LEU H 9 7.47 28.11 -0.78
N HIS H 10 7.16 29.35 -0.45
CA HIS H 10 5.83 29.73 0.01
C HIS H 10 4.82 29.68 -1.15
N SER H 11 5.17 30.22 -2.31
CA SER H 11 4.24 30.14 -3.42
C SER H 11 4.13 28.69 -3.92
N GLN H 12 5.21 27.93 -3.83
CA GLN H 12 5.16 26.54 -4.28
C GLN H 12 4.29 25.69 -3.35
N ALA H 13 4.34 25.96 -2.05
CA ALA H 13 3.51 25.23 -1.10
C ALA H 13 2.04 25.54 -1.31
N ASN H 14 1.74 26.80 -1.60
CA ASN H 14 0.37 27.21 -1.87
C ASN H 14 -0.22 26.49 -3.08
N LEU H 15 0.56 26.36 -4.14
CA LEU H 15 0.09 25.63 -5.31
C LEU H 15 -0.07 24.14 -4.99
N MET H 16 0.92 23.54 -4.33
CA MET H 16 0.78 22.13 -3.96
C MET H 16 -0.42 21.92 -3.05
N ARG H 17 -0.66 22.86 -2.14
CA ARG H 17 -1.84 22.75 -1.27
C ARG H 17 -3.13 22.79 -2.09
N LEU H 18 -3.19 23.73 -3.04
CA LEU H 18 -4.36 23.83 -3.93
C LEU H 18 -4.58 22.53 -4.68
N LYS H 19 -3.54 22.06 -5.36
CA LYS H 19 -3.64 20.85 -6.17
C LYS H 19 -4.07 19.64 -5.31
N SER H 20 -3.47 19.53 -4.12
CA SER H 20 -3.84 18.49 -3.17
C SER H 20 -5.31 18.58 -2.77
N ASP H 21 -5.75 19.78 -2.40
CA ASP H 21 -7.16 20.01 -2.07
C ASP H 21 -8.11 19.64 -3.22
N LEU H 22 -7.79 20.07 -4.44
CA LEU H 22 -8.69 19.81 -5.57
C LEU H 22 -8.75 18.33 -5.92
N PHE H 23 -7.61 17.67 -5.89
CA PHE H 23 -7.52 16.31 -6.42
C PHE H 23 -7.87 15.23 -5.40
N ASN H 24 -8.17 15.62 -4.17
CA ASN H 24 -8.65 14.69 -3.14
C ASN H 24 -10.10 14.96 -2.71
N ARG H 25 -10.80 15.78 -3.49
CA ARG H 25 -12.17 16.18 -3.14
C ARG H 25 -13.15 15.02 -3.18
N TYR H 29 -15.00 13.24 -9.49
CA TYR H 29 -15.90 13.60 -10.57
C TYR H 29 -16.09 12.44 -11.53
N PRO H 30 -17.30 11.87 -11.56
CA PRO H 30 -17.61 10.68 -12.36
C PRO H 30 -17.94 11.00 -13.81
N GLY H 31 -17.70 12.23 -14.24
CA GLY H 31 -18.11 12.64 -15.58
C GLY H 31 -19.52 13.17 -15.52
N PRO H 32 -20.02 13.70 -16.64
CA PRO H 32 -21.33 14.36 -16.64
C PRO H 32 -22.49 13.38 -16.71
N THR H 33 -23.67 13.83 -16.29
CA THR H 33 -24.89 13.04 -16.36
C THR H 33 -26.03 13.95 -16.77
N LYS H 34 -27.19 13.36 -17.02
CA LYS H 34 -28.39 14.13 -17.33
C LYS H 34 -28.73 15.08 -16.18
N ASP H 35 -28.42 14.66 -14.95
CA ASP H 35 -28.64 15.50 -13.77
C ASP H 35 -27.53 16.54 -13.58
N ASP H 36 -26.33 16.21 -14.03
CA ASP H 36 -25.17 17.07 -13.86
C ASP H 36 -24.48 17.26 -15.21
N PRO H 37 -25.13 17.98 -16.13
CA PRO H 37 -24.64 18.10 -17.50
C PRO H 37 -23.53 19.13 -17.67
N LEU H 38 -22.89 19.07 -18.81
CA LEU H 38 -21.69 19.87 -19.04
C LEU H 38 -21.73 20.45 -20.43
N THR H 39 -21.24 21.67 -20.58
CA THR H 39 -21.12 22.26 -21.90
C THR H 39 -19.66 22.35 -22.29
N VAL H 40 -19.31 21.78 -23.44
CA VAL H 40 -17.95 21.85 -23.93
C VAL H 40 -17.91 22.79 -25.13
N THR H 41 -17.02 23.77 -25.08
CA THR H 41 -16.86 24.71 -26.17
C THR H 41 -15.68 24.24 -26.99
N LEU H 42 -15.88 24.13 -28.29
CA LEU H 42 -14.87 23.68 -29.23
C LEU H 42 -14.55 24.76 -30.21
N GLY H 43 -13.30 24.84 -30.62
CA GLY H 43 -12.89 25.74 -31.66
C GLY H 43 -11.65 25.20 -32.33
N PHE H 44 -11.59 25.31 -33.65
CA PHE H 44 -10.44 24.81 -34.40
C PHE H 44 -9.56 25.93 -34.93
N THR H 45 -8.26 25.69 -34.87
CA THR H 45 -7.26 26.51 -35.53
C THR H 45 -6.58 25.64 -36.57
N LEU H 46 -6.93 25.83 -37.83
CA LEU H 46 -6.44 24.96 -38.89
C LEU H 46 -5.03 25.38 -39.35
N GLN H 47 -4.08 24.46 -39.25
CA GLN H 47 -2.69 24.79 -39.57
C GLN H 47 -2.31 24.44 -40.98
N ASP H 48 -2.81 23.31 -41.48
CA ASP H 48 -2.29 22.79 -42.73
C ASP H 48 -3.15 21.65 -43.25
N ILE H 49 -3.39 21.67 -44.55
CA ILE H 49 -3.84 20.49 -45.26
C ILE H 49 -2.58 19.90 -45.86
N VAL H 50 -2.14 18.77 -45.30
CA VAL H 50 -0.85 18.20 -45.66
C VAL H 50 -0.94 17.41 -46.95
N LYS H 51 -2.00 16.63 -47.08
CA LYS H 51 -2.07 15.64 -48.11
C LYS H 51 -3.53 15.44 -48.47
N ALA H 52 -3.79 15.29 -49.76
CA ALA H 52 -5.12 14.92 -50.22
C ALA H 52 -4.97 13.78 -51.21
N ASP H 53 -5.43 12.60 -50.81
CA ASP H 53 -5.19 11.38 -51.55
C ASP H 53 -6.44 11.01 -52.35
N SER H 54 -6.42 11.27 -53.65
CA SER H 54 -7.59 10.98 -54.48
C SER H 54 -7.72 9.49 -54.80
N SER H 55 -6.73 8.69 -54.42
CA SER H 55 -6.79 7.26 -54.69
C SER H 55 -7.57 6.52 -53.59
N THR H 56 -7.71 7.13 -52.41
CA THR H 56 -8.46 6.52 -51.32
C THR H 56 -9.54 7.44 -50.76
N ASN H 57 -9.57 8.67 -51.28
CA ASN H 57 -10.41 9.73 -50.76
C ASN H 57 -10.23 9.91 -49.25
N GLU H 58 -9.00 10.16 -48.86
CA GLU H 58 -8.62 10.57 -47.52
C GLU H 58 -7.91 11.92 -47.58
N VAL H 59 -8.22 12.81 -46.65
CA VAL H 59 -7.47 14.05 -46.53
C VAL H 59 -6.86 14.14 -45.13
N ASP H 60 -5.66 14.72 -45.07
CA ASP H 60 -4.90 14.82 -43.83
C ASP H 60 -4.81 16.26 -43.38
N LEU H 61 -5.35 16.56 -42.21
CA LEU H 61 -5.28 17.91 -41.66
C LEU H 61 -4.41 17.96 -40.41
N VAL H 62 -3.80 19.12 -40.19
CA VAL H 62 -3.15 19.46 -38.93
C VAL H 62 -3.86 20.68 -38.34
N TYR H 63 -4.28 20.58 -37.10
CA TYR H 63 -5.00 21.68 -36.44
C TYR H 63 -4.72 21.68 -34.94
N TRP H 64 -5.13 22.76 -34.28
CA TRP H 64 -5.18 22.81 -32.83
C TRP H 64 -6.64 22.80 -32.44
N GLU H 65 -7.04 21.87 -31.59
CA GLU H 65 -8.43 21.78 -31.18
C GLU H 65 -8.60 22.32 -29.77
N GLN H 66 -9.14 23.52 -29.67
CA GLN H 66 -9.36 24.11 -28.36
C GLN H 66 -10.62 23.58 -27.70
N GLN H 67 -10.47 23.00 -26.52
CA GLN H 67 -11.59 22.53 -25.72
C GLN H 67 -11.69 23.32 -24.42
N ARG H 68 -12.91 23.69 -24.04
CA ARG H 68 -13.12 24.43 -22.81
C ARG H 68 -14.37 23.91 -22.12
N TRP H 69 -14.28 23.66 -20.82
CA TRP H 69 -15.44 23.30 -20.03
C TRP H 69 -15.26 23.81 -18.61
N LYS H 70 -16.30 23.70 -17.79
CA LYS H 70 -16.30 24.28 -16.47
C LYS H 70 -16.89 23.28 -15.48
N LEU H 71 -16.23 23.09 -14.35
CA LEU H 71 -16.65 22.16 -13.31
C LEU H 71 -16.63 22.81 -11.93
N ASN H 72 -17.75 22.74 -11.21
CA ASN H 72 -17.82 23.26 -9.84
C ASN H 72 -16.70 22.70 -8.98
N SER H 73 -16.44 21.41 -9.17
CA SER H 73 -15.46 20.70 -8.37
C SER H 73 -14.03 21.18 -8.61
N LEU H 74 -13.83 22.06 -9.58
CA LEU H 74 -12.49 22.61 -9.82
C LEU H 74 -12.38 24.08 -9.43
N MET H 75 -13.40 24.60 -8.77
CA MET H 75 -13.40 26.01 -8.34
C MET H 75 -12.65 26.24 -7.03
N TRP H 76 -12.05 27.42 -6.89
CA TRP H 76 -11.48 27.81 -5.61
C TRP H 76 -11.45 29.33 -5.48
N ASP H 77 -11.31 29.80 -4.25
CA ASP H 77 -11.13 31.22 -4.01
C ASP H 77 -9.64 31.51 -3.89
N PRO H 78 -9.09 32.28 -4.84
CA PRO H 78 -7.66 32.62 -4.86
C PRO H 78 -7.19 33.19 -3.52
N ASN H 79 -8.08 33.89 -2.81
CA ASN H 79 -7.76 34.43 -1.50
C ASN H 79 -7.34 33.38 -0.48
N GLU H 80 -7.83 32.15 -0.65
CA GLU H 80 -7.51 31.06 0.27
C GLU H 80 -6.25 30.27 -0.15
N TYR H 81 -5.68 30.65 -1.29
CA TYR H 81 -4.55 29.94 -1.85
C TYR H 81 -3.50 30.87 -2.44
N GLY H 82 -3.13 31.89 -1.67
CA GLY H 82 -2.05 32.78 -2.03
C GLY H 82 -2.22 33.57 -3.30
N ASN H 83 -3.47 33.88 -3.65
CA ASN H 83 -3.78 34.64 -4.86
C ASN H 83 -3.50 33.87 -6.15
N ILE H 84 -3.39 32.55 -6.07
CA ILE H 84 -3.29 31.75 -7.29
C ILE H 84 -4.62 31.78 -8.05
N THR H 85 -4.56 32.07 -9.34
CA THR H 85 -5.76 32.19 -10.13
C THR H 85 -5.86 31.13 -11.23
N ASP H 86 -4.75 30.44 -11.49
CA ASP H 86 -4.75 29.30 -12.41
C ASP H 86 -3.48 28.45 -12.27
N PHE H 87 -3.50 27.26 -12.85
CA PHE H 87 -2.32 26.39 -12.84
C PHE H 87 -2.36 25.41 -14.01
N ARG H 88 -1.20 24.81 -14.32
CA ARG H 88 -1.06 23.79 -15.34
C ARG H 88 -1.02 22.42 -14.67
N THR H 89 -1.61 21.42 -15.31
CA THR H 89 -1.50 20.07 -14.80
C THR H 89 -1.72 19.09 -15.95
N SER H 90 -1.14 17.90 -15.81
CA SER H 90 -1.31 16.87 -16.83
C SER H 90 -2.79 16.61 -17.05
N ALA H 91 -3.18 16.42 -18.30
CA ALA H 91 -4.57 16.15 -18.62
C ALA H 91 -5.03 14.81 -18.04
N ALA H 92 -4.09 13.92 -17.76
CA ALA H 92 -4.40 12.67 -17.05
C ALA H 92 -4.83 12.92 -15.60
N ASP H 93 -4.48 14.07 -15.03
CA ASP H 93 -4.89 14.36 -13.64
C ASP H 93 -6.35 14.75 -13.49
N ILE H 94 -7.04 14.99 -14.60
CA ILE H 94 -8.42 15.49 -14.54
C ILE H 94 -9.31 14.77 -15.55
N TRP H 95 -10.61 14.86 -15.33
CA TRP H 95 -11.54 14.38 -16.33
C TRP H 95 -11.40 15.24 -17.60
N THR H 96 -11.44 14.59 -18.76
CA THR H 96 -11.47 15.27 -20.04
C THR H 96 -12.54 14.64 -20.95
N PRO H 97 -13.20 15.45 -21.79
CA PRO H 97 -14.28 14.89 -22.63
C PRO H 97 -13.76 14.01 -23.77
N ASP H 98 -14.61 13.10 -24.23
CA ASP H 98 -14.25 12.11 -25.25
C ASP H 98 -14.59 12.62 -26.65
N ILE H 99 -14.13 13.83 -26.96
CA ILE H 99 -14.43 14.44 -28.24
C ILE H 99 -13.67 13.72 -29.36
N THR H 100 -14.42 13.29 -30.36
CA THR H 100 -13.89 12.40 -31.40
C THR H 100 -14.35 12.84 -32.79
N ALA H 101 -13.47 12.75 -33.78
CA ALA H 101 -13.88 12.88 -35.17
C ALA H 101 -14.72 11.66 -35.56
N TYR H 102 -15.84 11.85 -36.24
CA TYR H 102 -16.76 10.76 -36.56
C TYR H 102 -16.47 10.08 -37.90
N SER H 103 -15.50 10.59 -38.64
CA SER H 103 -15.21 9.98 -39.93
C SER H 103 -13.71 9.90 -40.18
N SER H 104 -12.92 9.74 -39.12
CA SER H 104 -11.50 9.50 -39.29
C SER H 104 -11.28 8.15 -39.96
N THR H 105 -10.13 7.99 -40.60
CA THR H 105 -9.75 6.71 -41.21
C THR H 105 -8.49 6.12 -40.60
N ARG H 106 -7.88 6.86 -39.68
CA ARG H 106 -6.69 6.42 -38.94
C ARG H 106 -6.78 6.98 -37.53
N PRO H 107 -6.08 6.37 -36.57
CA PRO H 107 -6.08 6.97 -35.24
C PRO H 107 -5.48 8.36 -35.32
N VAL H 108 -6.08 9.32 -34.64
CA VAL H 108 -5.51 10.66 -34.53
C VAL H 108 -4.10 10.56 -33.96
N GLN H 109 -3.17 11.33 -34.53
CA GLN H 109 -1.85 11.48 -33.94
C GLN H 109 -1.75 12.80 -33.16
N VAL H 110 -1.41 12.72 -31.88
CA VAL H 110 -1.32 13.90 -31.03
C VAL H 110 0.07 14.53 -31.20
N LEU H 111 0.11 15.83 -31.48
CA LEU H 111 1.38 16.50 -31.79
C LEU H 111 1.94 17.35 -30.65
N SER H 112 1.12 17.56 -29.62
CA SER H 112 1.49 18.39 -28.49
C SER H 112 1.43 17.62 -27.20
N PRO H 113 2.06 18.15 -26.14
CA PRO H 113 1.92 17.61 -24.79
C PRO H 113 0.46 17.63 -24.33
N GLN H 114 0.09 16.68 -23.47
CA GLN H 114 -1.26 16.65 -22.93
C GLN H 114 -1.33 17.31 -21.57
N ILE H 115 -1.41 18.64 -21.57
CA ILE H 115 -1.40 19.42 -20.35
C ILE H 115 -2.53 20.43 -20.43
N ALA H 116 -3.28 20.58 -19.35
CA ALA H 116 -4.40 21.50 -19.34
C ALA H 116 -4.11 22.68 -18.42
N VAL H 117 -4.83 23.76 -18.66
CA VAL H 117 -4.82 24.92 -17.81
C VAL H 117 -6.14 25.00 -17.06
N VAL H 118 -6.07 25.00 -15.74
CA VAL H 118 -7.26 25.12 -14.91
C VAL H 118 -7.30 26.50 -14.27
N THR H 119 -8.46 27.15 -14.31
CA THR H 119 -8.62 28.48 -13.74
C THR H 119 -9.53 28.43 -12.52
N HIS H 120 -9.41 29.43 -11.65
CA HIS H 120 -10.05 29.38 -10.34
C HIS H 120 -11.57 29.36 -10.40
N ASP H 121 -12.14 29.80 -11.53
CA ASP H 121 -13.60 29.71 -11.73
C ASP H 121 -14.02 28.30 -12.16
N GLY H 122 -13.10 27.35 -12.08
CA GLY H 122 -13.40 25.96 -12.39
C GLY H 122 -13.36 25.65 -13.88
N SER H 123 -12.97 26.61 -14.71
CA SER H 123 -12.92 26.35 -16.14
C SER H 123 -11.60 25.72 -16.55
N VAL H 124 -11.66 24.88 -17.56
CA VAL H 124 -10.50 24.18 -18.05
C VAL H 124 -10.30 24.54 -19.51
N MET H 125 -9.05 24.83 -19.87
CA MET H 125 -8.71 24.95 -21.29
C MET H 125 -7.67 23.90 -21.66
N PHE H 126 -7.94 23.17 -22.74
CA PHE H 126 -7.10 22.07 -23.18
C PHE H 126 -7.04 22.16 -24.69
N ILE H 127 -5.84 22.23 -25.24
CA ILE H 127 -5.68 22.45 -26.67
C ILE H 127 -4.67 21.48 -27.31
N PRO H 128 -5.07 20.22 -27.53
CA PRO H 128 -4.20 19.29 -28.27
C PRO H 128 -4.01 19.67 -29.73
N ALA H 129 -2.77 19.60 -30.22
CA ALA H 129 -2.53 19.68 -31.66
C ALA H 129 -2.63 18.26 -32.21
N GLN H 130 -3.30 18.12 -33.35
CA GLN H 130 -3.54 16.79 -33.92
C GLN H 130 -3.32 16.78 -35.42
N ARG H 131 -2.88 15.63 -35.92
CA ARG H 131 -3.01 15.33 -37.33
C ARG H 131 -4.09 14.26 -37.52
N LEU H 132 -5.01 14.53 -38.44
CA LEU H 132 -6.15 13.65 -38.65
C LEU H 132 -6.29 13.28 -40.12
N SER H 133 -6.42 11.99 -40.40
CA SER H 133 -6.86 11.54 -41.72
C SER H 133 -8.35 11.28 -41.67
N PHE H 134 -9.12 11.89 -42.56
CA PHE H 134 -10.56 11.70 -42.53
C PHE H 134 -11.12 11.52 -43.95
N MET H 135 -12.35 11.01 -44.03
CA MET H 135 -12.98 10.70 -45.31
C MET H 135 -13.29 11.96 -46.10
N CYS H 136 -12.69 12.07 -47.27
CA CYS H 136 -12.86 13.26 -48.07
C CYS H 136 -12.52 13.01 -49.55
N ASP H 137 -13.43 13.41 -50.42
CA ASP H 137 -13.23 13.28 -51.85
C ASP H 137 -12.69 14.60 -52.37
N PRO H 138 -11.41 14.62 -52.77
CA PRO H 138 -10.75 15.86 -53.18
C PRO H 138 -11.03 16.28 -54.62
N THR H 139 -11.96 15.62 -55.31
CA THR H 139 -12.30 16.03 -56.69
C THR H 139 -12.64 17.51 -56.80
N GLY H 140 -12.04 18.19 -57.78
CA GLY H 140 -12.27 19.62 -57.95
C GLY H 140 -11.18 20.47 -57.31
N VAL H 141 -10.29 19.84 -56.56
CA VAL H 141 -9.23 20.57 -55.86
C VAL H 141 -8.26 21.23 -56.85
N ASP H 142 -8.17 20.68 -58.06
CA ASP H 142 -7.29 21.25 -59.08
C ASP H 142 -8.01 22.28 -59.93
N SER H 143 -9.13 22.81 -59.42
CA SER H 143 -9.90 23.82 -60.14
C SER H 143 -10.09 25.06 -59.28
N GLU H 144 -10.67 26.10 -59.87
CA GLU H 144 -10.84 27.36 -59.17
C GLU H 144 -11.85 27.26 -58.04
N GLU H 145 -12.91 26.49 -58.25
CA GLU H 145 -13.97 26.32 -57.26
C GLU H 145 -13.49 25.46 -56.09
N GLY H 146 -12.55 24.58 -56.38
CA GLY H 146 -11.90 23.79 -55.36
C GLY H 146 -12.75 22.63 -54.90
N ALA H 147 -12.31 21.95 -53.85
CA ALA H 147 -13.07 20.85 -53.29
C ALA H 147 -13.67 21.27 -51.96
N THR H 148 -14.66 20.52 -51.49
CA THR H 148 -15.30 20.79 -50.22
C THR H 148 -15.32 19.51 -49.40
N CYS H 149 -14.95 19.61 -48.13
CA CYS H 149 -15.04 18.44 -47.26
C CYS H 149 -15.52 18.80 -45.88
N ALA H 150 -16.05 17.80 -45.19
CA ALA H 150 -16.66 18.00 -43.88
C ALA H 150 -16.33 16.85 -42.94
N VAL H 151 -16.15 17.17 -41.67
CA VAL H 151 -15.97 16.15 -40.64
C VAL H 151 -16.62 16.64 -39.35
N LYS H 152 -17.39 15.76 -38.71
CA LYS H 152 -18.07 16.07 -37.46
C LYS H 152 -17.22 15.65 -36.26
N PHE H 153 -17.36 16.42 -35.18
CA PHE H 153 -16.69 16.14 -33.93
C PHE H 153 -17.71 16.14 -32.82
N GLY H 154 -17.62 15.16 -31.93
CA GLY H 154 -18.50 15.14 -30.79
C GLY H 154 -18.14 14.05 -29.82
N SER H 155 -18.90 13.97 -28.74
CA SER H 155 -18.75 12.89 -27.81
C SER H 155 -19.02 11.55 -28.49
N TRP H 156 -18.24 10.54 -28.15
CA TRP H 156 -18.49 9.21 -28.67
C TRP H 156 -19.67 8.57 -27.93
N VAL H 157 -19.75 8.77 -26.63
CA VAL H 157 -20.73 8.05 -25.82
C VAL H 157 -21.71 8.89 -24.99
N TYR H 158 -21.55 10.21 -24.97
CA TYR H 158 -22.52 11.04 -24.26
C TYR H 158 -23.50 11.70 -25.22
N SER H 159 -24.76 11.79 -24.80
CA SER H 159 -25.78 12.48 -25.59
C SER H 159 -25.81 13.94 -25.22
N GLY H 160 -26.60 14.72 -25.96
CA GLY H 160 -26.80 16.12 -25.65
C GLY H 160 -27.41 16.35 -24.28
N PHE H 161 -27.90 15.28 -23.67
CA PHE H 161 -28.39 15.32 -22.29
C PHE H 161 -27.26 15.40 -21.26
N GLU H 162 -26.10 14.85 -21.60
CA GLU H 162 -24.98 14.88 -20.66
C GLU H 162 -23.93 15.90 -21.07
N ILE H 163 -23.65 15.97 -22.37
CA ILE H 163 -22.70 16.92 -22.90
C ILE H 163 -23.33 17.70 -24.05
N ASP H 164 -23.45 19.01 -23.86
CA ASP H 164 -23.84 19.91 -24.92
C ASP H 164 -22.53 20.45 -25.49
N LEU H 165 -22.52 20.83 -26.76
CA LEU H 165 -21.37 21.49 -27.34
C LEU H 165 -21.72 22.88 -27.80
N LYS H 166 -20.69 23.71 -27.95
CA LYS H 166 -20.86 24.94 -28.71
C LYS H 166 -19.53 25.40 -29.27
N THR H 167 -19.59 26.36 -30.18
CA THR H 167 -18.38 26.99 -30.75
C THR H 167 -18.29 28.39 -30.16
N ASP H 168 -17.14 29.04 -30.22
CA ASP H 168 -17.14 30.44 -29.80
C ASP H 168 -17.31 31.34 -31.01
N THR H 169 -17.04 30.78 -32.17
CA THR H 169 -17.29 31.46 -33.43
C THR H 169 -17.58 30.44 -34.51
N ASP H 170 -18.36 30.80 -35.51
CA ASP H 170 -18.65 29.92 -36.64
C ASP H 170 -17.45 29.80 -37.56
N GLN H 171 -16.54 30.78 -37.50
CA GLN H 171 -15.36 30.82 -38.34
C GLN H 171 -14.16 30.09 -37.71
N VAL H 172 -13.59 29.15 -38.45
CA VAL H 172 -12.36 28.51 -38.05
C VAL H 172 -11.20 29.54 -38.08
N ASP H 173 -10.36 29.49 -37.06
CA ASP H 173 -9.17 30.35 -37.00
C ASP H 173 -8.17 29.97 -38.08
N LEU H 174 -7.98 30.84 -39.06
CA LEU H 174 -7.00 30.59 -40.11
C LEU H 174 -5.75 31.45 -39.94
N SER H 175 -5.65 32.15 -38.81
CA SER H 175 -4.55 33.09 -38.60
C SER H 175 -3.18 32.40 -38.50
N SER H 176 -3.19 31.08 -38.29
CA SER H 176 -1.95 30.30 -38.25
C SER H 176 -1.84 29.29 -39.40
N TYR H 177 -2.66 29.44 -40.44
CA TYR H 177 -2.62 28.50 -41.53
C TYR H 177 -1.32 28.67 -42.32
N TYR H 178 -0.69 27.57 -42.65
CA TYR H 178 0.62 27.57 -43.27
C TYR H 178 0.60 28.21 -44.66
N ALA H 179 1.30 29.33 -44.80
CA ALA H 179 1.20 30.17 -46.01
C ALA H 179 1.73 29.48 -47.26
N SER H 180 2.61 28.49 -47.10
CA SER H 180 3.15 27.78 -48.25
C SER H 180 2.67 26.34 -48.36
N SER H 181 1.48 26.08 -47.83
CA SER H 181 0.83 24.78 -47.97
C SER H 181 0.60 24.47 -49.45
N LYS H 182 0.47 23.20 -49.79
CA LYS H 182 0.09 22.81 -51.14
C LYS H 182 -1.32 23.28 -51.44
N TYR H 183 -2.13 23.45 -50.39
CA TYR H 183 -3.53 23.82 -50.54
C TYR H 183 -3.87 25.15 -49.90
N GLU H 184 -4.58 25.99 -50.65
CA GLU H 184 -5.15 27.21 -50.12
C GLU H 184 -6.55 26.97 -49.54
N ILE H 185 -6.85 27.63 -48.43
CA ILE H 185 -8.18 27.58 -47.85
C ILE H 185 -9.08 28.64 -48.48
N LEU H 186 -10.23 28.21 -49.00
CA LEU H 186 -11.18 29.15 -49.56
C LEU H 186 -12.22 29.53 -48.51
N SER H 187 -12.56 28.57 -47.65
CA SER H 187 -13.35 28.86 -46.48
C SER H 187 -13.28 27.69 -45.51
N ALA H 188 -13.53 27.99 -44.23
CA ALA H 188 -13.45 27.00 -43.18
C ALA H 188 -14.37 27.43 -42.05
N THR H 189 -15.42 26.65 -41.84
CA THR H 189 -16.41 26.97 -40.82
C THR H 189 -16.58 25.79 -39.84
N GLN H 190 -17.12 26.11 -38.68
CA GLN H 190 -17.34 25.14 -37.61
C GLN H 190 -18.71 25.44 -37.04
N THR H 191 -19.62 24.47 -37.13
CA THR H 191 -21.01 24.72 -36.78
C THR H 191 -21.58 23.65 -35.87
N ARG H 192 -22.16 24.09 -34.75
CA ARG H 192 -22.94 23.22 -33.89
C ARG H 192 -24.13 22.65 -34.67
N GLN H 193 -24.33 21.35 -34.60
CA GLN H 193 -25.50 20.72 -35.20
C GLN H 193 -26.26 19.95 -34.13
N VAL H 194 -27.59 19.96 -34.23
CA VAL H 194 -28.45 19.14 -33.38
C VAL H 194 -29.02 18.04 -34.26
N GLN H 195 -28.86 16.81 -33.79
CA GLN H 195 -29.24 15.62 -34.55
C GLN H 195 -30.35 14.84 -33.84
N HIS H 196 -31.36 14.43 -34.59
CA HIS H 196 -32.32 13.44 -34.12
C HIS H 196 -32.05 12.11 -34.81
N TYR H 197 -31.76 11.08 -34.03
CA TYR H 197 -31.55 9.77 -34.59
C TYR H 197 -32.69 8.85 -34.18
N SER H 198 -33.20 8.08 -35.13
CA SER H 198 -34.34 7.21 -34.89
C SER H 198 -34.09 6.19 -33.78
N CYS H 199 -32.84 5.76 -33.64
CA CYS H 199 -32.48 4.75 -32.66
C CYS H 199 -32.68 5.19 -31.22
N CYS H 200 -32.63 6.50 -30.99
CA CYS H 200 -32.45 7.01 -29.64
C CYS H 200 -33.37 8.18 -29.30
N PRO H 201 -33.92 8.19 -28.08
CA PRO H 201 -34.82 9.25 -27.63
C PRO H 201 -34.13 10.58 -27.36
N GLU H 202 -32.83 10.54 -27.09
CA GLU H 202 -32.14 11.74 -26.65
C GLU H 202 -31.53 12.49 -27.83
N PRO H 203 -31.44 13.82 -27.72
CA PRO H 203 -30.80 14.61 -28.78
C PRO H 203 -29.30 14.34 -28.86
N TYR H 204 -28.71 14.44 -30.04
CA TYR H 204 -27.27 14.37 -30.16
C TYR H 204 -26.72 15.64 -30.79
N ILE H 205 -25.51 15.99 -30.37
CA ILE H 205 -24.90 17.24 -30.76
C ILE H 205 -23.52 16.98 -31.33
N ASP H 206 -23.18 17.66 -32.41
CA ASP H 206 -21.83 17.60 -32.89
C ASP H 206 -21.42 18.97 -33.39
N VAL H 207 -20.13 19.12 -33.68
CA VAL H 207 -19.65 20.30 -34.39
C VAL H 207 -19.15 19.86 -35.74
N ASN H 208 -19.64 20.52 -36.77
CA ASN H 208 -19.31 20.18 -38.13
C ASN H 208 -18.24 21.10 -38.71
N LEU H 209 -17.08 20.55 -39.01
CA LEU H 209 -15.99 21.31 -39.59
C LEU H 209 -16.06 21.18 -41.10
N VAL H 210 -16.26 22.30 -41.78
CA VAL H 210 -16.38 22.27 -43.23
C VAL H 210 -15.27 23.11 -43.88
N VAL H 211 -14.49 22.48 -44.74
CA VAL H 211 -13.37 23.16 -45.35
C VAL H 211 -13.44 23.10 -46.88
N LYS H 212 -13.39 24.26 -47.51
CA LYS H 212 -13.31 24.36 -48.97
C LYS H 212 -11.89 24.78 -49.30
N PHE H 213 -11.24 24.02 -50.18
CA PHE H 213 -9.81 24.22 -50.45
C PHE H 213 -9.45 23.89 -51.90
N ARG H 214 -8.29 24.36 -52.35
CA ARG H 214 -7.84 24.07 -53.70
C ARG H 214 -6.31 24.16 -53.79
N GLU H 215 -5.74 23.56 -54.82
CA GLU H 215 -4.31 23.61 -55.02
C GLU H 215 -3.85 25.06 -55.14
N ARG H 216 -2.84 25.44 -54.36
CA ARG H 216 -2.28 26.78 -54.44
C ARG H 216 -1.75 27.04 -55.84
N TYR I 2 37.93 -6.15 0.42
CA TYR I 2 36.65 -5.86 1.05
C TYR I 2 36.52 -4.38 1.36
N LYS I 3 37.64 -3.71 1.60
CA LYS I 3 37.64 -2.27 1.82
C LYS I 3 37.13 -1.53 0.58
N ASP I 4 37.58 -1.98 -0.59
CA ASP I 4 37.14 -1.36 -1.85
C ASP I 4 35.62 -1.56 -2.02
N ASP I 5 35.15 -2.78 -1.80
CA ASP I 5 33.72 -3.08 -1.82
C ASP I 5 32.93 -2.13 -0.93
N ASP I 6 33.43 -1.90 0.28
CA ASP I 6 32.77 -0.98 1.20
C ASP I 6 32.76 0.44 0.62
N ASP I 7 33.89 0.87 0.06
CA ASP I 7 34.02 2.22 -0.50
C ASP I 7 33.03 2.47 -1.62
N LYS I 8 32.89 1.51 -2.52
CA LYS I 8 31.96 1.64 -3.63
C LYS I 8 30.54 1.77 -3.07
N LEU I 9 30.18 0.87 -2.15
CA LEU I 9 28.90 0.96 -1.45
C LEU I 9 28.72 2.33 -0.79
N HIS I 10 29.81 2.89 -0.29
CA HIS I 10 29.80 4.22 0.31
C HIS I 10 29.40 5.31 -0.70
N SER I 11 30.03 5.35 -1.86
CA SER I 11 29.68 6.39 -2.83
C SER I 11 28.28 6.18 -3.37
N GLN I 12 27.87 4.92 -3.53
CA GLN I 12 26.54 4.60 -3.99
C GLN I 12 25.52 5.10 -2.96
N ALA I 13 25.78 4.87 -1.68
CA ALA I 13 24.87 5.33 -0.63
C ALA I 13 24.78 6.85 -0.60
N ASN I 14 25.90 7.53 -0.79
CA ASN I 14 25.87 8.98 -0.81
C ASN I 14 25.03 9.51 -1.97
N LEU I 15 25.20 8.94 -3.15
CA LEU I 15 24.40 9.41 -4.29
C LEU I 15 22.90 9.11 -4.06
N MET I 16 22.59 7.90 -3.60
CA MET I 16 21.19 7.56 -3.34
C MET I 16 20.59 8.45 -2.26
N ARG I 17 21.39 8.80 -1.25
CA ARG I 17 20.95 9.74 -0.22
C ARG I 17 20.64 11.11 -0.80
N LEU I 18 21.49 11.57 -1.71
CA LEU I 18 21.28 12.89 -2.33
C LEU I 18 19.98 12.91 -3.11
N LYS I 19 19.84 11.95 -4.03
CA LYS I 19 18.66 11.84 -4.88
C LYS I 19 17.40 11.65 -4.04
N SER I 20 17.50 10.83 -3.00
CA SER I 20 16.39 10.64 -2.09
C SER I 20 16.01 11.97 -1.44
N ASP I 21 17.02 12.73 -0.99
CA ASP I 21 16.76 14.03 -0.37
C ASP I 21 16.13 15.00 -1.37
N LEU I 22 16.66 15.09 -2.58
CA LEU I 22 16.10 16.06 -3.53
C LEU I 22 14.71 15.65 -3.99
N PHE I 23 14.48 14.36 -4.19
CA PHE I 23 13.20 13.94 -4.79
C PHE I 23 12.09 13.83 -3.75
N ASN I 24 12.42 13.97 -2.47
CA ASN I 24 11.36 14.01 -1.46
C ASN I 24 11.24 15.37 -0.76
N ARG I 25 11.84 16.40 -1.35
CA ARG I 25 11.74 17.75 -0.82
C ARG I 25 10.28 18.17 -0.75
N SER I 26 9.92 18.92 0.30
CA SER I 26 8.53 19.25 0.54
C SER I 26 8.18 20.63 -0.03
N MET I 28 7.50 19.89 -3.05
CA MET I 28 7.71 19.40 -4.40
C MET I 28 7.61 20.54 -5.41
N TYR I 29 8.52 20.57 -6.38
CA TYR I 29 8.45 21.61 -7.42
C TYR I 29 7.26 21.38 -8.35
N PRO I 30 6.29 22.30 -8.35
CA PRO I 30 5.06 22.12 -9.11
C PRO I 30 5.13 22.72 -10.52
N GLY I 31 6.34 22.97 -11.00
CA GLY I 31 6.51 23.62 -12.29
C GLY I 31 6.46 25.12 -12.09
N PRO I 32 6.76 25.88 -13.15
CA PRO I 32 6.85 27.35 -13.00
C PRO I 32 5.48 28.03 -12.93
N THR I 33 5.45 29.19 -12.30
CA THR I 33 4.23 29.99 -12.13
C THR I 33 4.58 31.46 -12.29
N LYS I 34 3.56 32.31 -12.38
CA LYS I 34 3.80 33.74 -12.48
C LYS I 34 4.57 34.22 -11.25
N ASP I 35 4.33 33.58 -10.11
CA ASP I 35 5.00 33.96 -8.86
C ASP I 35 6.42 33.41 -8.77
N ASP I 36 6.71 32.39 -9.57
CA ASP I 36 7.99 31.69 -9.54
C ASP I 36 8.39 31.36 -10.98
N PRO I 37 8.63 32.39 -11.80
CA PRO I 37 8.83 32.15 -13.23
C PRO I 37 10.19 31.52 -13.51
N LEU I 38 10.32 30.87 -14.67
CA LEU I 38 11.53 30.12 -14.99
C LEU I 38 12.10 30.51 -16.35
N THR I 39 13.42 30.64 -16.43
CA THR I 39 14.05 30.86 -17.71
C THR I 39 14.67 29.59 -18.26
N VAL I 40 14.27 29.24 -19.47
CA VAL I 40 14.80 28.09 -20.13
C VAL I 40 15.64 28.53 -21.31
N THR I 41 16.89 28.08 -21.36
CA THR I 41 17.74 28.35 -22.51
C THR I 41 17.74 27.17 -23.48
N LEU I 42 17.57 27.48 -24.77
CA LEU I 42 17.61 26.49 -25.83
C LEU I 42 18.78 26.72 -26.75
N GLY I 43 19.32 25.62 -27.27
CA GLY I 43 20.35 25.68 -28.29
C GLY I 43 20.14 24.51 -29.22
N PHE I 44 20.17 24.74 -30.52
CA PHE I 44 19.96 23.66 -31.46
C PHE I 44 21.24 23.25 -32.17
N THR I 45 21.46 21.95 -32.22
CA THR I 45 22.51 21.35 -33.01
C THR I 45 21.86 20.56 -34.14
N LEU I 46 22.03 21.02 -35.38
CA LEU I 46 21.41 20.40 -36.52
C LEU I 46 22.29 19.28 -37.06
N GLN I 47 21.79 18.05 -37.05
CA GLN I 47 22.60 16.92 -37.46
C GLN I 47 22.38 16.52 -38.92
N ASP I 48 21.16 16.71 -39.44
CA ASP I 48 20.85 16.21 -40.77
C ASP I 48 19.51 16.72 -41.25
N ILE I 49 19.44 17.12 -42.51
CA ILE I 49 18.16 17.18 -43.19
C ILE I 49 18.03 15.88 -43.95
N VAL I 50 17.09 15.04 -43.53
CA VAL I 50 16.99 13.70 -44.08
C VAL I 50 16.23 13.67 -45.40
N LYS I 51 15.07 14.34 -45.43
CA LYS I 51 14.14 14.17 -46.52
C LYS I 51 13.34 15.44 -46.74
N ALA I 52 13.20 15.82 -48.00
CA ALA I 52 12.34 16.93 -48.39
C ALA I 52 11.23 16.37 -49.27
N ASP I 53 9.98 16.66 -48.94
CA ASP I 53 8.87 16.10 -49.67
C ASP I 53 8.09 17.22 -50.35
N SER I 54 8.30 17.35 -51.65
CA SER I 54 7.69 18.45 -52.39
C SER I 54 6.24 18.15 -52.76
N SER I 55 5.80 16.91 -52.57
CA SER I 55 4.39 16.59 -52.83
C SER I 55 3.49 16.98 -51.64
N THR I 56 4.06 17.05 -50.43
CA THR I 56 3.27 17.39 -49.25
C THR I 56 3.79 18.65 -48.51
N ASN I 57 4.93 19.17 -48.96
CA ASN I 57 5.61 20.29 -48.28
C ASN I 57 5.86 19.98 -46.78
N GLU I 58 6.58 18.88 -46.58
CA GLU I 58 7.07 18.44 -45.30
C GLU I 58 8.55 18.14 -45.41
N VAL I 59 9.35 18.66 -44.48
CA VAL I 59 10.77 18.32 -44.46
C VAL I 59 11.11 17.61 -43.15
N ASP I 60 12.07 16.69 -43.20
CA ASP I 60 12.42 15.89 -42.03
C ASP I 60 13.81 16.25 -41.56
N LEU I 61 13.90 16.71 -40.31
CA LEU I 61 15.16 17.09 -39.66
C LEU I 61 15.56 16.15 -38.55
N VAL I 62 16.86 15.95 -38.39
CA VAL I 62 17.40 15.37 -37.16
C VAL I 62 18.25 16.43 -36.45
N TYR I 63 17.94 16.71 -35.20
CA TYR I 63 18.71 17.69 -34.41
C TYR I 63 18.78 17.27 -32.95
N TRP I 64 19.70 17.86 -32.21
CA TRP I 64 19.74 17.73 -30.76
C TRP I 64 19.25 19.04 -30.19
N GLU I 65 18.31 18.96 -29.27
CA GLU I 65 17.74 20.16 -28.67
C GLU I 65 18.26 20.33 -27.26
N GLN I 66 19.25 21.19 -27.08
CA GLN I 66 19.80 21.39 -25.76
C GLN I 66 18.88 22.27 -24.92
N GLN I 67 18.45 21.76 -23.77
CA GLN I 67 17.64 22.56 -22.85
C GLN I 67 18.38 22.72 -21.54
N ARG I 68 18.37 23.93 -20.99
CA ARG I 68 18.99 24.21 -19.70
C ARG I 68 18.10 25.11 -18.85
N TRP I 69 18.02 24.80 -17.57
CA TRP I 69 17.33 25.63 -16.60
C TRP I 69 17.96 25.41 -15.22
N LYS I 70 17.50 26.18 -14.25
CA LYS I 70 18.05 26.13 -12.91
C LYS I 70 16.93 26.24 -11.88
N LEU I 71 16.95 25.35 -10.88
CA LEU I 71 16.00 25.36 -9.76
C LEU I 71 16.69 25.42 -8.40
N ASN I 72 16.23 26.30 -7.53
CA ASN I 72 16.67 26.30 -6.14
C ASN I 72 16.52 24.94 -5.51
N SER I 73 15.41 24.28 -5.84
CA SER I 73 15.03 23.04 -5.18
C SER I 73 15.95 21.90 -5.56
N LEU I 74 16.80 22.12 -6.56
CA LEU I 74 17.74 21.09 -6.96
C LEU I 74 19.17 21.38 -6.52
N MET I 75 19.36 22.46 -5.75
CA MET I 75 20.69 22.79 -5.22
C MET I 75 21.07 21.91 -4.04
N TRP I 76 22.34 21.53 -3.98
CA TRP I 76 22.91 20.94 -2.76
C TRP I 76 24.35 21.38 -2.53
N ASP I 77 24.81 21.23 -1.30
CA ASP I 77 26.19 21.43 -0.94
C ASP I 77 26.95 20.13 -1.08
N PRO I 78 27.90 20.07 -2.02
CA PRO I 78 28.66 18.84 -2.24
C PRO I 78 29.34 18.32 -0.97
N ASN I 79 29.77 19.21 -0.09
CA ASN I 79 30.35 18.79 1.19
C ASN I 79 29.43 17.90 2.03
N GLU I 80 28.12 18.13 1.92
CA GLU I 80 27.15 17.38 2.70
C GLU I 80 26.84 16.03 2.08
N TYR I 81 27.28 15.81 0.85
CA TYR I 81 26.92 14.60 0.11
C TYR I 81 28.11 13.95 -0.58
N GLY I 82 29.15 13.67 0.19
CA GLY I 82 30.28 12.91 -0.31
C GLY I 82 31.06 13.58 -1.41
N ASN I 83 30.96 14.91 -1.51
CA ASN I 83 31.66 15.68 -2.54
C ASN I 83 31.13 15.43 -3.95
N ILE I 84 29.92 14.90 -4.03
CA ILE I 84 29.25 14.73 -5.31
C ILE I 84 28.88 16.09 -5.88
N THR I 85 29.22 16.35 -7.13
CA THR I 85 28.98 17.67 -7.70
C THR I 85 27.93 17.68 -8.80
N ASP I 86 27.56 16.50 -9.28
CA ASP I 86 26.51 16.39 -10.26
C ASP I 86 26.06 14.93 -10.36
N PHE I 87 24.92 14.70 -11.00
CA PHE I 87 24.48 13.33 -11.23
C PHE I 87 23.53 13.22 -12.42
N ARG I 88 23.42 12.01 -12.93
CA ARG I 88 22.53 11.67 -14.03
C ARG I 88 21.26 11.07 -13.48
N THR I 89 20.14 11.38 -14.11
CA THR I 89 18.90 10.81 -13.66
C THR I 89 17.90 10.80 -14.80
N SER I 90 17.03 9.80 -14.82
CA SER I 90 15.92 9.76 -15.76
C SER I 90 15.16 11.07 -15.75
N ALA I 91 14.85 11.56 -16.95
CA ALA I 91 14.11 12.80 -17.09
C ALA I 91 12.73 12.72 -16.44
N ALA I 92 12.24 11.50 -16.19
CA ALA I 92 10.96 11.34 -15.52
C ALA I 92 11.07 11.56 -14.02
N ASP I 93 12.29 11.61 -13.48
CA ASP I 93 12.46 11.88 -12.05
C ASP I 93 12.31 13.36 -11.71
N ILE I 94 12.36 14.23 -12.72
CA ILE I 94 12.30 15.66 -12.49
C ILE I 94 11.33 16.36 -13.42
N TRP I 95 10.95 17.58 -13.06
CA TRP I 95 10.16 18.39 -13.96
C TRP I 95 10.99 18.72 -15.18
N THR I 96 10.38 18.72 -16.35
CA THR I 96 11.07 19.17 -17.56
C THR I 96 10.13 20.05 -18.38
N PRO I 97 10.68 21.03 -19.11
CA PRO I 97 9.82 21.96 -19.85
C PRO I 97 9.14 21.27 -21.06
N ASP I 98 7.92 21.68 -21.36
CA ASP I 98 7.12 21.08 -22.42
C ASP I 98 7.42 21.74 -23.76
N ILE I 99 8.69 21.84 -24.11
CA ILE I 99 9.06 22.51 -25.35
C ILE I 99 8.58 21.71 -26.57
N THR I 100 7.84 22.39 -27.45
CA THR I 100 7.12 21.74 -28.55
C THR I 100 7.32 22.50 -29.87
N ALA I 101 7.55 21.78 -30.96
CA ALA I 101 7.54 22.40 -32.28
C ALA I 101 6.10 22.80 -32.61
N TYR I 102 5.92 24.03 -33.08
CA TYR I 102 4.58 24.54 -33.32
C TYR I 102 3.98 24.07 -34.65
N SER I 103 4.82 23.56 -35.55
CA SER I 103 4.34 23.23 -36.89
C SER I 103 4.82 21.87 -37.37
N SER I 104 4.93 20.91 -36.45
CA SER I 104 5.22 19.54 -36.85
C SER I 104 4.00 18.96 -37.55
N THR I 105 4.23 17.95 -38.39
CA THR I 105 3.13 17.29 -39.10
C THR I 105 3.03 15.83 -38.69
N ARG I 106 3.99 15.38 -37.88
CA ARG I 106 3.95 14.04 -37.26
C ARG I 106 4.48 14.18 -35.86
N PRO I 107 4.07 13.28 -34.96
CA PRO I 107 4.65 13.23 -33.61
C PRO I 107 6.16 13.17 -33.69
N VAL I 108 6.82 14.05 -32.95
CA VAL I 108 8.27 14.08 -32.94
C VAL I 108 8.77 12.75 -32.40
N GLN I 109 9.85 12.24 -32.97
CA GLN I 109 10.38 10.97 -32.51
C GLN I 109 11.67 11.18 -31.75
N VAL I 110 11.79 10.57 -30.58
CA VAL I 110 12.99 10.77 -29.77
C VAL I 110 14.00 9.68 -30.08
N LEU I 111 15.26 10.08 -30.29
CA LEU I 111 16.29 9.16 -30.74
C LEU I 111 17.27 8.83 -29.62
N SER I 112 17.14 9.50 -28.49
CA SER I 112 18.13 9.35 -27.43
C SER I 112 17.50 9.01 -26.09
N PRO I 113 18.29 8.45 -25.18
CA PRO I 113 17.83 8.14 -23.82
C PRO I 113 17.28 9.37 -23.11
N GLN I 114 16.17 9.22 -22.40
CA GLN I 114 15.61 10.35 -21.67
C GLN I 114 16.32 10.54 -20.31
N ILE I 115 17.56 11.01 -20.36
CA ILE I 115 18.35 11.21 -19.15
C ILE I 115 18.91 12.63 -19.08
N ALA I 116 18.76 13.26 -17.92
CA ALA I 116 19.25 14.61 -17.70
C ALA I 116 20.42 14.61 -16.73
N VAL I 117 21.12 15.74 -16.69
CA VAL I 117 22.24 15.91 -15.78
C VAL I 117 21.96 17.11 -14.89
N VAL I 118 22.07 16.88 -13.59
CA VAL I 118 21.75 17.85 -12.56
C VAL I 118 23.04 18.18 -11.83
N THR I 119 23.30 19.47 -11.66
CA THR I 119 24.56 19.93 -11.07
C THR I 119 24.26 20.62 -9.75
N HIS I 120 25.22 20.62 -8.83
CA HIS I 120 24.98 21.05 -7.45
C HIS I 120 24.46 22.48 -7.30
N ASP I 121 24.66 23.33 -8.30
CA ASP I 121 24.13 24.68 -8.20
C ASP I 121 22.64 24.70 -8.57
N GLY I 122 22.09 23.53 -8.88
CA GLY I 122 20.69 23.42 -9.24
C GLY I 122 20.40 23.56 -10.73
N SER I 123 21.44 23.59 -11.54
CA SER I 123 21.25 23.69 -12.98
C SER I 123 21.04 22.32 -13.61
N VAL I 124 20.31 22.30 -14.71
CA VAL I 124 19.94 21.05 -15.37
C VAL I 124 20.26 21.15 -16.85
N MET I 125 20.81 20.08 -17.39
CA MET I 125 21.03 20.00 -18.82
C MET I 125 20.36 18.75 -19.37
N PHE I 126 19.49 18.93 -20.35
CA PHE I 126 18.77 17.82 -20.93
C PHE I 126 18.86 18.02 -22.44
N ILE I 127 19.37 17.03 -23.15
CA ILE I 127 19.64 17.15 -24.57
C ILE I 127 19.09 15.98 -25.40
N PRO I 128 17.77 15.99 -25.64
CA PRO I 128 17.19 14.94 -26.48
C PRO I 128 17.53 15.12 -27.97
N ALA I 129 17.91 14.03 -28.61
CA ALA I 129 18.00 13.98 -30.06
C ALA I 129 16.62 13.64 -30.61
N GLN I 130 16.21 14.31 -31.68
CA GLN I 130 14.87 14.16 -32.20
C GLN I 130 14.83 14.10 -33.73
N ARG I 131 13.88 13.34 -34.26
CA ARG I 131 13.55 13.50 -35.67
C ARG I 131 12.18 14.13 -35.79
N LEU I 132 12.13 15.20 -36.59
CA LEU I 132 10.92 16.00 -36.72
C LEU I 132 10.52 16.20 -38.17
N SER I 133 9.26 15.92 -38.49
CA SER I 133 8.65 16.37 -39.75
C SER I 133 7.91 17.67 -39.49
N PHE I 134 8.14 18.67 -40.32
CA PHE I 134 7.47 19.95 -40.13
C PHE I 134 7.12 20.62 -41.46
N MET I 135 6.29 21.65 -41.37
CA MET I 135 5.75 22.33 -42.54
C MET I 135 6.83 23.11 -43.23
N CYS I 136 7.08 22.77 -44.48
CA CYS I 136 8.21 23.31 -45.24
C CYS I 136 8.06 23.10 -46.75
N ASP I 137 8.09 24.20 -47.49
CA ASP I 137 8.07 24.18 -48.95
C ASP I 137 9.50 24.12 -49.48
N PRO I 138 9.90 22.98 -50.04
CA PRO I 138 11.28 22.82 -50.52
C PRO I 138 11.54 23.42 -51.91
N THR I 139 10.59 24.15 -52.47
CA THR I 139 10.79 24.78 -53.78
C THR I 139 12.08 25.60 -53.79
N GLY I 140 12.95 25.32 -54.76
CA GLY I 140 14.20 26.04 -54.87
C GLY I 140 15.37 25.27 -54.32
N VAL I 141 15.11 24.13 -53.70
CA VAL I 141 16.15 23.36 -53.05
C VAL I 141 17.17 22.88 -54.09
N ASP I 142 16.71 22.73 -55.32
CA ASP I 142 17.55 22.28 -56.42
C ASP I 142 18.15 23.46 -57.21
N SER I 143 18.34 24.59 -56.54
CA SER I 143 18.97 25.76 -57.14
C SER I 143 20.09 26.29 -56.24
N GLU I 144 20.87 27.26 -56.71
CA GLU I 144 21.99 27.76 -55.92
C GLU I 144 21.52 28.51 -54.68
N GLU I 145 20.38 29.19 -54.81
CA GLU I 145 19.78 29.95 -53.71
C GLU I 145 19.19 29.05 -52.64
N GLY I 146 18.74 27.87 -53.05
CA GLY I 146 18.25 26.86 -52.12
C GLY I 146 16.86 27.21 -51.64
N ALA I 147 16.41 26.52 -50.60
CA ALA I 147 15.11 26.80 -50.01
C ALA I 147 15.28 27.27 -48.57
N THR I 148 14.32 28.05 -48.11
CA THR I 148 14.33 28.49 -46.71
C THR I 148 13.07 28.08 -45.98
N CYS I 149 13.23 27.41 -44.85
CA CYS I 149 12.09 27.08 -44.02
C CYS I 149 12.32 27.48 -42.56
N ALA I 150 11.24 27.46 -41.78
CA ALA I 150 11.27 27.90 -40.40
C ALA I 150 10.30 27.09 -39.53
N VAL I 151 10.70 26.86 -38.28
CA VAL I 151 9.82 26.21 -37.33
C VAL I 151 10.05 26.78 -35.93
N LYS I 152 8.95 27.10 -35.27
CA LYS I 152 8.99 27.68 -33.94
C LYS I 152 8.99 26.60 -32.85
N PHE I 153 9.80 26.82 -31.82
CA PHE I 153 9.81 25.97 -30.64
C PHE I 153 9.44 26.79 -29.41
N GLY I 154 8.44 26.33 -28.66
CA GLY I 154 8.11 26.97 -27.41
C GLY I 154 7.36 26.05 -26.46
N SER I 155 7.16 26.51 -25.23
CA SER I 155 6.28 25.80 -24.28
C SER I 155 4.91 25.68 -24.91
N TRP I 156 4.32 24.51 -24.81
CA TRP I 156 2.95 24.38 -25.27
C TRP I 156 1.97 25.09 -24.34
N VAL I 157 2.16 25.04 -23.03
CA VAL I 157 1.09 25.54 -22.17
C VAL I 157 1.48 26.68 -21.24
N TYR I 158 2.77 27.01 -21.17
CA TYR I 158 3.22 28.10 -20.31
C TYR I 158 3.48 29.39 -21.11
N SER I 159 2.83 30.47 -20.68
CA SER I 159 3.01 31.78 -21.29
C SER I 159 4.33 32.39 -20.84
N GLY I 160 4.70 33.51 -21.45
CA GLY I 160 5.91 34.24 -21.09
C GLY I 160 5.96 34.68 -19.63
N PHE I 161 4.82 34.65 -18.94
CA PHE I 161 4.77 35.00 -17.53
C PHE I 161 5.27 33.88 -16.65
N GLU I 162 5.36 32.68 -17.22
CA GLU I 162 5.77 31.50 -16.49
C GLU I 162 7.09 30.96 -17.01
N ILE I 163 7.23 30.85 -18.32
CA ILE I 163 8.48 30.40 -18.89
C ILE I 163 9.00 31.43 -19.87
N ASP I 164 10.14 32.03 -19.58
CA ASP I 164 10.83 32.81 -20.58
C ASP I 164 11.81 31.90 -21.29
N LEU I 165 11.77 31.92 -22.60
CA LEU I 165 12.75 31.22 -23.40
C LEU I 165 13.82 32.18 -23.85
N LYS I 166 15.06 31.71 -23.89
CA LYS I 166 16.16 32.51 -24.45
C LYS I 166 17.13 31.60 -25.20
N THR I 167 17.90 32.19 -26.10
CA THR I 167 19.07 31.56 -26.67
C THR I 167 20.30 32.19 -26.05
N ASP I 168 21.45 31.55 -26.30
CA ASP I 168 22.79 32.03 -25.93
C ASP I 168 23.47 32.66 -27.13
N THR I 169 23.04 32.22 -28.30
CA THR I 169 23.66 32.56 -29.56
C THR I 169 22.62 32.44 -30.65
N ASP I 170 22.75 33.27 -31.69
CA ASP I 170 21.92 33.12 -32.89
C ASP I 170 22.32 31.90 -33.70
N GLN I 171 23.57 31.46 -33.53
CA GLN I 171 24.14 30.48 -34.44
C GLN I 171 23.75 29.04 -34.07
N VAL I 172 22.99 28.42 -34.94
CA VAL I 172 22.70 26.99 -34.81
C VAL I 172 24.03 26.25 -35.00
N ASP I 173 24.30 25.29 -34.11
CA ASP I 173 25.55 24.55 -34.16
C ASP I 173 25.50 23.57 -35.32
N LEU I 174 26.41 23.74 -36.27
CA LEU I 174 26.43 22.91 -37.46
C LEU I 174 27.67 22.05 -37.54
N SER I 175 28.43 22.02 -36.45
CA SER I 175 29.73 21.35 -36.44
C SER I 175 29.60 19.83 -36.47
N SER I 176 28.43 19.29 -36.13
CA SER I 176 28.15 17.87 -36.29
C SER I 176 27.19 17.55 -37.45
N TYR I 177 27.04 18.46 -38.40
CA TYR I 177 26.11 18.21 -39.50
C TYR I 177 26.66 17.15 -40.44
N TYR I 178 25.82 16.18 -40.81
CA TYR I 178 26.27 15.07 -41.64
C TYR I 178 26.84 15.52 -42.99
N ALA I 179 28.14 15.27 -43.17
CA ALA I 179 28.87 15.75 -44.35
C ALA I 179 28.36 15.19 -45.67
N SER I 180 27.73 14.01 -45.64
CA SER I 180 27.24 13.42 -46.89
C SER I 180 25.72 13.38 -46.97
N SER I 181 25.08 14.29 -46.24
CA SER I 181 23.63 14.48 -46.32
C SER I 181 23.18 14.74 -47.76
N LYS I 182 21.91 14.47 -48.06
CA LYS I 182 21.40 14.80 -49.38
C LYS I 182 21.30 16.32 -49.54
N TYR I 183 21.33 17.03 -48.41
CA TYR I 183 21.14 18.47 -48.43
C TYR I 183 22.25 19.16 -47.67
N GLU I 184 22.82 20.24 -48.23
CA GLU I 184 23.81 21.02 -47.50
C GLU I 184 23.17 22.27 -46.93
N ILE I 185 23.67 22.70 -45.77
CA ILE I 185 23.12 23.85 -45.06
C ILE I 185 23.79 25.15 -45.49
N LEU I 186 22.98 26.07 -46.00
CA LEU I 186 23.46 27.38 -46.41
C LEU I 186 23.49 28.34 -45.23
N SER I 187 22.51 28.19 -44.34
CA SER I 187 22.34 29.10 -43.21
C SER I 187 21.41 28.48 -42.18
N ALA I 188 21.70 28.68 -40.90
CA ALA I 188 20.81 28.23 -39.85
C ALA I 188 20.90 29.14 -38.65
N THR I 189 19.76 29.66 -38.22
CA THR I 189 19.74 30.59 -37.11
C THR I 189 18.62 30.23 -36.14
N GLN I 190 18.80 30.61 -34.87
CA GLN I 190 17.81 30.40 -33.83
C GLN I 190 17.52 31.74 -33.14
N THR I 191 16.26 32.15 -33.13
CA THR I 191 15.93 33.50 -32.68
C THR I 191 14.69 33.56 -31.81
N ARG I 192 14.82 34.18 -30.65
CA ARG I 192 13.70 34.36 -29.73
C ARG I 192 12.61 35.27 -30.32
N GLN I 193 11.34 34.90 -30.12
CA GLN I 193 10.19 35.69 -30.57
C GLN I 193 9.11 35.75 -29.51
N VAL I 194 8.30 36.81 -29.56
CA VAL I 194 7.11 36.94 -28.72
C VAL I 194 5.88 36.99 -29.63
N GLN I 195 4.89 36.13 -29.39
CA GLN I 195 3.67 36.13 -30.20
C GLN I 195 2.41 36.00 -29.37
N HIS I 196 1.31 36.56 -29.86
CA HIS I 196 0.01 36.40 -29.22
C HIS I 196 -0.90 35.51 -30.05
N TYR I 197 -1.72 34.72 -29.37
CA TYR I 197 -2.62 33.81 -30.05
C TYR I 197 -4.06 34.03 -29.59
N SER I 198 -4.99 33.59 -30.42
CA SER I 198 -6.42 33.76 -30.18
C SER I 198 -6.89 33.25 -28.82
N CYS I 199 -6.28 32.16 -28.36
CA CYS I 199 -6.76 31.47 -27.17
C CYS I 199 -6.63 32.29 -25.90
N CYS I 200 -5.57 33.10 -25.81
CA CYS I 200 -5.15 33.66 -24.54
C CYS I 200 -4.67 35.10 -24.67
N PRO I 201 -4.82 35.88 -23.59
CA PRO I 201 -4.36 37.27 -23.56
C PRO I 201 -2.87 37.41 -23.28
N GLU I 202 -2.25 36.34 -22.78
CA GLU I 202 -0.83 36.38 -22.42
C GLU I 202 0.06 36.11 -23.64
N PRO I 203 1.26 36.72 -23.66
CA PRO I 203 2.20 36.40 -24.74
C PRO I 203 2.83 35.00 -24.56
N TYR I 204 3.12 34.32 -25.66
CA TYR I 204 3.86 33.07 -25.61
C TYR I 204 5.21 33.25 -26.31
N ILE I 205 6.27 32.74 -25.71
CA ILE I 205 7.61 32.90 -26.25
C ILE I 205 8.01 31.67 -27.05
N ASP I 206 8.70 31.90 -28.17
CA ASP I 206 9.23 30.78 -28.95
C ASP I 206 10.62 31.13 -29.44
N VAL I 207 11.35 30.10 -29.82
CA VAL I 207 12.62 30.25 -30.49
C VAL I 207 12.43 29.78 -31.93
N ASN I 208 12.67 30.67 -32.87
CA ASN I 208 12.45 30.37 -34.28
C ASN I 208 13.71 29.78 -34.91
N LEU I 209 13.59 28.55 -35.38
CA LEU I 209 14.68 27.87 -36.08
C LEU I 209 14.52 28.09 -37.57
N VAL I 210 15.47 28.82 -38.18
CA VAL I 210 15.41 29.12 -39.62
C VAL I 210 16.56 28.48 -40.36
N VAL I 211 16.24 27.68 -41.38
CA VAL I 211 17.26 26.93 -42.09
C VAL I 211 17.16 27.12 -43.60
N LYS I 212 18.26 27.59 -44.18
CA LYS I 212 18.37 27.67 -45.64
C LYS I 212 19.21 26.49 -46.13
N PHE I 213 18.68 25.74 -47.10
CA PHE I 213 19.37 24.53 -47.52
C PHE I 213 19.14 24.26 -48.99
N ARG I 214 19.95 23.39 -49.58
CA ARG I 214 19.84 23.04 -50.98
C ARG I 214 20.46 21.66 -51.22
N GLU I 215 20.07 21.02 -52.32
CA GLU I 215 20.60 19.70 -52.65
C GLU I 215 22.11 19.80 -52.82
N ARG I 216 22.83 18.81 -52.31
CA ARG I 216 24.29 18.83 -52.33
C ARG I 216 24.82 18.81 -53.76
N ASP J 4 10.04 -35.33 -5.98
CA ASP J 4 10.22 -34.76 -7.33
C ASP J 4 9.41 -33.47 -7.47
N ASP J 5 8.13 -33.53 -7.18
CA ASP J 5 7.35 -32.31 -7.01
C ASP J 5 8.01 -31.46 -5.93
N ASP J 6 8.41 -32.09 -4.83
CA ASP J 6 9.10 -31.39 -3.76
C ASP J 6 10.46 -30.85 -4.21
N ASP J 7 11.16 -31.59 -5.07
CA ASP J 7 12.46 -31.15 -5.57
C ASP J 7 12.32 -29.97 -6.52
N LYS J 8 11.32 -30.01 -7.40
CA LYS J 8 11.07 -28.89 -8.30
C LYS J 8 10.76 -27.61 -7.53
N LEU J 9 9.92 -27.72 -6.50
CA LEU J 9 9.57 -26.58 -5.66
C LEU J 9 10.80 -26.09 -4.90
N HIS J 10 11.66 -27.01 -4.52
CA HIS J 10 12.87 -26.65 -3.81
C HIS J 10 13.75 -25.74 -4.67
N SER J 11 14.01 -26.14 -5.92
CA SER J 11 14.87 -25.32 -6.78
C SER J 11 14.17 -24.01 -7.14
N GLN J 12 12.86 -24.04 -7.28
CA GLN J 12 12.09 -22.84 -7.59
C GLN J 12 12.18 -21.87 -6.42
N ALA J 13 12.03 -22.40 -5.20
CA ALA J 13 12.15 -21.59 -4.01
C ALA J 13 13.54 -20.98 -3.92
N ASN J 14 14.55 -21.79 -4.23
CA ASN J 14 15.92 -21.30 -4.21
C ASN J 14 16.12 -20.10 -5.16
N LEU J 15 15.56 -20.17 -6.37
CA LEU J 15 15.70 -19.06 -7.32
C LEU J 15 14.94 -17.82 -6.84
N MET J 16 13.72 -18.01 -6.35
CA MET J 16 12.92 -16.88 -5.86
C MET J 16 13.64 -16.19 -4.71
N ARG J 17 14.21 -16.99 -3.80
CA ARG J 17 14.98 -16.46 -2.69
C ARG J 17 16.15 -15.63 -3.18
N LEU J 18 16.92 -16.17 -4.13
CA LEU J 18 18.03 -15.42 -4.73
C LEU J 18 17.57 -14.09 -5.34
N LYS J 19 16.53 -14.13 -6.17
CA LYS J 19 16.05 -12.92 -6.83
C LYS J 19 15.58 -11.88 -5.80
N SER J 20 14.84 -12.33 -4.79
CA SER J 20 14.37 -11.46 -3.73
C SER J 20 15.53 -10.80 -2.99
N ASP J 21 16.56 -11.58 -2.68
CA ASP J 21 17.72 -11.04 -1.97
C ASP J 21 18.48 -9.99 -2.78
N LEU J 22 18.64 -10.25 -4.08
CA LEU J 22 19.37 -9.33 -4.95
C LEU J 22 18.58 -8.06 -5.22
N PHE J 23 17.30 -8.21 -5.50
CA PHE J 23 16.52 -7.06 -5.94
C PHE J 23 16.04 -6.22 -4.76
N ASN J 24 16.57 -6.53 -3.57
CA ASN J 24 16.33 -5.71 -2.39
C ASN J 24 17.64 -5.42 -1.66
N TYR J 29 21.11 0.65 -6.76
CA TYR J 29 22.23 1.06 -7.62
C TYR J 29 21.85 2.29 -8.42
N PRO J 30 22.55 3.41 -8.18
CA PRO J 30 22.23 4.68 -8.83
C PRO J 30 22.90 4.86 -10.19
N GLY J 31 23.46 3.78 -10.76
CA GLY J 31 24.25 3.89 -11.97
C GLY J 31 25.71 4.25 -11.65
N PRO J 32 26.58 4.19 -12.65
CA PRO J 32 28.01 4.39 -12.40
C PRO J 32 28.35 5.85 -12.15
N THR J 33 29.50 6.07 -11.52
CA THR J 33 30.00 7.40 -11.22
C THR J 33 31.53 7.43 -11.38
N LYS J 34 32.14 8.59 -11.24
CA LYS J 34 33.60 8.67 -11.28
C LYS J 34 34.21 7.78 -10.20
N ASP J 35 33.56 7.70 -9.05
CA ASP J 35 34.08 6.93 -7.92
C ASP J 35 33.76 5.44 -8.04
N ASP J 36 32.77 5.12 -8.86
CA ASP J 36 32.28 3.76 -9.02
C ASP J 36 32.07 3.48 -10.50
N PRO J 37 33.15 3.50 -11.31
CA PRO J 37 33.02 3.35 -12.76
C PRO J 37 32.68 1.93 -13.21
N LEU J 38 32.27 1.83 -14.47
CA LEU J 38 31.76 0.61 -15.04
C LEU J 38 32.33 0.39 -16.42
N THR J 39 32.76 -0.83 -16.72
CA THR J 39 33.15 -1.16 -18.07
C THR J 39 32.06 -1.93 -18.78
N VAL J 40 31.64 -1.43 -19.94
CA VAL J 40 30.68 -2.13 -20.78
C VAL J 40 31.39 -2.67 -22.02
N THR J 41 31.22 -3.95 -22.30
CA THR J 41 31.80 -4.51 -23.50
C THR J 41 30.70 -4.65 -24.54
N LEU J 42 30.98 -4.17 -25.73
CA LEU J 42 30.06 -4.20 -26.87
C LEU J 42 30.58 -5.05 -28.00
N GLY J 43 29.69 -5.81 -28.63
CA GLY J 43 30.01 -6.51 -29.87
C GLY J 43 28.77 -6.59 -30.72
N PHE J 44 28.94 -6.41 -32.03
CA PHE J 44 27.83 -6.53 -32.95
C PHE J 44 27.86 -7.83 -33.75
N THR J 45 26.68 -8.41 -33.94
CA THR J 45 26.48 -9.46 -34.91
C THR J 45 25.62 -8.85 -35.99
N LEU J 46 26.22 -8.57 -37.15
CA LEU J 46 25.50 -7.97 -38.26
C LEU J 46 24.73 -9.03 -39.03
N GLN J 47 23.41 -8.87 -39.08
CA GLN J 47 22.56 -9.87 -39.69
C GLN J 47 22.14 -9.53 -41.11
N ASP J 48 21.97 -8.25 -41.41
CA ASP J 48 21.45 -7.90 -42.71
C ASP J 48 21.60 -6.41 -42.93
N ILE J 49 22.00 -6.03 -44.14
CA ILE J 49 21.71 -4.68 -44.59
C ILE J 49 20.43 -4.81 -45.39
N VAL J 50 19.34 -4.32 -44.82
CA VAL J 50 18.03 -4.50 -45.43
C VAL J 50 17.82 -3.55 -46.59
N LYS J 51 18.23 -2.30 -46.38
CA LYS J 51 17.84 -1.21 -47.27
C LYS J 51 18.90 -0.10 -47.31
N ALA J 52 19.18 0.37 -48.52
CA ALA J 52 20.09 1.48 -48.73
C ALA J 52 19.38 2.50 -49.58
N ASP J 53 18.95 3.58 -48.95
CA ASP J 53 18.06 4.54 -49.58
C ASP J 53 18.88 5.74 -50.06
N SER J 54 19.10 5.83 -51.36
CA SER J 54 19.94 6.90 -51.91
C SER J 54 19.12 8.18 -52.09
N SER J 55 17.82 8.12 -51.84
CA SER J 55 17.01 9.32 -51.95
C SER J 55 17.06 10.16 -50.65
N THR J 56 17.41 9.53 -49.54
CA THR J 56 17.52 10.23 -48.24
C THR J 56 18.89 10.04 -47.58
N ASN J 57 19.74 9.22 -48.19
CA ASN J 57 20.99 8.78 -47.57
C ASN J 57 20.79 8.24 -46.16
N GLU J 58 19.96 7.20 -46.09
CA GLU J 58 19.70 6.41 -44.89
C GLU J 58 19.97 4.96 -45.23
N VAL J 59 20.68 4.25 -44.36
CA VAL J 59 20.78 2.81 -44.53
C VAL J 59 20.23 2.09 -43.29
N ASP J 60 19.56 0.97 -43.53
CA ASP J 60 18.88 0.22 -42.48
C ASP J 60 19.63 -1.08 -42.19
N LEU J 61 20.04 -1.25 -40.94
CA LEU J 61 20.78 -2.42 -40.48
C LEU J 61 19.93 -3.25 -39.53
N VAL J 62 20.04 -4.57 -39.62
CA VAL J 62 19.52 -5.45 -38.58
C VAL J 62 20.70 -6.16 -37.93
N TYR J 63 20.81 -6.02 -36.60
CA TYR J 63 21.95 -6.59 -35.87
C TYR J 63 21.56 -7.05 -34.46
N TRP J 64 22.40 -7.89 -33.89
CA TRP J 64 22.34 -8.23 -32.48
C TRP J 64 23.44 -7.46 -31.76
N GLU J 65 23.06 -6.64 -30.79
CA GLU J 65 24.02 -5.87 -30.01
C GLU J 65 24.32 -6.51 -28.66
N GLN J 66 25.48 -7.13 -28.53
CA GLN J 66 25.82 -7.79 -27.28
C GLN J 66 26.43 -6.79 -26.30
N GLN J 67 25.83 -6.68 -25.13
CA GLN J 67 26.32 -5.82 -24.06
C GLN J 67 26.64 -6.66 -22.84
N ARG J 68 27.83 -6.47 -22.28
CA ARG J 68 28.18 -7.13 -21.05
C ARG J 68 28.74 -6.11 -20.08
N TRP J 69 28.40 -6.28 -18.80
CA TRP J 69 28.97 -5.48 -17.74
C TRP J 69 28.84 -6.26 -16.42
N LYS J 70 29.52 -5.81 -15.37
CA LYS J 70 29.50 -6.51 -14.09
C LYS J 70 29.24 -5.57 -12.90
N LEU J 71 28.43 -6.04 -11.97
CA LEU J 71 28.14 -5.26 -10.76
C LEU J 71 28.34 -6.13 -9.52
N ASN J 72 29.08 -5.59 -8.55
CA ASN J 72 29.21 -6.20 -7.23
C ASN J 72 27.85 -6.52 -6.64
N SER J 73 26.90 -5.60 -6.85
CA SER J 73 25.56 -5.74 -6.29
C SER J 73 24.78 -6.94 -6.85
N LEU J 74 25.29 -7.57 -7.91
CA LEU J 74 24.61 -8.71 -8.49
C LEU J 74 25.37 -10.02 -8.28
N MET J 75 26.39 -9.99 -7.44
CA MET J 75 27.16 -11.20 -7.15
C MET J 75 26.49 -12.03 -6.07
N TRP J 76 26.68 -13.34 -6.14
CA TRP J 76 26.26 -14.21 -5.06
C TRP J 76 27.10 -15.46 -5.06
N ASP J 77 27.11 -16.16 -3.93
CA ASP J 77 27.77 -17.45 -3.82
C ASP J 77 26.76 -18.55 -4.10
N PRO J 78 26.98 -19.31 -5.17
CA PRO J 78 26.05 -20.39 -5.55
C PRO J 78 25.81 -21.37 -4.40
N ASN J 79 26.84 -21.62 -3.60
CA ASN J 79 26.72 -22.50 -2.44
C ASN J 79 25.62 -22.06 -1.49
N GLU J 80 25.33 -20.76 -1.47
CA GLU J 80 24.30 -20.23 -0.59
C GLU J 80 22.93 -20.25 -1.25
N TYR J 81 22.88 -20.55 -2.54
CA TYR J 81 21.62 -20.55 -3.27
C TYR J 81 21.41 -21.79 -4.13
N GLY J 82 21.50 -22.96 -3.50
CA GLY J 82 21.21 -24.20 -4.20
C GLY J 82 22.02 -24.45 -5.44
N ASN J 83 23.28 -24.01 -5.44
CA ASN J 83 24.17 -24.19 -6.58
C ASN J 83 23.70 -23.45 -7.84
N ILE J 84 22.78 -22.50 -7.71
CA ILE J 84 22.37 -21.71 -8.86
C ILE J 84 23.54 -20.82 -9.30
N THR J 85 23.86 -20.84 -10.59
CA THR J 85 24.99 -20.07 -11.11
C THR J 85 24.58 -18.93 -12.04
N ASP J 86 23.33 -18.92 -12.48
CA ASP J 86 22.81 -17.77 -13.24
C ASP J 86 21.30 -17.76 -13.31
N PHE J 87 20.74 -16.67 -13.81
CA PHE J 87 19.31 -16.61 -14.03
C PHE J 87 18.96 -15.60 -15.11
N ARG J 88 17.72 -15.70 -15.59
CA ARG J 88 17.19 -14.73 -16.52
C ARG J 88 16.26 -13.78 -15.79
N THR J 89 16.33 -12.50 -16.14
CA THR J 89 15.39 -11.55 -15.57
C THR J 89 15.12 -10.45 -16.58
N SER J 90 13.94 -9.86 -16.51
CA SER J 90 13.58 -8.78 -17.39
C SER J 90 14.56 -7.62 -17.27
N ALA J 91 14.97 -7.06 -18.40
CA ALA J 91 15.93 -5.97 -18.43
C ALA J 91 15.42 -4.72 -17.69
N ALA J 92 14.12 -4.66 -17.42
CA ALA J 92 13.56 -3.55 -16.67
C ALA J 92 13.76 -3.72 -15.17
N ASP J 93 14.12 -4.93 -14.74
CA ASP J 93 14.37 -5.17 -13.33
C ASP J 93 15.77 -4.75 -12.90
N ILE J 94 16.63 -4.43 -13.86
CA ILE J 94 18.00 -4.08 -13.53
C ILE J 94 18.41 -2.81 -14.24
N TRP J 95 19.48 -2.20 -13.75
CA TRP J 95 20.09 -1.09 -14.44
C TRP J 95 20.70 -1.61 -15.75
N THR J 96 20.52 -0.86 -16.83
CA THR J 96 21.17 -1.15 -18.11
C THR J 96 21.83 0.13 -18.66
N PRO J 97 22.91 -0.01 -19.42
CA PRO J 97 23.62 1.18 -19.89
C PRO J 97 22.92 1.86 -21.05
N ASP J 98 23.07 3.16 -21.16
CA ASP J 98 22.38 3.94 -22.18
C ASP J 98 23.19 4.03 -23.49
N ILE J 99 23.56 2.87 -24.03
CA ILE J 99 24.34 2.82 -25.27
C ILE J 99 23.47 3.19 -26.47
N THR J 100 23.93 4.19 -27.22
CA THR J 100 23.14 4.84 -28.25
C THR J 100 23.91 5.00 -29.54
N ALA J 101 23.24 4.78 -30.67
CA ALA J 101 23.81 5.17 -31.96
C ALA J 101 23.84 6.69 -32.02
N TYR J 102 24.92 7.28 -32.49
CA TYR J 102 25.05 8.74 -32.48
C TYR J 102 24.52 9.38 -33.76
N SER J 103 24.16 8.59 -34.75
CA SER J 103 23.66 9.18 -35.98
C SER J 103 22.50 8.39 -36.57
N SER J 104 21.65 7.86 -35.70
CA SER J 104 20.40 7.27 -36.16
C SER J 104 19.48 8.37 -36.70
N THR J 105 18.56 7.98 -37.58
CA THR J 105 17.56 8.90 -38.11
C THR J 105 16.14 8.50 -37.74
N ARG J 106 15.99 7.35 -37.12
CA ARG J 106 14.70 6.88 -36.58
C ARG J 106 14.91 6.21 -35.23
N PRO J 107 13.88 6.18 -34.38
CA PRO J 107 14.06 5.39 -33.15
C PRO J 107 14.36 3.93 -33.50
N VAL J 108 15.29 3.31 -32.78
CA VAL J 108 15.62 1.91 -33.02
C VAL J 108 14.37 1.05 -32.80
N GLN J 109 14.18 0.04 -33.63
CA GLN J 109 13.11 -0.91 -33.43
C GLN J 109 13.69 -2.16 -32.78
N VAL J 110 13.07 -2.57 -31.68
CA VAL J 110 13.54 -3.71 -30.90
C VAL J 110 12.88 -4.97 -31.45
N LEU J 111 13.67 -6.00 -31.72
CA LEU J 111 13.16 -7.20 -32.39
C LEU J 111 13.18 -8.42 -31.48
N SER J 112 13.69 -8.27 -30.26
CA SER J 112 13.76 -9.38 -29.32
C SER J 112 13.27 -9.00 -27.93
N PRO J 113 12.88 -10.00 -27.14
CA PRO J 113 12.49 -9.74 -25.75
C PRO J 113 13.59 -8.98 -25.01
N GLN J 114 13.21 -8.05 -24.14
CA GLN J 114 14.19 -7.32 -23.34
C GLN J 114 14.46 -8.12 -22.08
N ILE J 115 15.29 -9.14 -22.19
CA ILE J 115 15.58 -10.01 -21.08
C ILE J 115 17.09 -10.22 -21.00
N ALA J 116 17.63 -10.16 -19.80
CA ALA J 116 19.07 -10.24 -19.60
C ALA J 116 19.45 -11.52 -18.85
N VAL J 117 20.71 -11.93 -18.98
CA VAL J 117 21.23 -13.06 -18.22
C VAL J 117 22.24 -12.58 -17.20
N VAL J 118 21.97 -12.89 -15.93
CA VAL J 118 22.83 -12.54 -14.82
C VAL J 118 23.59 -13.76 -14.28
N THR J 119 24.90 -13.64 -14.14
CA THR J 119 25.71 -14.74 -13.65
C THR J 119 26.23 -14.44 -12.24
N HIS J 120 26.54 -15.47 -11.46
CA HIS J 120 26.83 -15.29 -10.04
C HIS J 120 28.03 -14.39 -9.77
N ASP J 121 28.88 -14.19 -10.76
CA ASP J 121 30.04 -13.31 -10.56
C ASP J 121 29.64 -11.85 -10.68
N GLY J 122 28.35 -11.62 -10.87
CA GLY J 122 27.80 -10.28 -11.00
C GLY J 122 27.79 -9.77 -12.44
N SER J 123 28.13 -10.63 -13.39
CA SER J 123 28.14 -10.18 -14.78
C SER J 123 26.77 -10.33 -15.43
N VAL J 124 26.50 -9.42 -16.36
CA VAL J 124 25.23 -9.38 -17.06
C VAL J 124 25.51 -9.46 -18.55
N MET J 125 24.70 -10.23 -19.26
CA MET J 125 24.77 -10.28 -20.70
C MET J 125 23.39 -9.92 -21.24
N PHE J 126 23.36 -8.93 -22.12
CA PHE J 126 22.11 -8.43 -22.67
C PHE J 126 22.30 -8.28 -24.17
N ILE J 127 21.46 -8.93 -24.97
CA ILE J 127 21.67 -8.96 -26.42
C ILE J 127 20.40 -8.63 -27.19
N PRO J 128 20.00 -7.36 -27.18
CA PRO J 128 18.86 -6.94 -27.99
C PRO J 128 19.14 -7.06 -29.49
N ALA J 129 18.20 -7.64 -30.23
CA ALA J 129 18.24 -7.53 -31.69
C ALA J 129 17.51 -6.25 -32.07
N GLN J 130 18.08 -5.50 -33.01
CA GLN J 130 17.58 -4.18 -33.40
C GLN J 130 17.59 -3.95 -34.90
N ARG J 131 16.64 -3.15 -35.37
CA ARG J 131 16.73 -2.57 -36.71
C ARG J 131 16.99 -1.08 -36.57
N LEU J 132 18.06 -0.62 -37.21
CA LEU J 132 18.54 0.76 -37.12
C LEU J 132 18.60 1.44 -38.48
N SER J 133 17.97 2.61 -38.59
CA SER J 133 18.20 3.52 -39.72
C SER J 133 19.24 4.53 -39.31
N PHE J 134 20.27 4.69 -40.12
CA PHE J 134 21.27 5.69 -39.78
C PHE J 134 21.81 6.39 -41.02
N MET J 135 22.54 7.48 -40.76
CA MET J 135 22.99 8.37 -41.83
C MET J 135 24.10 7.73 -42.62
N CYS J 136 23.86 7.56 -43.90
CA CYS J 136 24.84 6.92 -44.76
C CYS J 136 24.55 7.20 -46.22
N ASP J 137 25.57 7.65 -46.93
CA ASP J 137 25.48 7.88 -48.38
C ASP J 137 25.91 6.59 -49.07
N PRO J 138 24.99 5.90 -49.74
CA PRO J 138 25.32 4.59 -50.32
C PRO J 138 25.94 4.68 -51.72
N THR J 139 26.37 5.87 -52.13
CA THR J 139 27.11 6.04 -53.38
C THR J 139 28.23 5.02 -53.53
N GLY J 140 28.28 4.37 -54.68
CA GLY J 140 29.30 3.37 -54.96
C GLY J 140 28.85 1.96 -54.66
N VAL J 141 27.64 1.83 -54.13
CA VAL J 141 27.14 0.53 -53.69
C VAL J 141 26.96 -0.41 -54.89
N ASP J 142 26.69 0.19 -56.06
CA ASP J 142 26.52 -0.60 -57.27
C ASP J 142 27.82 -0.77 -58.05
N SER J 143 28.95 -0.59 -57.37
CA SER J 143 30.24 -0.80 -58.00
C SER J 143 30.99 -1.97 -57.35
N GLU J 144 32.10 -2.36 -57.95
CA GLU J 144 32.90 -3.46 -57.43
C GLU J 144 33.53 -3.08 -56.09
N GLU J 145 33.83 -1.80 -55.91
CA GLU J 145 34.52 -1.33 -54.72
C GLU J 145 33.54 -1.17 -53.56
N GLY J 146 32.28 -0.92 -53.90
CA GLY J 146 31.22 -0.80 -52.91
C GLY J 146 31.10 0.56 -52.24
N ALA J 147 30.22 0.64 -51.25
CA ALA J 147 30.05 1.84 -50.48
C ALA J 147 30.61 1.61 -49.10
N THR J 148 30.85 2.68 -48.38
CA THR J 148 31.32 2.58 -47.01
C THR J 148 30.43 3.43 -46.14
N CYS J 149 30.04 2.91 -45.00
CA CYS J 149 29.35 3.73 -44.01
C CYS J 149 29.78 3.42 -42.59
N ALA J 150 29.56 4.38 -41.71
CA ALA J 150 30.03 4.30 -40.35
C ALA J 150 29.01 4.90 -39.40
N VAL J 151 28.89 4.30 -38.23
CA VAL J 151 28.08 4.85 -37.16
C VAL J 151 28.76 4.56 -35.83
N LYS J 152 28.83 5.59 -34.99
CA LYS J 152 29.38 5.46 -33.65
C LYS J 152 28.33 5.11 -32.60
N PHE J 153 28.73 4.27 -31.64
CA PHE J 153 27.89 3.95 -30.49
C PHE J 153 28.58 4.34 -29.19
N GLY J 154 27.82 4.88 -28.25
CA GLY J 154 28.34 5.10 -26.93
C GLY J 154 27.25 5.60 -26.00
N SER J 155 27.65 5.88 -24.77
CA SER J 155 26.73 6.41 -23.80
C SER J 155 26.31 7.81 -24.22
N TRP J 156 25.03 8.12 -24.05
CA TRP J 156 24.54 9.44 -24.35
C TRP J 156 24.97 10.45 -23.29
N VAL J 157 24.99 10.04 -22.02
CA VAL J 157 25.23 11.00 -20.95
C VAL J 157 26.42 10.71 -20.04
N TYR J 158 27.03 9.54 -20.16
CA TYR J 158 28.17 9.22 -19.30
C TYR J 158 29.49 9.36 -20.06
N SER J 159 30.49 9.92 -19.39
CA SER J 159 31.81 10.04 -19.98
C SER J 159 32.61 8.79 -19.70
N GLY J 160 33.85 8.78 -20.18
CA GLY J 160 34.76 7.67 -20.02
C GLY J 160 35.24 7.44 -18.60
N PHE J 161 34.99 8.42 -17.73
CA PHE J 161 35.24 8.27 -16.30
C PHE J 161 34.14 7.51 -15.57
N GLU J 162 32.97 7.41 -16.20
CA GLU J 162 31.86 6.70 -15.60
C GLU J 162 31.63 5.35 -16.29
N ILE J 163 31.57 5.39 -17.62
CA ILE J 163 31.44 4.17 -18.39
C ILE J 163 32.57 4.05 -19.38
N ASP J 164 33.38 3.01 -19.20
CA ASP J 164 34.41 2.70 -20.16
C ASP J 164 33.87 1.66 -21.13
N LEU J 165 33.99 1.92 -22.42
CA LEU J 165 33.51 1.00 -23.45
C LEU J 165 34.65 0.19 -23.98
N LYS J 166 34.41 -1.08 -24.28
CA LYS J 166 35.41 -1.82 -25.03
C LYS J 166 34.79 -2.90 -25.87
N THR J 167 35.60 -3.47 -26.75
CA THR J 167 35.18 -4.57 -27.59
C THR J 167 36.05 -5.78 -27.26
N ASP J 168 35.53 -6.97 -27.49
CA ASP J 168 36.34 -8.19 -27.39
C ASP J 168 37.22 -8.33 -28.62
N THR J 169 36.69 -7.93 -29.76
CA THR J 169 37.38 -8.02 -31.04
C THR J 169 36.98 -6.85 -31.93
N ASP J 170 37.86 -6.48 -32.86
CA ASP J 170 37.58 -5.41 -33.82
C ASP J 170 36.77 -5.95 -35.00
N GLN J 171 36.56 -7.26 -35.04
CA GLN J 171 35.82 -7.88 -36.14
C GLN J 171 34.35 -7.99 -35.80
N VAL J 172 33.49 -7.46 -36.65
CA VAL J 172 32.06 -7.64 -36.47
C VAL J 172 31.78 -9.12 -36.72
N ASP J 173 30.92 -9.70 -35.88
CA ASP J 173 30.53 -11.09 -36.05
C ASP J 173 29.63 -11.22 -37.26
N LEU J 174 30.12 -11.90 -38.30
CA LEU J 174 29.32 -12.10 -39.51
C LEU J 174 28.78 -13.53 -39.61
N SER J 175 28.84 -14.28 -38.54
CA SER J 175 28.50 -15.71 -38.65
C SER J 175 26.99 -15.91 -38.88
N SER J 176 26.20 -14.86 -38.75
CA SER J 176 24.77 -14.96 -39.03
C SER J 176 24.32 -13.97 -40.10
N TYR J 177 25.23 -13.46 -40.92
CA TYR J 177 24.82 -12.51 -41.95
C TYR J 177 23.95 -13.23 -43.00
N TYR J 178 22.84 -12.60 -43.36
CA TYR J 178 21.88 -13.20 -44.27
C TYR J 178 22.51 -13.41 -45.66
N ALA J 179 22.61 -14.67 -46.07
CA ALA J 179 23.39 -15.03 -47.25
C ALA J 179 22.74 -14.56 -48.55
N SER J 180 21.43 -14.34 -48.54
CA SER J 180 20.77 -13.83 -49.74
C SER J 180 20.32 -12.38 -49.60
N SER J 181 21.04 -11.61 -48.79
CA SER J 181 20.81 -10.17 -48.68
C SER J 181 20.93 -9.51 -50.05
N LYS J 182 20.29 -8.36 -50.24
CA LYS J 182 20.53 -7.56 -51.43
C LYS J 182 21.97 -7.07 -51.50
N TYR J 183 22.61 -6.99 -50.33
CA TYR J 183 23.96 -6.44 -50.20
C TYR J 183 24.92 -7.42 -49.54
N GLU J 184 26.10 -7.57 -50.11
CA GLU J 184 27.11 -8.41 -49.49
C GLU J 184 28.10 -7.56 -48.73
N ILE J 185 28.64 -8.12 -47.66
CA ILE J 185 29.60 -7.42 -46.82
C ILE J 185 31.02 -7.62 -47.33
N LEU J 186 31.71 -6.50 -47.53
CA LEU J 186 33.09 -6.55 -47.94
C LEU J 186 34.00 -6.52 -46.72
N SER J 187 33.59 -5.78 -45.69
CA SER J 187 34.23 -5.85 -44.38
C SER J 187 33.39 -5.14 -43.34
N ALA J 188 33.51 -5.56 -42.09
CA ALA J 188 32.77 -4.92 -41.01
C ALA J 188 33.59 -4.92 -39.75
N THR J 189 33.89 -3.73 -39.24
CA THR J 189 34.75 -3.61 -38.08
C THR J 189 34.07 -2.78 -37.00
N GLN J 190 34.45 -3.04 -35.75
CA GLN J 190 33.93 -2.34 -34.59
C GLN J 190 35.11 -1.87 -33.74
N THR J 191 35.38 -0.58 -33.80
CA THR J 191 36.63 -0.07 -33.24
C THR J 191 36.39 0.91 -32.12
N ARG J 192 37.01 0.63 -30.99
CA ARG J 192 36.98 1.52 -29.84
C ARG J 192 37.75 2.79 -30.15
N GLN J 193 37.11 3.94 -29.93
CA GLN J 193 37.75 5.24 -30.10
C GLN J 193 37.73 6.04 -28.79
N VAL J 194 38.87 6.61 -28.41
CA VAL J 194 38.92 7.54 -27.30
C VAL J 194 39.11 8.96 -27.81
N GLN J 195 38.25 9.88 -27.39
CA GLN J 195 38.41 11.26 -27.79
C GLN J 195 38.66 12.14 -26.58
N HIS J 196 39.63 13.03 -26.71
CA HIS J 196 39.95 14.00 -25.67
C HIS J 196 39.55 15.39 -26.11
N TYR J 197 38.84 16.09 -25.25
CA TYR J 197 38.30 17.41 -25.57
C TYR J 197 38.78 18.48 -24.60
N SER J 198 39.17 19.62 -25.14
CA SER J 198 39.72 20.70 -24.34
C SER J 198 38.71 21.29 -23.35
N CYS J 199 37.43 21.07 -23.60
CA CYS J 199 36.38 21.60 -22.73
C CYS J 199 36.37 20.95 -21.36
N CYS J 200 36.61 19.63 -21.33
CA CYS J 200 36.31 18.86 -20.13
C CYS J 200 37.46 17.93 -19.75
N PRO J 201 37.63 17.70 -18.44
CA PRO J 201 38.74 16.87 -17.94
C PRO J 201 38.57 15.38 -18.26
N GLU J 202 37.35 14.94 -18.55
CA GLU J 202 37.13 13.53 -18.83
C GLU J 202 37.17 13.23 -20.32
N PRO J 203 37.69 12.06 -20.69
CA PRO J 203 37.71 11.53 -22.05
C PRO J 203 36.35 10.92 -22.41
N TYR J 204 36.05 10.82 -23.71
CA TYR J 204 34.79 10.21 -24.13
C TYR J 204 35.10 9.05 -25.06
N ILE J 205 34.32 7.99 -24.91
CA ILE J 205 34.59 6.72 -25.57
C ILE J 205 33.43 6.38 -26.48
N ASP J 206 33.73 5.86 -27.66
CA ASP J 206 32.67 5.29 -28.48
C ASP J 206 33.21 4.05 -29.19
N VAL J 207 32.30 3.33 -29.82
CA VAL J 207 32.69 2.23 -30.68
C VAL J 207 32.20 2.54 -32.08
N ASN J 208 33.12 2.57 -33.03
CA ASN J 208 32.81 2.96 -34.41
C ASN J 208 32.55 1.74 -35.27
N LEU J 209 31.31 1.59 -35.72
CA LEU J 209 30.94 0.48 -36.59
C LEU J 209 31.08 0.90 -38.03
N VAL J 210 32.01 0.27 -38.73
CA VAL J 210 32.30 0.61 -40.10
C VAL J 210 32.02 -0.56 -41.03
N VAL J 211 31.11 -0.35 -41.96
CA VAL J 211 30.72 -1.42 -42.83
C VAL J 211 30.90 -1.00 -44.28
N LYS J 212 31.62 -1.82 -45.03
CA LYS J 212 31.80 -1.65 -46.46
C LYS J 212 31.00 -2.74 -47.15
N PHE J 213 30.18 -2.36 -48.13
CA PHE J 213 29.23 -3.29 -48.71
C PHE J 213 28.93 -2.92 -50.16
N ARG J 214 28.42 -3.87 -50.91
CA ARG J 214 27.99 -3.60 -52.28
C ARG J 214 26.82 -4.46 -52.65
N GLU J 215 26.17 -4.11 -53.74
CA GLU J 215 25.07 -4.91 -54.26
C GLU J 215 25.57 -6.30 -54.62
N ARG J 216 24.82 -7.32 -54.23
CA ARG J 216 25.23 -8.71 -54.39
C ARG J 216 25.55 -9.12 -55.85
#